data_9GII
# 
_entry.id   9GII 
# 
_audit_conform.dict_name       mmcif_pdbx.dic 
_audit_conform.dict_version    5.395 
_audit_conform.dict_location   http://mmcif.pdb.org/dictionaries/ascii/mmcif_pdbx.dic 
# 
loop_
_database_2.database_id 
_database_2.database_code 
_database_2.pdbx_database_accession 
_database_2.pdbx_DOI 
PDB   9GII         pdb_00009gii 10.2210/pdb9gii/pdb 
WWPDB D_1292141031 ?            ?                   
# 
_pdbx_audit_revision_history.ordinal             1 
_pdbx_audit_revision_history.data_content_type   'Structure model' 
_pdbx_audit_revision_history.major_revision      1 
_pdbx_audit_revision_history.minor_revision      0 
_pdbx_audit_revision_history.revision_date       2024-09-04 
# 
_pdbx_audit_revision_details.ordinal             1 
_pdbx_audit_revision_details.revision_ordinal    1 
_pdbx_audit_revision_details.data_content_type   'Structure model' 
_pdbx_audit_revision_details.provider            repository 
_pdbx_audit_revision_details.type                'Initial release' 
_pdbx_audit_revision_details.description         ? 
_pdbx_audit_revision_details.details             ? 
# 
_pdbx_database_status.status_code                     REL 
_pdbx_database_status.status_code_sf                  REL 
_pdbx_database_status.status_code_mr                  ? 
_pdbx_database_status.entry_id                        9GII 
_pdbx_database_status.recvd_initial_deposition_date   2024-08-19 
_pdbx_database_status.SG_entry                        Y 
_pdbx_database_status.deposit_site                    PDBE 
_pdbx_database_status.process_site                    PDBE 
_pdbx_database_status.status_code_cs                  ? 
_pdbx_database_status.status_code_nmr_data            ? 
_pdbx_database_status.methods_development_category    ? 
_pdbx_database_status.pdb_format_compatible           Y 
# 
_pdbx_contact_author.id                 4 
_pdbx_contact_author.email              frank.vondelft@cmd.ox.ac.uk 
_pdbx_contact_author.name_first         Frank 
_pdbx_contact_author.name_last          'von Delft' 
_pdbx_contact_author.name_mi            ? 
_pdbx_contact_author.role               'principal investigator/group leader' 
_pdbx_contact_author.identifier_ORCID   0000-0003-0378-0017 
# 
loop_
_audit_author.name 
_audit_author.pdbx_ordinal 
_audit_author.identifier_ORCID 
'Fairhead, M.'                         1  0000-0001-5361-3933 
'Strain-Damerell, C.'                  2  ?                   
'Ye, M.'                               3  0000-0001-6324-4238 
'Mackinnon, S.R.'                      4  0000-0002-6816-244X 
'Pinkas, D.'                           5  ?                   
'MacLean, E.M.'                        6  0000-0003-1680-4292 
'Koekemoer, L.'                        7  0000-0001-9226-9127 
'Damerell, D.'                         8  ?                   
'Krojer, T.'                           9  0000-0003-0661-0814 
'Arrowsmith, C.H.'                     10 ?                   
'Edwards, A.'                          11 ?                   
'Bountra, C.'                          12 ?                   
'Yue, W.'                              13 ?                   
'Burgess-Brown, N.'                    14 ?                   
'Marsden, B.'                          15 0000-0002-1937-4091 
'von Delft, F.'                        16 0000-0003-0378-0017 
'Structural Genomics Consortium (SGC)' 17 ?                   
# 
_citation.abstract                  ? 
_citation.abstract_id_CAS           ? 
_citation.book_id_ISBN              ? 
_citation.book_publisher            ? 
_citation.book_publisher_city       ? 
_citation.book_title                ? 
_citation.coordinate_linkage        ? 
_citation.country                   ? 
_citation.database_id_Medline       ? 
_citation.details                   ? 
_citation.id                        primary 
_citation.journal_abbrev            'To be published' 
_citation.journal_id_ASTM           ? 
_citation.journal_id_CSD            0353 
_citation.journal_id_ISSN           ? 
_citation.journal_full              ? 
_citation.journal_issue             ? 
_citation.journal_volume            ? 
_citation.language                  ? 
_citation.page_first                ? 
_citation.page_last                 ? 
_citation.title                     
'A fast, parallel method for efficiently exploring crystallization behaviour of large numbers of protein variants' 
_citation.year                      ? 
_citation.database_id_CSD           ? 
_citation.pdbx_database_id_DOI      ? 
_citation.pdbx_database_id_PubMed   ? 
_citation.pdbx_database_id_patent   ? 
_citation.unpublished_flag          ? 
# 
loop_
_citation_author.citation_id 
_citation_author.name 
_citation_author.ordinal 
_citation_author.identifier_ORCID 
primary 'Fairhead, M.'        1  0000-0001-5361-3933 
primary 'Strain-Damerell, C.' 2  ?                   
primary 'Ye, M.'              3  0000-0001-6324-4238 
primary 'Mackinnon, S.R.'     4  0000-0002-6816-244X 
primary 'Pinkas, D.'          5  ?                   
primary 'MacLean, E.M.'       6  0000-0003-1680-4292 
primary 'Koekemoer, L.'       7  0000-0001-9226-9127 
primary 'Damerell, D.'        8  ?                   
primary 'Krojer, T.'          9  0000-0003-0661-0814 
primary 'Yue, W.'             10 ?                   
primary 'Burgess-Brown, N.'   11 ?                   
primary 'Marsden, B.'         12 0000-0002-1937-4091 
primary 'von Delft, F.'       13 0000-0003-0378-0017 
# 
loop_
_entity.id 
_entity.type 
_entity.src_method 
_entity.pdbx_description 
_entity.formula_weight 
_entity.pdbx_number_of_molecules 
_entity.pdbx_ec 
_entity.pdbx_mutation 
_entity.pdbx_fragment 
_entity.details 
1 polymer     man 'Lysine-specific demethylase 4A' 13261.580 1  1.14.11.66,1.14.11.69 R913A ? ? 
2 non-polymer syn 'SULFATE ION'                    96.063    3  ?                     ?     ? ? 
3 non-polymer syn GLYCEROL                         92.094    1  ?                     ?     ? ? 
4 water       nat water                            18.015    87 ?                     ?     ? ? 
# 
_entity_name_com.entity_id   1 
_entity_name_com.name        
;JmjC domain-containing histone demethylation protein 3A,Jumonji domain-containing protein 2A,[histone H3]-trimethyl-L-lysine(36) demethylase 4A,[histone H3]-trimethyl-L-lysine(9) demethylase 4A
;
# 
_entity_poly.entity_id                      1 
_entity_poly.type                           'polypeptide(L)' 
_entity_poly.nstd_linkage                   no 
_entity_poly.nstd_monomer                   no 
_entity_poly.pdbx_seq_one_letter_code       
;SMQSITAGQKVISKHKNGAFYQCEVVRLTTETFYEVNFDDGSFSDNLYPEDIVSQDCLQFGPPAEGEVVQVRWTDGQVYG
AKFVASHPIQMYQVEFEDGSQLVVKRDDVYTLDEELP
;
_entity_poly.pdbx_seq_one_letter_code_can   
;SMQSITAGQKVISKHKNGAFYQCEVVRLTTETFYEVNFDDGSFSDNLYPEDIVSQDCLQFGPPAEGEVVQVRWTDGQVYG
AKFVASHPIQMYQVEFEDGSQLVVKRDDVYTLDEELP
;
_entity_poly.pdbx_strand_id                 A 
_entity_poly.pdbx_target_identifier         ? 
# 
loop_
_pdbx_entity_nonpoly.entity_id 
_pdbx_entity_nonpoly.name 
_pdbx_entity_nonpoly.comp_id 
2 'SULFATE ION' SO4 
3 GLYCEROL      GOL 
4 water         HOH 
# 
loop_
_entity_poly_seq.entity_id 
_entity_poly_seq.num 
_entity_poly_seq.mon_id 
_entity_poly_seq.hetero 
1 1   SER n 
1 2   MET n 
1 3   GLN n 
1 4   SER n 
1 5   ILE n 
1 6   THR n 
1 7   ALA n 
1 8   GLY n 
1 9   GLN n 
1 10  LYS n 
1 11  VAL n 
1 12  ILE n 
1 13  SER n 
1 14  LYS n 
1 15  HIS n 
1 16  LYS n 
1 17  ASN n 
1 18  GLY n 
1 19  ALA n 
1 20  PHE n 
1 21  TYR n 
1 22  GLN n 
1 23  CYS n 
1 24  GLU n 
1 25  VAL n 
1 26  VAL n 
1 27  ARG n 
1 28  LEU n 
1 29  THR n 
1 30  THR n 
1 31  GLU n 
1 32  THR n 
1 33  PHE n 
1 34  TYR n 
1 35  GLU n 
1 36  VAL n 
1 37  ASN n 
1 38  PHE n 
1 39  ASP n 
1 40  ASP n 
1 41  GLY n 
1 42  SER n 
1 43  PHE n 
1 44  SER n 
1 45  ASP n 
1 46  ASN n 
1 47  LEU n 
1 48  TYR n 
1 49  PRO n 
1 50  GLU n 
1 51  ASP n 
1 52  ILE n 
1 53  VAL n 
1 54  SER n 
1 55  GLN n 
1 56  ASP n 
1 57  CYS n 
1 58  LEU n 
1 59  GLN n 
1 60  PHE n 
1 61  GLY n 
1 62  PRO n 
1 63  PRO n 
1 64  ALA n 
1 65  GLU n 
1 66  GLY n 
1 67  GLU n 
1 68  VAL n 
1 69  VAL n 
1 70  GLN n 
1 71  VAL n 
1 72  ARG n 
1 73  TRP n 
1 74  THR n 
1 75  ASP n 
1 76  GLY n 
1 77  GLN n 
1 78  VAL n 
1 79  TYR n 
1 80  GLY n 
1 81  ALA n 
1 82  LYS n 
1 83  PHE n 
1 84  VAL n 
1 85  ALA n 
1 86  SER n 
1 87  HIS n 
1 88  PRO n 
1 89  ILE n 
1 90  GLN n 
1 91  MET n 
1 92  TYR n 
1 93  GLN n 
1 94  VAL n 
1 95  GLU n 
1 96  PHE n 
1 97  GLU n 
1 98  ASP n 
1 99  GLY n 
1 100 SER n 
1 101 GLN n 
1 102 LEU n 
1 103 VAL n 
1 104 VAL n 
1 105 LYS n 
1 106 ARG n 
1 107 ASP n 
1 108 ASP n 
1 109 VAL n 
1 110 TYR n 
1 111 THR n 
1 112 LEU n 
1 113 ASP n 
1 114 GLU n 
1 115 GLU n 
1 116 LEU n 
1 117 PRO n 
# 
_entity_src_gen.entity_id                          1 
_entity_src_gen.pdbx_src_id                        1 
_entity_src_gen.pdbx_alt_source_flag               sample 
_entity_src_gen.pdbx_seq_type                      'Biological sequence' 
_entity_src_gen.pdbx_beg_seq_num                   1 
_entity_src_gen.pdbx_end_seq_num                   117 
_entity_src_gen.gene_src_common_name               human 
_entity_src_gen.gene_src_genus                     ? 
_entity_src_gen.pdbx_gene_src_gene                 'KDM4A, JHDM3A, JMJD2, JMJD2A, KIAA0677' 
_entity_src_gen.gene_src_species                   ? 
_entity_src_gen.gene_src_strain                    ? 
_entity_src_gen.gene_src_tissue                    ? 
_entity_src_gen.gene_src_tissue_fraction           ? 
_entity_src_gen.gene_src_details                   ? 
_entity_src_gen.pdbx_gene_src_fragment             ? 
_entity_src_gen.pdbx_gene_src_scientific_name      'Homo sapiens' 
_entity_src_gen.pdbx_gene_src_ncbi_taxonomy_id     9606 
_entity_src_gen.pdbx_gene_src_variant              ? 
_entity_src_gen.pdbx_gene_src_cell_line            ? 
_entity_src_gen.pdbx_gene_src_atcc                 ? 
_entity_src_gen.pdbx_gene_src_organ                ? 
_entity_src_gen.pdbx_gene_src_organelle            ? 
_entity_src_gen.pdbx_gene_src_cell                 ? 
_entity_src_gen.pdbx_gene_src_cellular_location    ? 
_entity_src_gen.host_org_common_name               ? 
_entity_src_gen.pdbx_host_org_scientific_name      'Escherichia coli' 
_entity_src_gen.pdbx_host_org_ncbi_taxonomy_id     562 
_entity_src_gen.host_org_genus                     ? 
_entity_src_gen.pdbx_host_org_gene                 ? 
_entity_src_gen.pdbx_host_org_organ                ? 
_entity_src_gen.host_org_species                   ? 
_entity_src_gen.pdbx_host_org_tissue               ? 
_entity_src_gen.pdbx_host_org_tissue_fraction      ? 
_entity_src_gen.pdbx_host_org_strain               ? 
_entity_src_gen.pdbx_host_org_variant              ? 
_entity_src_gen.pdbx_host_org_cell_line            ? 
_entity_src_gen.pdbx_host_org_atcc                 ? 
_entity_src_gen.pdbx_host_org_culture_collection   ? 
_entity_src_gen.pdbx_host_org_cell                 ? 
_entity_src_gen.pdbx_host_org_organelle            ? 
_entity_src_gen.pdbx_host_org_cellular_location    ? 
_entity_src_gen.pdbx_host_org_vector_type          ? 
_entity_src_gen.pdbx_host_org_vector               ? 
_entity_src_gen.host_org_details                   ? 
_entity_src_gen.expression_system_id               ? 
_entity_src_gen.plasmid_name                       ? 
_entity_src_gen.plasmid_details                    ? 
_entity_src_gen.pdbx_description                   ? 
# 
loop_
_chem_comp.id 
_chem_comp.type 
_chem_comp.mon_nstd_flag 
_chem_comp.name 
_chem_comp.pdbx_synonyms 
_chem_comp.formula 
_chem_comp.formula_weight 
ALA 'L-peptide linking' y ALANINE         ?                               'C3 H7 N O2'     89.093  
ARG 'L-peptide linking' y ARGININE        ?                               'C6 H15 N4 O2 1' 175.209 
ASN 'L-peptide linking' y ASPARAGINE      ?                               'C4 H8 N2 O3'    132.118 
ASP 'L-peptide linking' y 'ASPARTIC ACID' ?                               'C4 H7 N O4'     133.103 
CYS 'L-peptide linking' y CYSTEINE        ?                               'C3 H7 N O2 S'   121.158 
GLN 'L-peptide linking' y GLUTAMINE       ?                               'C5 H10 N2 O3'   146.144 
GLU 'L-peptide linking' y 'GLUTAMIC ACID' ?                               'C5 H9 N O4'     147.129 
GLY 'peptide linking'   y GLYCINE         ?                               'C2 H5 N O2'     75.067  
GOL non-polymer         . GLYCEROL        'GLYCERIN; PROPANE-1,2,3-TRIOL' 'C3 H8 O3'       92.094  
HIS 'L-peptide linking' y HISTIDINE       ?                               'C6 H10 N3 O2 1' 156.162 
HOH non-polymer         . WATER           ?                               'H2 O'           18.015  
ILE 'L-peptide linking' y ISOLEUCINE      ?                               'C6 H13 N O2'    131.173 
LEU 'L-peptide linking' y LEUCINE         ?                               'C6 H13 N O2'    131.173 
LYS 'L-peptide linking' y LYSINE          ?                               'C6 H15 N2 O2 1' 147.195 
MET 'L-peptide linking' y METHIONINE      ?                               'C5 H11 N O2 S'  149.211 
PHE 'L-peptide linking' y PHENYLALANINE   ?                               'C9 H11 N O2'    165.189 
PRO 'L-peptide linking' y PROLINE         ?                               'C5 H9 N O2'     115.130 
SER 'L-peptide linking' y SERINE          ?                               'C3 H7 N O3'     105.093 
SO4 non-polymer         . 'SULFATE ION'   ?                               'O4 S -2'        96.063  
THR 'L-peptide linking' y THREONINE       ?                               'C4 H9 N O3'     119.119 
TRP 'L-peptide linking' y TRYPTOPHAN      ?                               'C11 H12 N2 O2'  204.225 
TYR 'L-peptide linking' y TYROSINE        ?                               'C9 H11 N O3'    181.189 
VAL 'L-peptide linking' y VALINE          ?                               'C5 H11 N O2'    117.146 
# 
loop_
_pdbx_poly_seq_scheme.asym_id 
_pdbx_poly_seq_scheme.entity_id 
_pdbx_poly_seq_scheme.seq_id 
_pdbx_poly_seq_scheme.mon_id 
_pdbx_poly_seq_scheme.ndb_seq_num 
_pdbx_poly_seq_scheme.pdb_seq_num 
_pdbx_poly_seq_scheme.auth_seq_num 
_pdbx_poly_seq_scheme.pdb_mon_id 
_pdbx_poly_seq_scheme.auth_mon_id 
_pdbx_poly_seq_scheme.pdb_strand_id 
_pdbx_poly_seq_scheme.pdb_ins_code 
_pdbx_poly_seq_scheme.hetero 
A 1 1   SER 1   895  ?    ?   ?   A . n 
A 1 2   MET 2   896  896  MET MET A . n 
A 1 3   GLN 3   897  897  GLN GLN A . n 
A 1 4   SER 4   898  898  SER SER A . n 
A 1 5   ILE 5   899  899  ILE ILE A . n 
A 1 6   THR 6   900  900  THR THR A . n 
A 1 7   ALA 7   901  901  ALA ALA A . n 
A 1 8   GLY 8   902  902  GLY GLY A . n 
A 1 9   GLN 9   903  903  GLN GLN A . n 
A 1 10  LYS 10  904  904  LYS LYS A . n 
A 1 11  VAL 11  905  905  VAL VAL A . n 
A 1 12  ILE 12  906  906  ILE ILE A . n 
A 1 13  SER 13  907  907  SER SER A . n 
A 1 14  LYS 14  908  908  LYS LYS A . n 
A 1 15  HIS 15  909  909  HIS HIS A . n 
A 1 16  LYS 16  910  910  LYS LYS A . n 
A 1 17  ASN 17  911  911  ASN ASN A . n 
A 1 18  GLY 18  912  912  GLY GLY A . n 
A 1 19  ALA 19  913  913  ALA ALA A . n 
A 1 20  PHE 20  914  914  PHE PHE A . n 
A 1 21  TYR 21  915  915  TYR TYR A . n 
A 1 22  GLN 22  916  916  GLN GLN A . n 
A 1 23  CYS 23  917  917  CYS CYS A . n 
A 1 24  GLU 24  918  918  GLU GLU A . n 
A 1 25  VAL 25  919  919  VAL VAL A . n 
A 1 26  VAL 26  920  920  VAL VAL A . n 
A 1 27  ARG 27  921  921  ARG ARG A . n 
A 1 28  LEU 28  922  922  LEU LEU A . n 
A 1 29  THR 29  923  923  THR THR A . n 
A 1 30  THR 30  924  924  THR THR A . n 
A 1 31  GLU 31  925  925  GLU GLU A . n 
A 1 32  THR 32  926  926  THR THR A . n 
A 1 33  PHE 33  927  927  PHE PHE A . n 
A 1 34  TYR 34  928  928  TYR TYR A . n 
A 1 35  GLU 35  929  929  GLU GLU A . n 
A 1 36  VAL 36  930  930  VAL VAL A . n 
A 1 37  ASN 37  931  931  ASN ASN A . n 
A 1 38  PHE 38  932  932  PHE PHE A . n 
A 1 39  ASP 39  933  933  ASP ASP A . n 
A 1 40  ASP 40  934  934  ASP ASP A . n 
A 1 41  GLY 41  935  935  GLY GLY A . n 
A 1 42  SER 42  936  936  SER SER A . n 
A 1 43  PHE 43  937  937  PHE PHE A . n 
A 1 44  SER 44  938  938  SER SER A . n 
A 1 45  ASP 45  939  939  ASP ASP A . n 
A 1 46  ASN 46  940  940  ASN ASN A . n 
A 1 47  LEU 47  941  941  LEU LEU A . n 
A 1 48  TYR 48  942  942  TYR TYR A . n 
A 1 49  PRO 49  943  943  PRO PRO A . n 
A 1 50  GLU 50  944  944  GLU GLU A . n 
A 1 51  ASP 51  945  945  ASP ASP A . n 
A 1 52  ILE 52  946  946  ILE ILE A . n 
A 1 53  VAL 53  947  947  VAL VAL A . n 
A 1 54  SER 54  948  948  SER SER A . n 
A 1 55  GLN 55  949  949  GLN GLN A . n 
A 1 56  ASP 56  950  950  ASP ASP A . n 
A 1 57  CYS 57  951  951  CYS CYS A . n 
A 1 58  LEU 58  952  952  LEU LEU A . n 
A 1 59  GLN 59  953  953  GLN GLN A . n 
A 1 60  PHE 60  954  954  PHE PHE A . n 
A 1 61  GLY 61  955  955  GLY GLY A . n 
A 1 62  PRO 62  956  956  PRO PRO A . n 
A 1 63  PRO 63  957  957  PRO PRO A . n 
A 1 64  ALA 64  958  958  ALA ALA A . n 
A 1 65  GLU 65  959  959  GLU GLU A . n 
A 1 66  GLY 66  960  960  GLY GLY A . n 
A 1 67  GLU 67  961  961  GLU GLU A . n 
A 1 68  VAL 68  962  962  VAL VAL A . n 
A 1 69  VAL 69  963  963  VAL VAL A . n 
A 1 70  GLN 70  964  964  GLN GLN A . n 
A 1 71  VAL 71  965  965  VAL VAL A . n 
A 1 72  ARG 72  966  966  ARG ARG A . n 
A 1 73  TRP 73  967  967  TRP TRP A . n 
A 1 74  THR 74  968  968  THR THR A . n 
A 1 75  ASP 75  969  969  ASP ASP A . n 
A 1 76  GLY 76  970  970  GLY GLY A . n 
A 1 77  GLN 77  971  971  GLN GLN A . n 
A 1 78  VAL 78  972  972  VAL VAL A . n 
A 1 79  TYR 79  973  973  TYR TYR A . n 
A 1 80  GLY 80  974  974  GLY GLY A . n 
A 1 81  ALA 81  975  975  ALA ALA A . n 
A 1 82  LYS 82  976  976  LYS LYS A . n 
A 1 83  PHE 83  977  977  PHE PHE A . n 
A 1 84  VAL 84  978  978  VAL VAL A . n 
A 1 85  ALA 85  979  979  ALA ALA A . n 
A 1 86  SER 86  980  980  SER SER A . n 
A 1 87  HIS 87  981  981  HIS HIS A . n 
A 1 88  PRO 88  982  982  PRO PRO A . n 
A 1 89  ILE 89  983  983  ILE ILE A . n 
A 1 90  GLN 90  984  984  GLN GLN A . n 
A 1 91  MET 91  985  985  MET MET A . n 
A 1 92  TYR 92  986  986  TYR TYR A . n 
A 1 93  GLN 93  987  987  GLN GLN A . n 
A 1 94  VAL 94  988  988  VAL VAL A . n 
A 1 95  GLU 95  989  989  GLU GLU A . n 
A 1 96  PHE 96  990  990  PHE PHE A . n 
A 1 97  GLU 97  991  991  GLU GLU A . n 
A 1 98  ASP 98  992  992  ASP ASP A . n 
A 1 99  GLY 99  993  993  GLY GLY A . n 
A 1 100 SER 100 994  994  SER SER A . n 
A 1 101 GLN 101 995  995  GLN GLN A . n 
A 1 102 LEU 102 996  996  LEU LEU A . n 
A 1 103 VAL 103 997  997  VAL VAL A . n 
A 1 104 VAL 104 998  998  VAL VAL A . n 
A 1 105 LYS 105 999  999  LYS LYS A . n 
A 1 106 ARG 106 1000 1000 ARG ARG A . n 
A 1 107 ASP 107 1001 1001 ASP ASP A . n 
A 1 108 ASP 108 1002 1002 ASP ASP A . n 
A 1 109 VAL 109 1003 1003 VAL VAL A . n 
A 1 110 TYR 110 1004 1004 TYR TYR A . n 
A 1 111 THR 111 1005 1005 THR THR A . n 
A 1 112 LEU 112 1006 1006 LEU LEU A . n 
A 1 113 ASP 113 1007 1007 ASP ASP A . n 
A 1 114 GLU 114 1008 1008 GLU GLU A . n 
A 1 115 GLU 115 1009 1009 GLU GLU A . n 
A 1 116 LEU 116 1010 1010 LEU LEU A . n 
A 1 117 PRO 117 1011 1011 PRO PRO A . n 
# 
loop_
_pdbx_nonpoly_scheme.asym_id 
_pdbx_nonpoly_scheme.entity_id 
_pdbx_nonpoly_scheme.mon_id 
_pdbx_nonpoly_scheme.ndb_seq_num 
_pdbx_nonpoly_scheme.pdb_seq_num 
_pdbx_nonpoly_scheme.auth_seq_num 
_pdbx_nonpoly_scheme.pdb_mon_id 
_pdbx_nonpoly_scheme.auth_mon_id 
_pdbx_nonpoly_scheme.pdb_strand_id 
_pdbx_nonpoly_scheme.pdb_ins_code 
B 2 SO4 1  1101 1   SO4 SO4 A . 
C 2 SO4 1  1102 4   SO4 SO4 A . 
D 2 SO4 1  1103 5   SO4 SO4 A . 
E 3 GOL 1  1104 1   GOL GOL A . 
F 4 HOH 1  1201 73  HOH HOH A . 
F 4 HOH 2  1202 50  HOH HOH A . 
F 4 HOH 3  1203 26  HOH HOH A . 
F 4 HOH 4  1204 32  HOH HOH A . 
F 4 HOH 5  1205 48  HOH HOH A . 
F 4 HOH 6  1206 47  HOH HOH A . 
F 4 HOH 7  1207 82  HOH HOH A . 
F 4 HOH 8  1208 23  HOH HOH A . 
F 4 HOH 9  1209 29  HOH HOH A . 
F 4 HOH 10 1210 3   HOH HOH A . 
F 4 HOH 11 1211 87  HOH HOH A . 
F 4 HOH 12 1212 99  HOH HOH A . 
F 4 HOH 13 1213 4   HOH HOH A . 
F 4 HOH 14 1214 58  HOH HOH A . 
F 4 HOH 15 1215 41  HOH HOH A . 
F 4 HOH 16 1216 83  HOH HOH A . 
F 4 HOH 17 1217 31  HOH HOH A . 
F 4 HOH 18 1218 10  HOH HOH A . 
F 4 HOH 19 1219 7   HOH HOH A . 
F 4 HOH 20 1220 61  HOH HOH A . 
F 4 HOH 21 1221 38  HOH HOH A . 
F 4 HOH 22 1222 35  HOH HOH A . 
F 4 HOH 23 1223 6   HOH HOH A . 
F 4 HOH 24 1224 9   HOH HOH A . 
F 4 HOH 25 1225 74  HOH HOH A . 
F 4 HOH 26 1226 62  HOH HOH A . 
F 4 HOH 27 1227 8   HOH HOH A . 
F 4 HOH 28 1228 94  HOH HOH A . 
F 4 HOH 29 1229 46  HOH HOH A . 
F 4 HOH 30 1230 53  HOH HOH A . 
F 4 HOH 31 1231 43  HOH HOH A . 
F 4 HOH 32 1232 12  HOH HOH A . 
F 4 HOH 33 1233 11  HOH HOH A . 
F 4 HOH 34 1234 5   HOH HOH A . 
F 4 HOH 35 1235 34  HOH HOH A . 
F 4 HOH 36 1236 2   HOH HOH A . 
F 4 HOH 37 1237 14  HOH HOH A . 
F 4 HOH 38 1238 18  HOH HOH A . 
F 4 HOH 39 1239 40  HOH HOH A . 
F 4 HOH 40 1240 80  HOH HOH A . 
F 4 HOH 41 1241 21  HOH HOH A . 
F 4 HOH 42 1242 44  HOH HOH A . 
F 4 HOH 43 1243 33  HOH HOH A . 
F 4 HOH 44 1244 36  HOH HOH A . 
F 4 HOH 45 1245 13  HOH HOH A . 
F 4 HOH 46 1246 51  HOH HOH A . 
F 4 HOH 47 1247 75  HOH HOH A . 
F 4 HOH 48 1248 30  HOH HOH A . 
F 4 HOH 49 1249 54  HOH HOH A . 
F 4 HOH 50 1250 85  HOH HOH A . 
F 4 HOH 51 1251 24  HOH HOH A . 
F 4 HOH 52 1252 20  HOH HOH A . 
F 4 HOH 53 1253 84  HOH HOH A . 
F 4 HOH 54 1254 15  HOH HOH A . 
F 4 HOH 55 1255 104 HOH HOH A . 
F 4 HOH 56 1256 77  HOH HOH A . 
F 4 HOH 57 1257 60  HOH HOH A . 
F 4 HOH 58 1258 105 HOH HOH A . 
F 4 HOH 59 1259 81  HOH HOH A . 
F 4 HOH 60 1260 37  HOH HOH A . 
F 4 HOH 61 1261 103 HOH HOH A . 
F 4 HOH 62 1262 16  HOH HOH A . 
F 4 HOH 63 1263 101 HOH HOH A . 
F 4 HOH 64 1264 22  HOH HOH A . 
F 4 HOH 65 1265 52  HOH HOH A . 
F 4 HOH 66 1266 86  HOH HOH A . 
F 4 HOH 67 1267 69  HOH HOH A . 
F 4 HOH 68 1268 19  HOH HOH A . 
F 4 HOH 69 1269 17  HOH HOH A . 
F 4 HOH 70 1270 93  HOH HOH A . 
F 4 HOH 71 1271 92  HOH HOH A . 
F 4 HOH 72 1272 56  HOH HOH A . 
F 4 HOH 73 1273 78  HOH HOH A . 
F 4 HOH 74 1274 79  HOH HOH A . 
F 4 HOH 75 1275 97  HOH HOH A . 
F 4 HOH 76 1276 96  HOH HOH A . 
F 4 HOH 77 1277 106 HOH HOH A . 
F 4 HOH 78 1278 95  HOH HOH A . 
F 4 HOH 79 1279 88  HOH HOH A . 
F 4 HOH 80 1280 39  HOH HOH A . 
F 4 HOH 81 1281 63  HOH HOH A . 
F 4 HOH 82 1282 28  HOH HOH A . 
F 4 HOH 83 1283 64  HOH HOH A . 
F 4 HOH 84 1284 102 HOH HOH A . 
F 4 HOH 85 1285 72  HOH HOH A . 
F 4 HOH 86 1286 67  HOH HOH A . 
F 4 HOH 87 1287 49  HOH HOH A . 
# 
loop_
_pdbx_unobs_or_zero_occ_atoms.id 
_pdbx_unobs_or_zero_occ_atoms.PDB_model_num 
_pdbx_unobs_or_zero_occ_atoms.polymer_flag 
_pdbx_unobs_or_zero_occ_atoms.occupancy_flag 
_pdbx_unobs_or_zero_occ_atoms.auth_asym_id 
_pdbx_unobs_or_zero_occ_atoms.auth_comp_id 
_pdbx_unobs_or_zero_occ_atoms.auth_seq_id 
_pdbx_unobs_or_zero_occ_atoms.PDB_ins_code 
_pdbx_unobs_or_zero_occ_atoms.auth_atom_id 
_pdbx_unobs_or_zero_occ_atoms.label_alt_id 
_pdbx_unobs_or_zero_occ_atoms.label_asym_id 
_pdbx_unobs_or_zero_occ_atoms.label_comp_id 
_pdbx_unobs_or_zero_occ_atoms.label_seq_id 
_pdbx_unobs_or_zero_occ_atoms.label_atom_id 
1 1 Y 1 A MET 896 ? CG ? A MET 2 CG 
2 1 Y 1 A MET 896 ? SD ? A MET 2 SD 
3 1 Y 1 A MET 896 ? CE ? A MET 2 CE 
# 
loop_
_software.citation_id 
_software.classification 
_software.compiler_name 
_software.compiler_version 
_software.contact_author 
_software.contact_author_email 
_software.date 
_software.description 
_software.dependencies 
_software.hardware 
_software.language 
_software.location 
_software.mods 
_software.name 
_software.os 
_software.os_version 
_software.type 
_software.version 
_software.pdbx_ordinal 
? refinement       ? ? ? ? ? ? ? ? ? ? ? REFMAC ? ? ? '5.8.0430 (refmacat 0.4.77)' 1 
? 'data reduction' ? ? ? ? ? ? ? ? ? ? ? xia2   ? ? ? .                            2 
? 'data scaling'   ? ? ? ? ? ? ? ? ? ? ? xia2   ? ? ? .                            3 
? phasing          ? ? ? ? ? ? ? ? ? ? ? PHASER ? ? ? .                            4 
# 
_cell.angle_alpha                  90 
_cell.angle_alpha_esd              ? 
_cell.angle_beta                   90 
_cell.angle_beta_esd               ? 
_cell.angle_gamma                  90 
_cell.angle_gamma_esd              ? 
_cell.entry_id                     9GII 
_cell.details                      ? 
_cell.formula_units_Z              ? 
_cell.length_a                     133.87 
_cell.length_a_esd                 ? 
_cell.length_b                     133.87 
_cell.length_b_esd                 ? 
_cell.length_c                     133.87 
_cell.length_c_esd                 ? 
_cell.volume                       ? 
_cell.volume_esd                   ? 
_cell.Z_PDB                        48 
_cell.reciprocal_angle_alpha       ? 
_cell.reciprocal_angle_beta        ? 
_cell.reciprocal_angle_gamma       ? 
_cell.reciprocal_angle_alpha_esd   ? 
_cell.reciprocal_angle_beta_esd    ? 
_cell.reciprocal_angle_gamma_esd   ? 
_cell.reciprocal_length_a          ? 
_cell.reciprocal_length_b          ? 
_cell.reciprocal_length_c          ? 
_cell.reciprocal_length_a_esd      ? 
_cell.reciprocal_length_b_esd      ? 
_cell.reciprocal_length_c_esd      ? 
_cell.pdbx_unique_axis             ? 
_cell.pdbx_esd_method              ? 
# 
_symmetry.entry_id                         9GII 
_symmetry.cell_setting                     ? 
_symmetry.Int_Tables_number                214 
_symmetry.space_group_name_Hall            ? 
_symmetry.space_group_name_H-M             'I 41 3 2' 
_symmetry.pdbx_full_space_group_name_H-M   ? 
# 
_exptl.absorpt_coefficient_mu     ? 
_exptl.absorpt_correction_T_max   ? 
_exptl.absorpt_correction_T_min   ? 
_exptl.absorpt_correction_type    ? 
_exptl.absorpt_process_details    ? 
_exptl.entry_id                   9GII 
_exptl.crystals_number            1 
_exptl.details                    ? 
_exptl.method                     'X-RAY DIFFRACTION' 
_exptl.method_details             ? 
# 
_exptl_crystal.colour                       ? 
_exptl_crystal.density_diffrn               ? 
_exptl_crystal.density_Matthews             3.77 
_exptl_crystal.density_method               ? 
_exptl_crystal.density_percent_sol          67.36 
_exptl_crystal.description                  ? 
_exptl_crystal.F_000                        ? 
_exptl_crystal.id                           1 
_exptl_crystal.preparation                  ? 
_exptl_crystal.size_max                     ? 
_exptl_crystal.size_mid                     ? 
_exptl_crystal.size_min                     ? 
_exptl_crystal.size_rad                     ? 
_exptl_crystal.colour_lustre                ? 
_exptl_crystal.colour_modifier              ? 
_exptl_crystal.colour_primary               ? 
_exptl_crystal.density_meas                 ? 
_exptl_crystal.density_meas_esd             ? 
_exptl_crystal.density_meas_gt              ? 
_exptl_crystal.density_meas_lt              ? 
_exptl_crystal.density_meas_temp            ? 
_exptl_crystal.density_meas_temp_esd        ? 
_exptl_crystal.density_meas_temp_gt         ? 
_exptl_crystal.density_meas_temp_lt         ? 
_exptl_crystal.pdbx_crystal_image_url       ? 
_exptl_crystal.pdbx_crystal_image_format    ? 
_exptl_crystal.pdbx_mosaicity               ? 
_exptl_crystal.pdbx_mosaicity_esd           ? 
_exptl_crystal.pdbx_mosaic_method           ? 
_exptl_crystal.pdbx_mosaic_block_size       ? 
_exptl_crystal.pdbx_mosaic_block_size_esd   ? 
# 
_exptl_crystal_grow.apparatus       ? 
_exptl_crystal_grow.atmosphere      ? 
_exptl_crystal_grow.crystal_id      1 
_exptl_crystal_grow.details         ? 
_exptl_crystal_grow.method          'VAPOR DIFFUSION, SITTING DROP' 
_exptl_crystal_grow.method_ref      ? 
_exptl_crystal_grow.pH              ? 
_exptl_crystal_grow.pressure        ? 
_exptl_crystal_grow.pressure_esd    ? 
_exptl_crystal_grow.seeding         ? 
_exptl_crystal_grow.seeding_ref     ? 
_exptl_crystal_grow.temp_details    ? 
_exptl_crystal_grow.temp_esd        ? 
_exptl_crystal_grow.time            ? 
_exptl_crystal_grow.pdbx_details    
;2M ammonium sulfate,
0.1M bis-tris pH 6.5
;
_exptl_crystal_grow.pdbx_pH_range   ? 
_exptl_crystal_grow.temp            293 
# 
_diffrn.ambient_environment              ? 
_diffrn.ambient_temp                     100 
_diffrn.ambient_temp_details             ? 
_diffrn.ambient_temp_esd                 ? 
_diffrn.crystal_id                       1 
_diffrn.crystal_support                  ? 
_diffrn.crystal_treatment                ? 
_diffrn.details                          ? 
_diffrn.id                               1 
_diffrn.ambient_pressure                 ? 
_diffrn.ambient_pressure_esd             ? 
_diffrn.ambient_pressure_gt              ? 
_diffrn.ambient_pressure_lt              ? 
_diffrn.ambient_temp_gt                  ? 
_diffrn.ambient_temp_lt                  ? 
_diffrn.pdbx_serial_crystal_experiment   N 
# 
_diffrn_detector.details                      ? 
_diffrn_detector.detector                     PIXEL 
_diffrn_detector.diffrn_id                    1 
_diffrn_detector.type                         'DECTRIS PILATUS 6M' 
_diffrn_detector.area_resol_mean              ? 
_diffrn_detector.dtime                        ? 
_diffrn_detector.pdbx_frames_total            ? 
_diffrn_detector.pdbx_collection_time_total   ? 
_diffrn_detector.pdbx_collection_date         2014-11-30 
_diffrn_detector.pdbx_frequency               ? 
_diffrn_detector.id                           ? 
_diffrn_detector.number_of_axes               ? 
# 
_diffrn_radiation.collimation                      ? 
_diffrn_radiation.diffrn_id                        1 
_diffrn_radiation.filter_edge                      ? 
_diffrn_radiation.inhomogeneity                    ? 
_diffrn_radiation.monochromator                    ? 
_diffrn_radiation.polarisn_norm                    ? 
_diffrn_radiation.polarisn_ratio                   ? 
_diffrn_radiation.probe                            ? 
_diffrn_radiation.type                             ? 
_diffrn_radiation.xray_symbol                      ? 
_diffrn_radiation.wavelength_id                    1 
_diffrn_radiation.pdbx_monochromatic_or_laue_m_l   M 
_diffrn_radiation.pdbx_wavelength_list             ? 
_diffrn_radiation.pdbx_wavelength                  ? 
_diffrn_radiation.pdbx_diffrn_protocol             'SINGLE WAVELENGTH' 
_diffrn_radiation.pdbx_analyzer                    ? 
_diffrn_radiation.pdbx_scattering_type             x-ray 
# 
_diffrn_radiation_wavelength.id           1 
_diffrn_radiation_wavelength.wavelength   0.979 
_diffrn_radiation_wavelength.wt           1.0 
# 
_diffrn_source.current                     ? 
_diffrn_source.details                     ? 
_diffrn_source.diffrn_id                   1 
_diffrn_source.power                       ? 
_diffrn_source.size                        ? 
_diffrn_source.source                      SYNCHROTRON 
_diffrn_source.target                      ? 
_diffrn_source.type                        'DIAMOND BEAMLINE I02' 
_diffrn_source.voltage                     ? 
_diffrn_source.take-off_angle              ? 
_diffrn_source.pdbx_wavelength_list        0.979 
_diffrn_source.pdbx_wavelength             ? 
_diffrn_source.pdbx_synchrotron_beamline   I02 
_diffrn_source.pdbx_synchrotron_site       Diamond 
# 
_reflns.B_iso_Wilson_estimate                          ? 
_reflns.entry_id                                       9GII 
_reflns.data_reduction_details                         ? 
_reflns.data_reduction_method                          ? 
_reflns.d_resolution_high                              1.70 
_reflns.d_resolution_low                               47.375 
_reflns.details                                        ? 
_reflns.limit_h_max                                    ? 
_reflns.limit_h_min                                    ? 
_reflns.limit_k_max                                    ? 
_reflns.limit_k_min                                    ? 
_reflns.limit_l_max                                    ? 
_reflns.limit_l_min                                    ? 
_reflns.number_all                                     ? 
_reflns.number_obs                                     22799 
_reflns.observed_criterion                             ? 
_reflns.observed_criterion_F_max                       ? 
_reflns.observed_criterion_F_min                       ? 
_reflns.observed_criterion_I_max                       ? 
_reflns.observed_criterion_I_min                       ? 
_reflns.observed_criterion_sigma_F                     ? 
_reflns.observed_criterion_sigma_I                     ? 
_reflns.percent_possible_obs                           100 
_reflns.R_free_details                                 ? 
_reflns.Rmerge_F_all                                   ? 
_reflns.Rmerge_F_obs                                   ? 
_reflns.Friedel_coverage                               ? 
_reflns.number_gt                                      ? 
_reflns.threshold_expression                           ? 
_reflns.pdbx_redundancy                                39.1 
_reflns.pdbx_netI_over_av_sigmaI                       ? 
_reflns.pdbx_netI_over_sigmaI                          22.0 
_reflns.pdbx_res_netI_over_av_sigmaI_2                 ? 
_reflns.pdbx_res_netI_over_sigmaI_2                    ? 
_reflns.pdbx_chi_squared                               ? 
_reflns.pdbx_scaling_rejects                           ? 
_reflns.pdbx_d_res_high_opt                            ? 
_reflns.pdbx_d_res_low_opt                             ? 
_reflns.pdbx_d_res_opt_method                          ? 
_reflns.phase_calculation_details                      ? 
_reflns.pdbx_Rrim_I_all                                ? 
_reflns.pdbx_Rpim_I_all                                ? 
_reflns.pdbx_d_opt                                     ? 
_reflns.pdbx_number_measured_all                       ? 
_reflns.pdbx_diffrn_id                                 1 
_reflns.pdbx_ordinal                                   1 
_reflns.pdbx_CC_half                                   0.994 
_reflns.pdbx_CC_star                                   ? 
_reflns.pdbx_R_split                                   ? 
_reflns.pdbx_Rmerge_I_obs                              ? 
_reflns.pdbx_Rmerge_I_all                              ? 
_reflns.pdbx_Rsym_value                                ? 
_reflns.pdbx_CC_split_method                           ? 
_reflns.pdbx_aniso_diffraction_limit_axis_1_ortho[1]   ? 
_reflns.pdbx_aniso_diffraction_limit_axis_1_ortho[2]   ? 
_reflns.pdbx_aniso_diffraction_limit_axis_1_ortho[3]   ? 
_reflns.pdbx_aniso_diffraction_limit_axis_2_ortho[1]   ? 
_reflns.pdbx_aniso_diffraction_limit_axis_2_ortho[2]   ? 
_reflns.pdbx_aniso_diffraction_limit_axis_2_ortho[3]   ? 
_reflns.pdbx_aniso_diffraction_limit_axis_3_ortho[1]   ? 
_reflns.pdbx_aniso_diffraction_limit_axis_3_ortho[2]   ? 
_reflns.pdbx_aniso_diffraction_limit_axis_3_ortho[3]   ? 
_reflns.pdbx_aniso_diffraction_limit_1                 ? 
_reflns.pdbx_aniso_diffraction_limit_2                 ? 
_reflns.pdbx_aniso_diffraction_limit_3                 ? 
_reflns.pdbx_aniso_B_tensor_eigenvector_1_ortho[1]     ? 
_reflns.pdbx_aniso_B_tensor_eigenvector_1_ortho[2]     ? 
_reflns.pdbx_aniso_B_tensor_eigenvector_1_ortho[3]     ? 
_reflns.pdbx_aniso_B_tensor_eigenvector_2_ortho[1]     ? 
_reflns.pdbx_aniso_B_tensor_eigenvector_2_ortho[2]     ? 
_reflns.pdbx_aniso_B_tensor_eigenvector_2_ortho[3]     ? 
_reflns.pdbx_aniso_B_tensor_eigenvector_3_ortho[1]     ? 
_reflns.pdbx_aniso_B_tensor_eigenvector_3_ortho[2]     ? 
_reflns.pdbx_aniso_B_tensor_eigenvector_3_ortho[3]     ? 
_reflns.pdbx_aniso_B_tensor_eigenvalue_1               ? 
_reflns.pdbx_aniso_B_tensor_eigenvalue_2               ? 
_reflns.pdbx_aniso_B_tensor_eigenvalue_3               ? 
_reflns.pdbx_orthogonalization_convention              ? 
_reflns.pdbx_percent_possible_ellipsoidal              ? 
_reflns.pdbx_percent_possible_spherical                ? 
_reflns.pdbx_percent_possible_ellipsoidal_anomalous    ? 
_reflns.pdbx_percent_possible_spherical_anomalous      ? 
_reflns.pdbx_redundancy_anomalous                      ? 
_reflns.pdbx_CC_half_anomalous                         ? 
_reflns.pdbx_absDiff_over_sigma_anomalous              ? 
_reflns.pdbx_percent_possible_anomalous                ? 
_reflns.pdbx_observed_signal_threshold                 ? 
_reflns.pdbx_signal_type                               ? 
_reflns.pdbx_signal_details                            ? 
_reflns.pdbx_signal_software_id                        ? 
# 
_reflns_shell.d_res_high                                    1.70 
_reflns_shell.d_res_low                                     1.74 
_reflns_shell.meanI_over_sigI_all                           ? 
_reflns_shell.meanI_over_sigI_obs                           ? 
_reflns_shell.number_measured_all                           ? 
_reflns_shell.number_measured_obs                           ? 
_reflns_shell.number_possible                               ? 
_reflns_shell.number_unique_all                             ? 
_reflns_shell.number_unique_obs                             1650 
_reflns_shell.percent_possible_obs                          ? 
_reflns_shell.Rmerge_F_all                                  ? 
_reflns_shell.Rmerge_F_obs                                  ? 
_reflns_shell.meanI_over_sigI_gt                            ? 
_reflns_shell.meanI_over_uI_all                             ? 
_reflns_shell.meanI_over_uI_gt                              ? 
_reflns_shell.number_measured_gt                            ? 
_reflns_shell.number_unique_gt                              ? 
_reflns_shell.percent_possible_gt                           ? 
_reflns_shell.Rmerge_F_gt                                   ? 
_reflns_shell.Rmerge_I_gt                                   ? 
_reflns_shell.pdbx_redundancy                               ? 
_reflns_shell.pdbx_chi_squared                              ? 
_reflns_shell.pdbx_netI_over_sigmaI_all                     ? 
_reflns_shell.pdbx_netI_over_sigmaI_obs                     ? 
_reflns_shell.pdbx_Rrim_I_all                               ? 
_reflns_shell.pdbx_Rpim_I_all                               ? 
_reflns_shell.pdbx_rejects                                  ? 
_reflns_shell.pdbx_ordinal                                  1 
_reflns_shell.pdbx_diffrn_id                                1 
_reflns_shell.pdbx_CC_half                                  0.962 
_reflns_shell.pdbx_CC_star                                  ? 
_reflns_shell.pdbx_R_split                                  ? 
_reflns_shell.percent_possible_all                          ? 
_reflns_shell.Rmerge_I_all                                  ? 
_reflns_shell.Rmerge_I_obs                                  ? 
_reflns_shell.pdbx_Rsym_value                               ? 
_reflns_shell.pdbx_percent_possible_ellipsoidal             ? 
_reflns_shell.pdbx_percent_possible_spherical               ? 
_reflns_shell.pdbx_percent_possible_ellipsoidal_anomalous   ? 
_reflns_shell.pdbx_percent_possible_spherical_anomalous     ? 
_reflns_shell.pdbx_redundancy_anomalous                     ? 
_reflns_shell.pdbx_CC_half_anomalous                        ? 
_reflns_shell.pdbx_absDiff_over_sigma_anomalous             ? 
_reflns_shell.pdbx_percent_possible_anomalous               ? 
# 
_refine.aniso_B[1][1]                            0.000 
_refine.aniso_B[1][2]                            0.000 
_refine.aniso_B[1][3]                            0.000 
_refine.aniso_B[2][2]                            0.000 
_refine.aniso_B[2][3]                            0.000 
_refine.aniso_B[3][3]                            0.000 
_refine.B_iso_max                                ? 
_refine.B_iso_mean                               28.102 
_refine.B_iso_min                                ? 
_refine.correlation_coeff_Fo_to_Fc               0.958 
_refine.correlation_coeff_Fo_to_Fc_free          0.956 
_refine.details                                  'Hydrogens have not been used' 
_refine.diff_density_max                         ? 
_refine.diff_density_max_esd                     ? 
_refine.diff_density_min                         ? 
_refine.diff_density_min_esd                     ? 
_refine.diff_density_rms                         ? 
_refine.diff_density_rms_esd                     ? 
_refine.entry_id                                 9GII 
_refine.pdbx_refine_id                           'X-RAY DIFFRACTION' 
_refine.ls_abs_structure_details                 ? 
_refine.ls_abs_structure_Flack                   ? 
_refine.ls_abs_structure_Flack_esd               ? 
_refine.ls_abs_structure_Rogers                  ? 
_refine.ls_abs_structure_Rogers_esd              ? 
_refine.ls_d_res_high                            1.700 
_refine.ls_d_res_low                             47.375 
_refine.ls_extinction_coef                       ? 
_refine.ls_extinction_coef_esd                   ? 
_refine.ls_extinction_expression                 ? 
_refine.ls_extinction_method                     ? 
_refine.ls_goodness_of_fit_all                   ? 
_refine.ls_goodness_of_fit_all_esd               ? 
_refine.ls_goodness_of_fit_obs                   ? 
_refine.ls_goodness_of_fit_obs_esd               ? 
_refine.ls_hydrogen_treatment                    ? 
_refine.ls_matrix_type                           ? 
_refine.ls_number_constraints                    ? 
_refine.ls_number_parameters                     ? 
_refine.ls_number_reflns_all                     ? 
_refine.ls_number_reflns_obs                     22780 
_refine.ls_number_reflns_R_free                  1108 
_refine.ls_number_reflns_R_work                  21672 
_refine.ls_number_restraints                     ? 
_refine.ls_percent_reflns_obs                    99.982 
_refine.ls_percent_reflns_R_free                 4.864 
_refine.ls_R_factor_all                          0.199 
_refine.ls_R_factor_obs                          ? 
_refine.ls_R_factor_R_free                       0.2158 
_refine.ls_R_factor_R_free_error                 ? 
_refine.ls_R_factor_R_free_error_details         ? 
_refine.ls_R_factor_R_work                       0.1980 
_refine.ls_R_Fsqd_factor_obs                     ? 
_refine.ls_R_I_factor_obs                        ? 
_refine.ls_redundancy_reflns_all                 ? 
_refine.ls_redundancy_reflns_obs                 ? 
_refine.ls_restrained_S_all                      ? 
_refine.ls_restrained_S_obs                      ? 
_refine.ls_shift_over_esd_max                    ? 
_refine.ls_shift_over_esd_mean                   ? 
_refine.ls_structure_factor_coef                 ? 
_refine.ls_weighting_details                     ? 
_refine.ls_weighting_scheme                      ? 
_refine.ls_wR_factor_all                         ? 
_refine.ls_wR_factor_obs                         ? 
_refine.ls_wR_factor_R_free                      ? 
_refine.ls_wR_factor_R_work                      ? 
_refine.occupancy_max                            ? 
_refine.occupancy_min                            ? 
_refine.solvent_model_details                    'MASK BULK SOLVENT' 
_refine.solvent_model_param_bsol                 ? 
_refine.solvent_model_param_ksol                 ? 
_refine.pdbx_R_complete                          ? 
_refine.ls_R_factor_gt                           ? 
_refine.ls_goodness_of_fit_gt                    ? 
_refine.ls_goodness_of_fit_ref                   ? 
_refine.ls_shift_over_su_max                     ? 
_refine.ls_shift_over_su_max_lt                  ? 
_refine.ls_shift_over_su_mean                    ? 
_refine.ls_shift_over_su_mean_lt                 ? 
_refine.pdbx_ls_sigma_I                          ? 
_refine.pdbx_ls_sigma_F                          ? 
_refine.pdbx_ls_sigma_Fsqd                       ? 
_refine.pdbx_data_cutoff_high_absF               ? 
_refine.pdbx_data_cutoff_high_rms_absF           ? 
_refine.pdbx_data_cutoff_low_absF                ? 
_refine.pdbx_isotropic_thermal_model             ? 
_refine.pdbx_ls_cross_valid_method               'FREE R-VALUE' 
_refine.pdbx_method_to_determine_struct          'MOLECULAR REPLACEMENT' 
_refine.pdbx_starting_model                      ? 
_refine.pdbx_stereochemistry_target_values       ? 
_refine.pdbx_R_Free_selection_details            ? 
_refine.pdbx_stereochem_target_val_spec_case     ? 
_refine.pdbx_overall_ESU_R                       0.083 
_refine.pdbx_overall_ESU_R_Free                  0.081 
_refine.pdbx_solvent_vdw_probe_radii             1.200 
_refine.pdbx_solvent_ion_probe_radii             0.800 
_refine.pdbx_solvent_shrinkage_radii             0.800 
_refine.pdbx_real_space_R                        ? 
_refine.pdbx_density_correlation                 ? 
_refine.pdbx_pd_number_of_powder_patterns        ? 
_refine.pdbx_pd_number_of_points                 ? 
_refine.pdbx_pd_meas_number_of_points            ? 
_refine.pdbx_pd_proc_ls_prof_R_factor            ? 
_refine.pdbx_pd_proc_ls_prof_wR_factor           ? 
_refine.pdbx_pd_Marquardt_correlation_coeff      ? 
_refine.pdbx_pd_Fsqrd_R_factor                   ? 
_refine.pdbx_pd_ls_matrix_band_width             ? 
_refine.pdbx_overall_phase_error                 ? 
_refine.pdbx_overall_SU_R_free_Cruickshank_DPI   ? 
_refine.pdbx_overall_SU_R_free_Blow_DPI          ? 
_refine.pdbx_overall_SU_R_Blow_DPI               ? 
_refine.pdbx_TLS_residual_ADP_flag               ? 
_refine.pdbx_diffrn_id                           1 
_refine.overall_SU_B                             1.721 
_refine.overall_SU_ML                            0.057 
_refine.overall_SU_R_Cruickshank_DPI             ? 
_refine.overall_SU_R_free                        ? 
_refine.overall_FOM_free_R_set                   ? 
_refine.overall_FOM_work_R_set                   ? 
_refine.pdbx_average_fsc_overall                 ? 
_refine.pdbx_average_fsc_work                    ? 
_refine.pdbx_average_fsc_free                    ? 
# 
_refine_hist.pdbx_refine_id                   'X-RAY DIFFRACTION' 
_refine_hist.cycle_id                         LAST 
_refine_hist.details                          ? 
_refine_hist.d_res_high                       1.700 
_refine_hist.d_res_low                        47.375 
_refine_hist.number_atoms_solvent             88 
_refine_hist.number_atoms_total               1033 
_refine_hist.number_reflns_all                ? 
_refine_hist.number_reflns_obs                ? 
_refine_hist.number_reflns_R_free             ? 
_refine_hist.number_reflns_R_work             ? 
_refine_hist.R_factor_all                     ? 
_refine_hist.R_factor_obs                     ? 
_refine_hist.R_factor_R_free                  ? 
_refine_hist.R_factor_R_work                  ? 
_refine_hist.pdbx_number_residues_total       ? 
_refine_hist.pdbx_B_iso_mean_ligand           ? 
_refine_hist.pdbx_B_iso_mean_solvent          ? 
_refine_hist.pdbx_number_atoms_protein        924 
_refine_hist.pdbx_number_atoms_nucleic_acid   0 
_refine_hist.pdbx_number_atoms_ligand         21 
_refine_hist.pdbx_number_atoms_lipid          ? 
_refine_hist.pdbx_number_atoms_carb           ? 
_refine_hist.pdbx_pseudo_atom_details         ? 
# 
loop_
_refine_ls_restr.pdbx_refine_id 
_refine_ls_restr.criterion 
_refine_ls_restr.dev_ideal 
_refine_ls_restr.dev_ideal_target 
_refine_ls_restr.number 
_refine_ls_restr.rejects 
_refine_ls_restr.type 
_refine_ls_restr.weight 
_refine_ls_restr.pdbx_restraint_function 
'X-RAY DIFFRACTION' ? 0.012  0.012  962  ? r_bond_refined_d               ? ? 
'X-RAY DIFFRACTION' ? 2.459  1.805  1307 ? r_angle_refined_deg            ? ? 
'X-RAY DIFFRACTION' ? 6.508  5.000  115  ? r_dihedral_angle_1_deg         ? ? 
'X-RAY DIFFRACTION' ? 14.768 5.000  3    ? r_dihedral_angle_2_deg         ? ? 
'X-RAY DIFFRACTION' ? 12.254 10.000 150  ? r_dihedral_angle_3_deg         ? ? 
'X-RAY DIFFRACTION' ? 15.582 10.000 52   ? r_dihedral_angle_6_deg         ? ? 
'X-RAY DIFFRACTION' ? 0.174  0.200  142  ? r_chiral_restr                 ? ? 
'X-RAY DIFFRACTION' ? 0.012  0.020  749  ? r_gen_planes_refined           ? ? 
'X-RAY DIFFRACTION' ? 0.205  0.200  367  ? r_nbd_refined                  ? ? 
'X-RAY DIFFRACTION' ? 0.321  0.200  663  ? r_nbtor_refined                ? ? 
'X-RAY DIFFRACTION' ? 0.205  0.200  90   ? r_xyhbond_nbd_refined          ? ? 
'X-RAY DIFFRACTION' ? 0.201  0.200  63   ? r_symmetry_nbd_refined         ? ? 
'X-RAY DIFFRACTION' ? 0.069  0.200  16   ? r_symmetry_xyhbond_nbd_refined ? ? 
'X-RAY DIFFRACTION' ? 3.364  2.240  463  ? r_mcbond_it                    ? ? 
'X-RAY DIFFRACTION' ? 4.616  3.983  577  ? r_mcangle_it                   ? ? 
'X-RAY DIFFRACTION' ? 5.309  2.970  499  ? r_scbond_it                    ? ? 
'X-RAY DIFFRACTION' ? 7.653  5.166  730  ? r_scangle_it                   ? ? 
'X-RAY DIFFRACTION' ? 11.120 32.614 1462 ? r_lrange_it                    ? ? 
# 
loop_
_refine_ls_shell.pdbx_refine_id 
_refine_ls_shell.d_res_high 
_refine_ls_shell.d_res_low 
_refine_ls_shell.number_reflns_all 
_refine_ls_shell.number_reflns_obs 
_refine_ls_shell.number_reflns_R_free 
_refine_ls_shell.number_reflns_R_work 
_refine_ls_shell.percent_reflns_obs 
_refine_ls_shell.percent_reflns_R_free 
_refine_ls_shell.R_factor_all 
_refine_ls_shell.R_factor_obs 
_refine_ls_shell.R_factor_R_free_error 
_refine_ls_shell.R_factor_R_work 
_refine_ls_shell.redundancy_reflns_all 
_refine_ls_shell.redundancy_reflns_obs 
_refine_ls_shell.wR_factor_all 
_refine_ls_shell.wR_factor_obs 
_refine_ls_shell.wR_factor_R_free 
_refine_ls_shell.wR_factor_R_work 
_refine_ls_shell.pdbx_R_complete 
_refine_ls_shell.pdbx_total_number_of_bins_used 
_refine_ls_shell.pdbx_phase_error 
_refine_ls_shell.pdbx_fsc_work 
_refine_ls_shell.pdbx_fsc_free 
_refine_ls_shell.R_factor_R_free 
'X-RAY DIFFRACTION' 1.700 1.745  1649 . 64 1585 100.0000 . 0.261 . . 0.262 . . . . . 0.225 . 20 . 0.957 0.965 0.241 
'X-RAY DIFFRACTION' 1.745 1.792  1615 . 87 1528 100.0000 . 0.262 . . 0.261 . . . . . 0.224 . 20 . 0.959 0.947 0.283 
'X-RAY DIFFRACTION' 1.792 1.844  1567 . 76 1490 99.9362  . 0.248 . . 0.247 . . . . . 0.218 . 20 . 0.960 0.956 0.274 
'X-RAY DIFFRACTION' 1.844 1.901  1523 . 67 1456 100.0000 . 0.218 . . 0.217 . . . . . 0.193 . 20 . 0.969 0.959 0.241 
'X-RAY DIFFRACTION' 1.901 1.963  1469 . 80 1389 100.0000 . 0.220 . . 0.219 . . . . . 0.199 . 20 . 0.969 0.964 0.239 
'X-RAY DIFFRACTION' 1.963 2.032  1442 . 73 1369 100.0000 . 0.213 . . 0.212 . . . . . 0.196 . 20 . 0.971 0.965 0.238 
'X-RAY DIFFRACTION' 2.032 2.108  1389 . 64 1325 100.0000 . 0.210 . . 0.208 . . . . . 0.199 . 20 . 0.972 0.955 0.244 
'X-RAY DIFFRACTION' 2.108 2.194  1337 . 61 1276 100.0000 . 0.217 . . 0.215 . . . . . 0.209 . 20 . 0.970 0.955 0.265 
'X-RAY DIFFRACTION' 2.194 2.292  1273 . 72 1201 100.0000 . 0.209 . . 0.206 . . . . . 0.202 . 20 . 0.972 0.951 0.257 
'X-RAY DIFFRACTION' 2.292 2.403  1230 . 73 1157 100.0000 . 0.201 . . 0.201 . . . . . 0.200 . 20 . 0.974 0.975 0.203 
'X-RAY DIFFRACTION' 2.403 2.533  1173 . 55 1118 100.0000 . 0.203 . . 0.201 . . . . . 0.204 . 20 . 0.974 0.970 0.234 
'X-RAY DIFFRACTION' 2.533 2.686  1120 . 67 1053 100.0000 . 0.219 . . 0.217 . . . . . 0.226 . 20 . 0.969 0.960 0.250 
'X-RAY DIFFRACTION' 2.686 2.871  1044 . 46 998  100.0000 . 0.198 . . 0.198 . . . . . 0.211 . 20 . 0.973 0.974 0.195 
'X-RAY DIFFRACTION' 2.871 3.100  987  . 49 938  100.0000 . 0.185 . . 0.187 . . . . . 0.208 . 20 . 0.978 0.982 0.150 
'X-RAY DIFFRACTION' 3.100 3.394  912  . 38 873  99.8904  . 0.172 . . 0.171 . . . . . 0.198 . 20 . 0.982 0.982 0.178 
'X-RAY DIFFRACTION' 3.394 3.793  836  . 27 809  100.0000 . 0.174 . . 0.172 . . . . . 0.206 . 20 . 0.983 0.976 0.225 
'X-RAY DIFFRACTION' 3.793 4.375  734  . 32 702  100.0000 . 0.162 . . 0.162 . . . . . 0.200 . 20 . 0.985 0.985 0.179 
'X-RAY DIFFRACTION' 4.375 5.346  643  . 35 608  100.0000 . 0.160 . . 0.161 . . . . . 0.207 . 20 . 0.985 0.990 0.145 
'X-RAY DIFFRACTION' 5.346 7.513  516  . 26 490  100.0000 . 0.250 . . 0.247 . . . . . 0.303 . 20 . 0.970 0.969 0.315 
'X-RAY DIFFRACTION' 7.513 47.375 323  . 16 307  100.0000 . 0.236 . . 0.236 . . . . . 0.331 . 20 . 0.963 0.960 0.244 
# 
_struct.entry_id                     9GII 
_struct.title                        'Jumonji domain-containing protein 2A with crystallization epitope mutation R913A' 
_struct.pdbx_model_details           ? 
_struct.pdbx_formula_weight          ? 
_struct.pdbx_formula_weight_method   ? 
_struct.pdbx_model_type_details      ? 
_struct.pdbx_CASP_flag               N 
# 
_struct_keywords.entry_id        9GII 
_struct_keywords.text            
'Crystal Epitopes, Jumonji domain, Structural Genomics, Structural Genomics Consortium, SGC, OXIDOREDUCTASE' 
_struct_keywords.pdbx_keywords   OXIDOREDUCTASE 
# 
loop_
_struct_asym.id 
_struct_asym.pdbx_blank_PDB_chainid_flag 
_struct_asym.pdbx_modified 
_struct_asym.entity_id 
_struct_asym.details 
A N N 1 ? 
B N N 2 ? 
C N N 2 ? 
D N N 2 ? 
E N N 3 ? 
F N N 4 ? 
# 
_struct_ref.id                         1 
_struct_ref.db_name                    UNP 
_struct_ref.db_code                    KDM4A_HUMAN 
_struct_ref.pdbx_db_accession          O75164 
_struct_ref.pdbx_db_isoform            ? 
_struct_ref.entity_id                  1 
_struct_ref.pdbx_seq_one_letter_code   
;QSITAGQKVISKHKNGRFYQCEVVRLTTETFYEVNFDDGSFSDNLYPEDIVSQDCLQFGPPAEGEVVQVRWTDGQVYGAK
FVASHPIQMYQVEFEDGSQLVVKRDDVYTLDEELP
;
_struct_ref.pdbx_align_begin           897 
# 
_struct_ref_seq.align_id                      1 
_struct_ref_seq.ref_id                        1 
_struct_ref_seq.pdbx_PDB_id_code              9GII 
_struct_ref_seq.pdbx_strand_id                A 
_struct_ref_seq.seq_align_beg                 3 
_struct_ref_seq.pdbx_seq_align_beg_ins_code   ? 
_struct_ref_seq.seq_align_end                 117 
_struct_ref_seq.pdbx_seq_align_end_ins_code   ? 
_struct_ref_seq.pdbx_db_accession             O75164 
_struct_ref_seq.db_align_beg                  897 
_struct_ref_seq.pdbx_db_align_beg_ins_code    ? 
_struct_ref_seq.db_align_end                  1011 
_struct_ref_seq.pdbx_db_align_end_ins_code    ? 
_struct_ref_seq.pdbx_auth_seq_align_beg       897 
_struct_ref_seq.pdbx_auth_seq_align_end       1011 
# 
loop_
_struct_ref_seq_dif.align_id 
_struct_ref_seq_dif.pdbx_pdb_id_code 
_struct_ref_seq_dif.mon_id 
_struct_ref_seq_dif.pdbx_pdb_strand_id 
_struct_ref_seq_dif.seq_num 
_struct_ref_seq_dif.pdbx_pdb_ins_code 
_struct_ref_seq_dif.pdbx_seq_db_name 
_struct_ref_seq_dif.pdbx_seq_db_accession_code 
_struct_ref_seq_dif.db_mon_id 
_struct_ref_seq_dif.pdbx_seq_db_seq_num 
_struct_ref_seq_dif.details 
_struct_ref_seq_dif.pdbx_auth_seq_num 
_struct_ref_seq_dif.pdbx_ordinal 
1 9GII SER A 1  ? UNP O75164 ?   ?   'expression tag'      895 1 
1 9GII MET A 2  ? UNP O75164 ?   ?   'expression tag'      896 2 
1 9GII ALA A 19 ? UNP O75164 ARG 913 'engineered mutation' 913 3 
# 
_pdbx_struct_assembly.id                   1 
_pdbx_struct_assembly.details              author_and_software_defined_assembly 
_pdbx_struct_assembly.method_details       PISA 
_pdbx_struct_assembly.oligomeric_details   monomeric 
_pdbx_struct_assembly.oligomeric_count     1 
# 
loop_
_pdbx_struct_assembly_prop.biol_id 
_pdbx_struct_assembly_prop.type 
_pdbx_struct_assembly_prop.value 
_pdbx_struct_assembly_prop.details 
1 'ABSA (A^2)' 670  ? 
1 MORE         -29  ? 
1 'SSA (A^2)'  7370 ? 
# 
_pdbx_struct_assembly_gen.assembly_id       1 
_pdbx_struct_assembly_gen.oper_expression   1 
_pdbx_struct_assembly_gen.asym_id_list      A,B,C,D,E,F 
# 
_pdbx_struct_assembly_auth_evidence.id                     1 
_pdbx_struct_assembly_auth_evidence.assembly_id            1 
_pdbx_struct_assembly_auth_evidence.experimental_support   'gel filtration' 
_pdbx_struct_assembly_auth_evidence.details                ? 
# 
_pdbx_struct_oper_list.id                   1 
_pdbx_struct_oper_list.type                 'identity operation' 
_pdbx_struct_oper_list.name                 1_555 
_pdbx_struct_oper_list.symmetry_operation   x,y,z 
_pdbx_struct_oper_list.matrix[1][1]         1.0000000000 
_pdbx_struct_oper_list.matrix[1][2]         0.0000000000 
_pdbx_struct_oper_list.matrix[1][3]         0.0000000000 
_pdbx_struct_oper_list.vector[1]            0.0000000000 
_pdbx_struct_oper_list.matrix[2][1]         0.0000000000 
_pdbx_struct_oper_list.matrix[2][2]         1.0000000000 
_pdbx_struct_oper_list.matrix[2][3]         0.0000000000 
_pdbx_struct_oper_list.vector[2]            0.0000000000 
_pdbx_struct_oper_list.matrix[3][1]         0.0000000000 
_pdbx_struct_oper_list.matrix[3][2]         0.0000000000 
_pdbx_struct_oper_list.matrix[3][3]         1.0000000000 
_pdbx_struct_oper_list.vector[3]            0.0000000000 
# 
loop_
_struct_conf.conf_type_id 
_struct_conf.id 
_struct_conf.pdbx_PDB_helix_id 
_struct_conf.beg_label_comp_id 
_struct_conf.beg_label_asym_id 
_struct_conf.beg_label_seq_id 
_struct_conf.pdbx_beg_PDB_ins_code 
_struct_conf.end_label_comp_id 
_struct_conf.end_label_asym_id 
_struct_conf.end_label_seq_id 
_struct_conf.pdbx_end_PDB_ins_code 
_struct_conf.beg_auth_comp_id 
_struct_conf.beg_auth_asym_id 
_struct_conf.beg_auth_seq_id 
_struct_conf.end_auth_comp_id 
_struct_conf.end_auth_asym_id 
_struct_conf.end_auth_seq_id 
_struct_conf.pdbx_PDB_helix_class 
_struct_conf.details 
_struct_conf.pdbx_PDB_helix_length 
HELX_P HELX_P1 AA1 TYR A 48  ? ILE A 52  ? TYR A 942 ILE A 946  5 ? 5 
HELX_P HELX_P2 AA2 ASP A 56  ? GLY A 61  ? ASP A 950 GLY A 955  1 ? 6 
HELX_P HELX_P3 AA3 LYS A 105 ? VAL A 109 ? LYS A 999 VAL A 1003 5 ? 5 
# 
_struct_conf_type.id          HELX_P 
_struct_conf_type.criteria    ? 
_struct_conf_type.reference   ? 
# 
loop_
_struct_sheet.id 
_struct_sheet.type 
_struct_sheet.number_strands 
_struct_sheet.details 
AA1 ? 4 ? 
AA2 ? 4 ? 
# 
loop_
_struct_sheet_order.sheet_id 
_struct_sheet_order.range_id_1 
_struct_sheet_order.range_id_2 
_struct_sheet_order.offset 
_struct_sheet_order.sense 
AA1 1 2 ? anti-parallel 
AA1 2 3 ? anti-parallel 
AA1 3 4 ? anti-parallel 
AA2 1 2 ? anti-parallel 
AA2 2 3 ? anti-parallel 
AA2 3 4 ? anti-parallel 
# 
loop_
_struct_sheet_range.sheet_id 
_struct_sheet_range.id 
_struct_sheet_range.beg_label_comp_id 
_struct_sheet_range.beg_label_asym_id 
_struct_sheet_range.beg_label_seq_id 
_struct_sheet_range.pdbx_beg_PDB_ins_code 
_struct_sheet_range.end_label_comp_id 
_struct_sheet_range.end_label_asym_id 
_struct_sheet_range.end_label_seq_id 
_struct_sheet_range.pdbx_end_PDB_ins_code 
_struct_sheet_range.beg_auth_comp_id 
_struct_sheet_range.beg_auth_asym_id 
_struct_sheet_range.beg_auth_seq_id 
_struct_sheet_range.end_auth_comp_id 
_struct_sheet_range.end_auth_asym_id 
_struct_sheet_range.end_auth_seq_id 
AA1 1 LYS A 10  ? LYS A 14  ? LYS A 904 LYS A 908 
AA1 2 PHE A 20  ? PHE A 38  ? PHE A 914 PHE A 932 
AA1 3 VAL A 78  ? GLU A 95  ? VAL A 972 GLU A 989 
AA1 4 VAL A 68  ? ARG A 72  ? VAL A 962 ARG A 966 
AA2 1 PHE A 43  ? LEU A 47  ? PHE A 937 LEU A 941 
AA2 2 PHE A 20  ? PHE A 38  ? PHE A 914 PHE A 932 
AA2 3 VAL A 78  ? GLU A 95  ? VAL A 972 GLU A 989 
AA2 4 GLN A 101 ? VAL A 104 ? GLN A 995 VAL A 998 
# 
loop_
_pdbx_struct_sheet_hbond.sheet_id 
_pdbx_struct_sheet_hbond.range_id_1 
_pdbx_struct_sheet_hbond.range_id_2 
_pdbx_struct_sheet_hbond.range_1_label_atom_id 
_pdbx_struct_sheet_hbond.range_1_label_comp_id 
_pdbx_struct_sheet_hbond.range_1_label_asym_id 
_pdbx_struct_sheet_hbond.range_1_label_seq_id 
_pdbx_struct_sheet_hbond.range_1_PDB_ins_code 
_pdbx_struct_sheet_hbond.range_1_auth_atom_id 
_pdbx_struct_sheet_hbond.range_1_auth_comp_id 
_pdbx_struct_sheet_hbond.range_1_auth_asym_id 
_pdbx_struct_sheet_hbond.range_1_auth_seq_id 
_pdbx_struct_sheet_hbond.range_2_label_atom_id 
_pdbx_struct_sheet_hbond.range_2_label_comp_id 
_pdbx_struct_sheet_hbond.range_2_label_asym_id 
_pdbx_struct_sheet_hbond.range_2_label_seq_id 
_pdbx_struct_sheet_hbond.range_2_PDB_ins_code 
_pdbx_struct_sheet_hbond.range_2_auth_atom_id 
_pdbx_struct_sheet_hbond.range_2_auth_comp_id 
_pdbx_struct_sheet_hbond.range_2_auth_asym_id 
_pdbx_struct_sheet_hbond.range_2_auth_seq_id 
AA1 1 2 N VAL A 11 ? N VAL A 905 O CYS A 23  ? O CYS A 917 
AA1 2 3 N THR A 29 ? N THR A 923 O MET A 91  ? O MET A 985 
AA1 3 4 O TYR A 79 ? O TYR A 973 N VAL A 71  ? N VAL A 965 
AA2 1 2 O LEU A 47 ? O LEU A 941 N TYR A 34  ? N TYR A 928 
AA2 2 3 N THR A 29 ? N THR A 923 O MET A 91  ? O MET A 985 
AA2 3 4 N TYR A 92 ? N TYR A 986 O VAL A 104 ? O VAL A 998 
# 
_pdbx_entry_details.entry_id                   9GII 
_pdbx_entry_details.has_ligand_of_interest     N 
_pdbx_entry_details.compound_details           ? 
_pdbx_entry_details.source_details             ? 
_pdbx_entry_details.nonpolymer_details         ? 
_pdbx_entry_details.sequence_details           ? 
_pdbx_entry_details.has_protein_modification   ? 
# 
loop_
_pdbx_validate_close_contact.id 
_pdbx_validate_close_contact.PDB_model_num 
_pdbx_validate_close_contact.auth_atom_id_1 
_pdbx_validate_close_contact.auth_asym_id_1 
_pdbx_validate_close_contact.auth_comp_id_1 
_pdbx_validate_close_contact.auth_seq_id_1 
_pdbx_validate_close_contact.PDB_ins_code_1 
_pdbx_validate_close_contact.label_alt_id_1 
_pdbx_validate_close_contact.auth_atom_id_2 
_pdbx_validate_close_contact.auth_asym_id_2 
_pdbx_validate_close_contact.auth_comp_id_2 
_pdbx_validate_close_contact.auth_seq_id_2 
_pdbx_validate_close_contact.PDB_ins_code_2 
_pdbx_validate_close_contact.label_alt_id_2 
_pdbx_validate_close_contact.dist 
1 1 O   A HOH 1206 ? ? O A HOH 1271 ? ? 2.04 
2 1 OE2 A GLU 991  ? ? O A HOH 1201 ? ? 2.19 
# 
loop_
_pdbx_validate_rmsd_angle.id 
_pdbx_validate_rmsd_angle.PDB_model_num 
_pdbx_validate_rmsd_angle.auth_atom_id_1 
_pdbx_validate_rmsd_angle.auth_asym_id_1 
_pdbx_validate_rmsd_angle.auth_comp_id_1 
_pdbx_validate_rmsd_angle.auth_seq_id_1 
_pdbx_validate_rmsd_angle.PDB_ins_code_1 
_pdbx_validate_rmsd_angle.label_alt_id_1 
_pdbx_validate_rmsd_angle.auth_atom_id_2 
_pdbx_validate_rmsd_angle.auth_asym_id_2 
_pdbx_validate_rmsd_angle.auth_comp_id_2 
_pdbx_validate_rmsd_angle.auth_seq_id_2 
_pdbx_validate_rmsd_angle.PDB_ins_code_2 
_pdbx_validate_rmsd_angle.label_alt_id_2 
_pdbx_validate_rmsd_angle.auth_atom_id_3 
_pdbx_validate_rmsd_angle.auth_asym_id_3 
_pdbx_validate_rmsd_angle.auth_comp_id_3 
_pdbx_validate_rmsd_angle.auth_seq_id_3 
_pdbx_validate_rmsd_angle.PDB_ins_code_3 
_pdbx_validate_rmsd_angle.label_alt_id_3 
_pdbx_validate_rmsd_angle.angle_value 
_pdbx_validate_rmsd_angle.angle_target_value 
_pdbx_validate_rmsd_angle.angle_deviation 
_pdbx_validate_rmsd_angle.angle_standard_deviation 
_pdbx_validate_rmsd_angle.linker_flag 
1 1 NE A ARG 921 ? ? CZ A ARG 921 ? ? NH1 A ARG 921 ? ? 123.56 120.30 3.26   0.50 N 
2 1 CA A THR 923 ? ? CB A THR 923 ? ? OG1 A THR 923 ? ? 93.47  109.00 -15.53 2.10 N 
3 1 N  A GLN 984 ? ? CA A GLN 984 ? ? CB  A GLN 984 ? ? 97.90  110.60 -12.70 1.80 N 
4 1 CG A MET 985 ? ? SD A MET 985 ? ? CE  A MET 985 ? ? 111.53 100.20 11.33  1.60 N 
# 
loop_
_pdbx_validate_torsion.id 
_pdbx_validate_torsion.PDB_model_num 
_pdbx_validate_torsion.auth_comp_id 
_pdbx_validate_torsion.auth_asym_id 
_pdbx_validate_torsion.auth_seq_id 
_pdbx_validate_torsion.PDB_ins_code 
_pdbx_validate_torsion.label_alt_id 
_pdbx_validate_torsion.phi 
_pdbx_validate_torsion.psi 
1 1 GLN A 897 ? ? -28.48  142.41 
2 1 ASN A 940 ? ? -147.39 40.87  
# 
_pdbx_validate_planes.id              1 
_pdbx_validate_planes.PDB_model_num   1 
_pdbx_validate_planes.auth_comp_id    ARG 
_pdbx_validate_planes.auth_asym_id    A 
_pdbx_validate_planes.auth_seq_id     966 
_pdbx_validate_planes.PDB_ins_code    ? 
_pdbx_validate_planes.label_alt_id    ? 
_pdbx_validate_planes.rmsd            0.121 
_pdbx_validate_planes.type            'SIDE CHAIN' 
# 
_pdbx_SG_project.id                    1 
_pdbx_SG_project.project_name          ? 
_pdbx_SG_project.full_name_of_center   'Structural Genomics Consortium' 
_pdbx_SG_project.initial_of_center     SGC 
# 
_pdbx_unobs_or_zero_occ_residues.id               1 
_pdbx_unobs_or_zero_occ_residues.PDB_model_num    1 
_pdbx_unobs_or_zero_occ_residues.polymer_flag     Y 
_pdbx_unobs_or_zero_occ_residues.occupancy_flag   1 
_pdbx_unobs_or_zero_occ_residues.auth_asym_id     A 
_pdbx_unobs_or_zero_occ_residues.auth_comp_id     SER 
_pdbx_unobs_or_zero_occ_residues.auth_seq_id      895 
_pdbx_unobs_or_zero_occ_residues.PDB_ins_code     ? 
_pdbx_unobs_or_zero_occ_residues.label_asym_id    A 
_pdbx_unobs_or_zero_occ_residues.label_comp_id    SER 
_pdbx_unobs_or_zero_occ_residues.label_seq_id     1 
# 
loop_
_chem_comp_atom.comp_id 
_chem_comp_atom.atom_id 
_chem_comp_atom.type_symbol 
_chem_comp_atom.pdbx_aromatic_flag 
_chem_comp_atom.pdbx_stereo_config 
_chem_comp_atom.pdbx_ordinal 
ALA N    N N N 1   
ALA CA   C N S 2   
ALA C    C N N 3   
ALA O    O N N 4   
ALA CB   C N N 5   
ALA OXT  O N N 6   
ALA H    H N N 7   
ALA H2   H N N 8   
ALA HA   H N N 9   
ALA HB1  H N N 10  
ALA HB2  H N N 11  
ALA HB3  H N N 12  
ALA HXT  H N N 13  
ARG N    N N N 14  
ARG CA   C N S 15  
ARG C    C N N 16  
ARG O    O N N 17  
ARG CB   C N N 18  
ARG CG   C N N 19  
ARG CD   C N N 20  
ARG NE   N N N 21  
ARG CZ   C N N 22  
ARG NH1  N N N 23  
ARG NH2  N N N 24  
ARG OXT  O N N 25  
ARG H    H N N 26  
ARG H2   H N N 27  
ARG HA   H N N 28  
ARG HB2  H N N 29  
ARG HB3  H N N 30  
ARG HG2  H N N 31  
ARG HG3  H N N 32  
ARG HD2  H N N 33  
ARG HD3  H N N 34  
ARG HE   H N N 35  
ARG HH11 H N N 36  
ARG HH12 H N N 37  
ARG HH21 H N N 38  
ARG HH22 H N N 39  
ARG HXT  H N N 40  
ASN N    N N N 41  
ASN CA   C N S 42  
ASN C    C N N 43  
ASN O    O N N 44  
ASN CB   C N N 45  
ASN CG   C N N 46  
ASN OD1  O N N 47  
ASN ND2  N N N 48  
ASN OXT  O N N 49  
ASN H    H N N 50  
ASN H2   H N N 51  
ASN HA   H N N 52  
ASN HB2  H N N 53  
ASN HB3  H N N 54  
ASN HD21 H N N 55  
ASN HD22 H N N 56  
ASN HXT  H N N 57  
ASP N    N N N 58  
ASP CA   C N S 59  
ASP C    C N N 60  
ASP O    O N N 61  
ASP CB   C N N 62  
ASP CG   C N N 63  
ASP OD1  O N N 64  
ASP OD2  O N N 65  
ASP OXT  O N N 66  
ASP H    H N N 67  
ASP H2   H N N 68  
ASP HA   H N N 69  
ASP HB2  H N N 70  
ASP HB3  H N N 71  
ASP HD2  H N N 72  
ASP HXT  H N N 73  
CYS N    N N N 74  
CYS CA   C N R 75  
CYS C    C N N 76  
CYS O    O N N 77  
CYS CB   C N N 78  
CYS SG   S N N 79  
CYS OXT  O N N 80  
CYS H    H N N 81  
CYS H2   H N N 82  
CYS HA   H N N 83  
CYS HB2  H N N 84  
CYS HB3  H N N 85  
CYS HG   H N N 86  
CYS HXT  H N N 87  
GLN N    N N N 88  
GLN CA   C N S 89  
GLN C    C N N 90  
GLN O    O N N 91  
GLN CB   C N N 92  
GLN CG   C N N 93  
GLN CD   C N N 94  
GLN OE1  O N N 95  
GLN NE2  N N N 96  
GLN OXT  O N N 97  
GLN H    H N N 98  
GLN H2   H N N 99  
GLN HA   H N N 100 
GLN HB2  H N N 101 
GLN HB3  H N N 102 
GLN HG2  H N N 103 
GLN HG3  H N N 104 
GLN HE21 H N N 105 
GLN HE22 H N N 106 
GLN HXT  H N N 107 
GLU N    N N N 108 
GLU CA   C N S 109 
GLU C    C N N 110 
GLU O    O N N 111 
GLU CB   C N N 112 
GLU CG   C N N 113 
GLU CD   C N N 114 
GLU OE1  O N N 115 
GLU OE2  O N N 116 
GLU OXT  O N N 117 
GLU H    H N N 118 
GLU H2   H N N 119 
GLU HA   H N N 120 
GLU HB2  H N N 121 
GLU HB3  H N N 122 
GLU HG2  H N N 123 
GLU HG3  H N N 124 
GLU HE2  H N N 125 
GLU HXT  H N N 126 
GLY N    N N N 127 
GLY CA   C N N 128 
GLY C    C N N 129 
GLY O    O N N 130 
GLY OXT  O N N 131 
GLY H    H N N 132 
GLY H2   H N N 133 
GLY HA2  H N N 134 
GLY HA3  H N N 135 
GLY HXT  H N N 136 
GOL C1   C N N 137 
GOL O1   O N N 138 
GOL C2   C N N 139 
GOL O2   O N N 140 
GOL C3   C N N 141 
GOL O3   O N N 142 
GOL H11  H N N 143 
GOL H12  H N N 144 
GOL HO1  H N N 145 
GOL H2   H N N 146 
GOL HO2  H N N 147 
GOL H31  H N N 148 
GOL H32  H N N 149 
GOL HO3  H N N 150 
HIS N    N N N 151 
HIS CA   C N S 152 
HIS C    C N N 153 
HIS O    O N N 154 
HIS CB   C N N 155 
HIS CG   C Y N 156 
HIS ND1  N Y N 157 
HIS CD2  C Y N 158 
HIS CE1  C Y N 159 
HIS NE2  N Y N 160 
HIS OXT  O N N 161 
HIS H    H N N 162 
HIS H2   H N N 163 
HIS HA   H N N 164 
HIS HB2  H N N 165 
HIS HB3  H N N 166 
HIS HD1  H N N 167 
HIS HD2  H N N 168 
HIS HE1  H N N 169 
HIS HE2  H N N 170 
HIS HXT  H N N 171 
HOH O    O N N 172 
HOH H1   H N N 173 
HOH H2   H N N 174 
ILE N    N N N 175 
ILE CA   C N S 176 
ILE C    C N N 177 
ILE O    O N N 178 
ILE CB   C N S 179 
ILE CG1  C N N 180 
ILE CG2  C N N 181 
ILE CD1  C N N 182 
ILE OXT  O N N 183 
ILE H    H N N 184 
ILE H2   H N N 185 
ILE HA   H N N 186 
ILE HB   H N N 187 
ILE HG12 H N N 188 
ILE HG13 H N N 189 
ILE HG21 H N N 190 
ILE HG22 H N N 191 
ILE HG23 H N N 192 
ILE HD11 H N N 193 
ILE HD12 H N N 194 
ILE HD13 H N N 195 
ILE HXT  H N N 196 
LEU N    N N N 197 
LEU CA   C N S 198 
LEU C    C N N 199 
LEU O    O N N 200 
LEU CB   C N N 201 
LEU CG   C N N 202 
LEU CD1  C N N 203 
LEU CD2  C N N 204 
LEU OXT  O N N 205 
LEU H    H N N 206 
LEU H2   H N N 207 
LEU HA   H N N 208 
LEU HB2  H N N 209 
LEU HB3  H N N 210 
LEU HG   H N N 211 
LEU HD11 H N N 212 
LEU HD12 H N N 213 
LEU HD13 H N N 214 
LEU HD21 H N N 215 
LEU HD22 H N N 216 
LEU HD23 H N N 217 
LEU HXT  H N N 218 
LYS N    N N N 219 
LYS CA   C N S 220 
LYS C    C N N 221 
LYS O    O N N 222 
LYS CB   C N N 223 
LYS CG   C N N 224 
LYS CD   C N N 225 
LYS CE   C N N 226 
LYS NZ   N N N 227 
LYS OXT  O N N 228 
LYS H    H N N 229 
LYS H2   H N N 230 
LYS HA   H N N 231 
LYS HB2  H N N 232 
LYS HB3  H N N 233 
LYS HG2  H N N 234 
LYS HG3  H N N 235 
LYS HD2  H N N 236 
LYS HD3  H N N 237 
LYS HE2  H N N 238 
LYS HE3  H N N 239 
LYS HZ1  H N N 240 
LYS HZ2  H N N 241 
LYS HZ3  H N N 242 
LYS HXT  H N N 243 
MET N    N N N 244 
MET CA   C N S 245 
MET C    C N N 246 
MET O    O N N 247 
MET CB   C N N 248 
MET CG   C N N 249 
MET SD   S N N 250 
MET CE   C N N 251 
MET OXT  O N N 252 
MET H    H N N 253 
MET H2   H N N 254 
MET HA   H N N 255 
MET HB2  H N N 256 
MET HB3  H N N 257 
MET HG2  H N N 258 
MET HG3  H N N 259 
MET HE1  H N N 260 
MET HE2  H N N 261 
MET HE3  H N N 262 
MET HXT  H N N 263 
PHE N    N N N 264 
PHE CA   C N S 265 
PHE C    C N N 266 
PHE O    O N N 267 
PHE CB   C N N 268 
PHE CG   C Y N 269 
PHE CD1  C Y N 270 
PHE CD2  C Y N 271 
PHE CE1  C Y N 272 
PHE CE2  C Y N 273 
PHE CZ   C Y N 274 
PHE OXT  O N N 275 
PHE H    H N N 276 
PHE H2   H N N 277 
PHE HA   H N N 278 
PHE HB2  H N N 279 
PHE HB3  H N N 280 
PHE HD1  H N N 281 
PHE HD2  H N N 282 
PHE HE1  H N N 283 
PHE HE2  H N N 284 
PHE HZ   H N N 285 
PHE HXT  H N N 286 
PRO N    N N N 287 
PRO CA   C N S 288 
PRO C    C N N 289 
PRO O    O N N 290 
PRO CB   C N N 291 
PRO CG   C N N 292 
PRO CD   C N N 293 
PRO OXT  O N N 294 
PRO H    H N N 295 
PRO HA   H N N 296 
PRO HB2  H N N 297 
PRO HB3  H N N 298 
PRO HG2  H N N 299 
PRO HG3  H N N 300 
PRO HD2  H N N 301 
PRO HD3  H N N 302 
PRO HXT  H N N 303 
SER N    N N N 304 
SER CA   C N S 305 
SER C    C N N 306 
SER O    O N N 307 
SER CB   C N N 308 
SER OG   O N N 309 
SER OXT  O N N 310 
SER H    H N N 311 
SER H2   H N N 312 
SER HA   H N N 313 
SER HB2  H N N 314 
SER HB3  H N N 315 
SER HG   H N N 316 
SER HXT  H N N 317 
SO4 S    S N N 318 
SO4 O1   O N N 319 
SO4 O2   O N N 320 
SO4 O3   O N N 321 
SO4 O4   O N N 322 
THR N    N N N 323 
THR CA   C N S 324 
THR C    C N N 325 
THR O    O N N 326 
THR CB   C N R 327 
THR OG1  O N N 328 
THR CG2  C N N 329 
THR OXT  O N N 330 
THR H    H N N 331 
THR H2   H N N 332 
THR HA   H N N 333 
THR HB   H N N 334 
THR HG1  H N N 335 
THR HG21 H N N 336 
THR HG22 H N N 337 
THR HG23 H N N 338 
THR HXT  H N N 339 
TRP N    N N N 340 
TRP CA   C N S 341 
TRP C    C N N 342 
TRP O    O N N 343 
TRP CB   C N N 344 
TRP CG   C Y N 345 
TRP CD1  C Y N 346 
TRP CD2  C Y N 347 
TRP NE1  N Y N 348 
TRP CE2  C Y N 349 
TRP CE3  C Y N 350 
TRP CZ2  C Y N 351 
TRP CZ3  C Y N 352 
TRP CH2  C Y N 353 
TRP OXT  O N N 354 
TRP H    H N N 355 
TRP H2   H N N 356 
TRP HA   H N N 357 
TRP HB2  H N N 358 
TRP HB3  H N N 359 
TRP HD1  H N N 360 
TRP HE1  H N N 361 
TRP HE3  H N N 362 
TRP HZ2  H N N 363 
TRP HZ3  H N N 364 
TRP HH2  H N N 365 
TRP HXT  H N N 366 
TYR N    N N N 367 
TYR CA   C N S 368 
TYR C    C N N 369 
TYR O    O N N 370 
TYR CB   C N N 371 
TYR CG   C Y N 372 
TYR CD1  C Y N 373 
TYR CD2  C Y N 374 
TYR CE1  C Y N 375 
TYR CE2  C Y N 376 
TYR CZ   C Y N 377 
TYR OH   O N N 378 
TYR OXT  O N N 379 
TYR H    H N N 380 
TYR H2   H N N 381 
TYR HA   H N N 382 
TYR HB2  H N N 383 
TYR HB3  H N N 384 
TYR HD1  H N N 385 
TYR HD2  H N N 386 
TYR HE1  H N N 387 
TYR HE2  H N N 388 
TYR HH   H N N 389 
TYR HXT  H N N 390 
VAL N    N N N 391 
VAL CA   C N S 392 
VAL C    C N N 393 
VAL O    O N N 394 
VAL CB   C N N 395 
VAL CG1  C N N 396 
VAL CG2  C N N 397 
VAL OXT  O N N 398 
VAL H    H N N 399 
VAL H2   H N N 400 
VAL HA   H N N 401 
VAL HB   H N N 402 
VAL HG11 H N N 403 
VAL HG12 H N N 404 
VAL HG13 H N N 405 
VAL HG21 H N N 406 
VAL HG22 H N N 407 
VAL HG23 H N N 408 
VAL HXT  H N N 409 
# 
loop_
_chem_comp_bond.comp_id 
_chem_comp_bond.atom_id_1 
_chem_comp_bond.atom_id_2 
_chem_comp_bond.value_order 
_chem_comp_bond.pdbx_aromatic_flag 
_chem_comp_bond.pdbx_stereo_config 
_chem_comp_bond.pdbx_ordinal 
ALA N   CA   sing N N 1   
ALA N   H    sing N N 2   
ALA N   H2   sing N N 3   
ALA CA  C    sing N N 4   
ALA CA  CB   sing N N 5   
ALA CA  HA   sing N N 6   
ALA C   O    doub N N 7   
ALA C   OXT  sing N N 8   
ALA CB  HB1  sing N N 9   
ALA CB  HB2  sing N N 10  
ALA CB  HB3  sing N N 11  
ALA OXT HXT  sing N N 12  
ARG N   CA   sing N N 13  
ARG N   H    sing N N 14  
ARG N   H2   sing N N 15  
ARG CA  C    sing N N 16  
ARG CA  CB   sing N N 17  
ARG CA  HA   sing N N 18  
ARG C   O    doub N N 19  
ARG C   OXT  sing N N 20  
ARG CB  CG   sing N N 21  
ARG CB  HB2  sing N N 22  
ARG CB  HB3  sing N N 23  
ARG CG  CD   sing N N 24  
ARG CG  HG2  sing N N 25  
ARG CG  HG3  sing N N 26  
ARG CD  NE   sing N N 27  
ARG CD  HD2  sing N N 28  
ARG CD  HD3  sing N N 29  
ARG NE  CZ   sing N N 30  
ARG NE  HE   sing N N 31  
ARG CZ  NH1  sing N N 32  
ARG CZ  NH2  doub N N 33  
ARG NH1 HH11 sing N N 34  
ARG NH1 HH12 sing N N 35  
ARG NH2 HH21 sing N N 36  
ARG NH2 HH22 sing N N 37  
ARG OXT HXT  sing N N 38  
ASN N   CA   sing N N 39  
ASN N   H    sing N N 40  
ASN N   H2   sing N N 41  
ASN CA  C    sing N N 42  
ASN CA  CB   sing N N 43  
ASN CA  HA   sing N N 44  
ASN C   O    doub N N 45  
ASN C   OXT  sing N N 46  
ASN CB  CG   sing N N 47  
ASN CB  HB2  sing N N 48  
ASN CB  HB3  sing N N 49  
ASN CG  OD1  doub N N 50  
ASN CG  ND2  sing N N 51  
ASN ND2 HD21 sing N N 52  
ASN ND2 HD22 sing N N 53  
ASN OXT HXT  sing N N 54  
ASP N   CA   sing N N 55  
ASP N   H    sing N N 56  
ASP N   H2   sing N N 57  
ASP CA  C    sing N N 58  
ASP CA  CB   sing N N 59  
ASP CA  HA   sing N N 60  
ASP C   O    doub N N 61  
ASP C   OXT  sing N N 62  
ASP CB  CG   sing N N 63  
ASP CB  HB2  sing N N 64  
ASP CB  HB3  sing N N 65  
ASP CG  OD1  doub N N 66  
ASP CG  OD2  sing N N 67  
ASP OD2 HD2  sing N N 68  
ASP OXT HXT  sing N N 69  
CYS N   CA   sing N N 70  
CYS N   H    sing N N 71  
CYS N   H2   sing N N 72  
CYS CA  C    sing N N 73  
CYS CA  CB   sing N N 74  
CYS CA  HA   sing N N 75  
CYS C   O    doub N N 76  
CYS C   OXT  sing N N 77  
CYS CB  SG   sing N N 78  
CYS CB  HB2  sing N N 79  
CYS CB  HB3  sing N N 80  
CYS SG  HG   sing N N 81  
CYS OXT HXT  sing N N 82  
GLN N   CA   sing N N 83  
GLN N   H    sing N N 84  
GLN N   H2   sing N N 85  
GLN CA  C    sing N N 86  
GLN CA  CB   sing N N 87  
GLN CA  HA   sing N N 88  
GLN C   O    doub N N 89  
GLN C   OXT  sing N N 90  
GLN CB  CG   sing N N 91  
GLN CB  HB2  sing N N 92  
GLN CB  HB3  sing N N 93  
GLN CG  CD   sing N N 94  
GLN CG  HG2  sing N N 95  
GLN CG  HG3  sing N N 96  
GLN CD  OE1  doub N N 97  
GLN CD  NE2  sing N N 98  
GLN NE2 HE21 sing N N 99  
GLN NE2 HE22 sing N N 100 
GLN OXT HXT  sing N N 101 
GLU N   CA   sing N N 102 
GLU N   H    sing N N 103 
GLU N   H2   sing N N 104 
GLU CA  C    sing N N 105 
GLU CA  CB   sing N N 106 
GLU CA  HA   sing N N 107 
GLU C   O    doub N N 108 
GLU C   OXT  sing N N 109 
GLU CB  CG   sing N N 110 
GLU CB  HB2  sing N N 111 
GLU CB  HB3  sing N N 112 
GLU CG  CD   sing N N 113 
GLU CG  HG2  sing N N 114 
GLU CG  HG3  sing N N 115 
GLU CD  OE1  doub N N 116 
GLU CD  OE2  sing N N 117 
GLU OE2 HE2  sing N N 118 
GLU OXT HXT  sing N N 119 
GLY N   CA   sing N N 120 
GLY N   H    sing N N 121 
GLY N   H2   sing N N 122 
GLY CA  C    sing N N 123 
GLY CA  HA2  sing N N 124 
GLY CA  HA3  sing N N 125 
GLY C   O    doub N N 126 
GLY C   OXT  sing N N 127 
GLY OXT HXT  sing N N 128 
GOL C1  O1   sing N N 129 
GOL C1  C2   sing N N 130 
GOL C1  H11  sing N N 131 
GOL C1  H12  sing N N 132 
GOL O1  HO1  sing N N 133 
GOL C2  O2   sing N N 134 
GOL C2  C3   sing N N 135 
GOL C2  H2   sing N N 136 
GOL O2  HO2  sing N N 137 
GOL C3  O3   sing N N 138 
GOL C3  H31  sing N N 139 
GOL C3  H32  sing N N 140 
GOL O3  HO3  sing N N 141 
HIS N   CA   sing N N 142 
HIS N   H    sing N N 143 
HIS N   H2   sing N N 144 
HIS CA  C    sing N N 145 
HIS CA  CB   sing N N 146 
HIS CA  HA   sing N N 147 
HIS C   O    doub N N 148 
HIS C   OXT  sing N N 149 
HIS CB  CG   sing N N 150 
HIS CB  HB2  sing N N 151 
HIS CB  HB3  sing N N 152 
HIS CG  ND1  sing Y N 153 
HIS CG  CD2  doub Y N 154 
HIS ND1 CE1  doub Y N 155 
HIS ND1 HD1  sing N N 156 
HIS CD2 NE2  sing Y N 157 
HIS CD2 HD2  sing N N 158 
HIS CE1 NE2  sing Y N 159 
HIS CE1 HE1  sing N N 160 
HIS NE2 HE2  sing N N 161 
HIS OXT HXT  sing N N 162 
HOH O   H1   sing N N 163 
HOH O   H2   sing N N 164 
ILE N   CA   sing N N 165 
ILE N   H    sing N N 166 
ILE N   H2   sing N N 167 
ILE CA  C    sing N N 168 
ILE CA  CB   sing N N 169 
ILE CA  HA   sing N N 170 
ILE C   O    doub N N 171 
ILE C   OXT  sing N N 172 
ILE CB  CG1  sing N N 173 
ILE CB  CG2  sing N N 174 
ILE CB  HB   sing N N 175 
ILE CG1 CD1  sing N N 176 
ILE CG1 HG12 sing N N 177 
ILE CG1 HG13 sing N N 178 
ILE CG2 HG21 sing N N 179 
ILE CG2 HG22 sing N N 180 
ILE CG2 HG23 sing N N 181 
ILE CD1 HD11 sing N N 182 
ILE CD1 HD12 sing N N 183 
ILE CD1 HD13 sing N N 184 
ILE OXT HXT  sing N N 185 
LEU N   CA   sing N N 186 
LEU N   H    sing N N 187 
LEU N   H2   sing N N 188 
LEU CA  C    sing N N 189 
LEU CA  CB   sing N N 190 
LEU CA  HA   sing N N 191 
LEU C   O    doub N N 192 
LEU C   OXT  sing N N 193 
LEU CB  CG   sing N N 194 
LEU CB  HB2  sing N N 195 
LEU CB  HB3  sing N N 196 
LEU CG  CD1  sing N N 197 
LEU CG  CD2  sing N N 198 
LEU CG  HG   sing N N 199 
LEU CD1 HD11 sing N N 200 
LEU CD1 HD12 sing N N 201 
LEU CD1 HD13 sing N N 202 
LEU CD2 HD21 sing N N 203 
LEU CD2 HD22 sing N N 204 
LEU CD2 HD23 sing N N 205 
LEU OXT HXT  sing N N 206 
LYS N   CA   sing N N 207 
LYS N   H    sing N N 208 
LYS N   H2   sing N N 209 
LYS CA  C    sing N N 210 
LYS CA  CB   sing N N 211 
LYS CA  HA   sing N N 212 
LYS C   O    doub N N 213 
LYS C   OXT  sing N N 214 
LYS CB  CG   sing N N 215 
LYS CB  HB2  sing N N 216 
LYS CB  HB3  sing N N 217 
LYS CG  CD   sing N N 218 
LYS CG  HG2  sing N N 219 
LYS CG  HG3  sing N N 220 
LYS CD  CE   sing N N 221 
LYS CD  HD2  sing N N 222 
LYS CD  HD3  sing N N 223 
LYS CE  NZ   sing N N 224 
LYS CE  HE2  sing N N 225 
LYS CE  HE3  sing N N 226 
LYS NZ  HZ1  sing N N 227 
LYS NZ  HZ2  sing N N 228 
LYS NZ  HZ3  sing N N 229 
LYS OXT HXT  sing N N 230 
MET N   CA   sing N N 231 
MET N   H    sing N N 232 
MET N   H2   sing N N 233 
MET CA  C    sing N N 234 
MET CA  CB   sing N N 235 
MET CA  HA   sing N N 236 
MET C   O    doub N N 237 
MET C   OXT  sing N N 238 
MET CB  CG   sing N N 239 
MET CB  HB2  sing N N 240 
MET CB  HB3  sing N N 241 
MET CG  SD   sing N N 242 
MET CG  HG2  sing N N 243 
MET CG  HG3  sing N N 244 
MET SD  CE   sing N N 245 
MET CE  HE1  sing N N 246 
MET CE  HE2  sing N N 247 
MET CE  HE3  sing N N 248 
MET OXT HXT  sing N N 249 
PHE N   CA   sing N N 250 
PHE N   H    sing N N 251 
PHE N   H2   sing N N 252 
PHE CA  C    sing N N 253 
PHE CA  CB   sing N N 254 
PHE CA  HA   sing N N 255 
PHE C   O    doub N N 256 
PHE C   OXT  sing N N 257 
PHE CB  CG   sing N N 258 
PHE CB  HB2  sing N N 259 
PHE CB  HB3  sing N N 260 
PHE CG  CD1  doub Y N 261 
PHE CG  CD2  sing Y N 262 
PHE CD1 CE1  sing Y N 263 
PHE CD1 HD1  sing N N 264 
PHE CD2 CE2  doub Y N 265 
PHE CD2 HD2  sing N N 266 
PHE CE1 CZ   doub Y N 267 
PHE CE1 HE1  sing N N 268 
PHE CE2 CZ   sing Y N 269 
PHE CE2 HE2  sing N N 270 
PHE CZ  HZ   sing N N 271 
PHE OXT HXT  sing N N 272 
PRO N   CA   sing N N 273 
PRO N   CD   sing N N 274 
PRO N   H    sing N N 275 
PRO CA  C    sing N N 276 
PRO CA  CB   sing N N 277 
PRO CA  HA   sing N N 278 
PRO C   O    doub N N 279 
PRO C   OXT  sing N N 280 
PRO CB  CG   sing N N 281 
PRO CB  HB2  sing N N 282 
PRO CB  HB3  sing N N 283 
PRO CG  CD   sing N N 284 
PRO CG  HG2  sing N N 285 
PRO CG  HG3  sing N N 286 
PRO CD  HD2  sing N N 287 
PRO CD  HD3  sing N N 288 
PRO OXT HXT  sing N N 289 
SER N   CA   sing N N 290 
SER N   H    sing N N 291 
SER N   H2   sing N N 292 
SER CA  C    sing N N 293 
SER CA  CB   sing N N 294 
SER CA  HA   sing N N 295 
SER C   O    doub N N 296 
SER C   OXT  sing N N 297 
SER CB  OG   sing N N 298 
SER CB  HB2  sing N N 299 
SER CB  HB3  sing N N 300 
SER OG  HG   sing N N 301 
SER OXT HXT  sing N N 302 
SO4 S   O1   doub N N 303 
SO4 S   O2   doub N N 304 
SO4 S   O3   sing N N 305 
SO4 S   O4   sing N N 306 
THR N   CA   sing N N 307 
THR N   H    sing N N 308 
THR N   H2   sing N N 309 
THR CA  C    sing N N 310 
THR CA  CB   sing N N 311 
THR CA  HA   sing N N 312 
THR C   O    doub N N 313 
THR C   OXT  sing N N 314 
THR CB  OG1  sing N N 315 
THR CB  CG2  sing N N 316 
THR CB  HB   sing N N 317 
THR OG1 HG1  sing N N 318 
THR CG2 HG21 sing N N 319 
THR CG2 HG22 sing N N 320 
THR CG2 HG23 sing N N 321 
THR OXT HXT  sing N N 322 
TRP N   CA   sing N N 323 
TRP N   H    sing N N 324 
TRP N   H2   sing N N 325 
TRP CA  C    sing N N 326 
TRP CA  CB   sing N N 327 
TRP CA  HA   sing N N 328 
TRP C   O    doub N N 329 
TRP C   OXT  sing N N 330 
TRP CB  CG   sing N N 331 
TRP CB  HB2  sing N N 332 
TRP CB  HB3  sing N N 333 
TRP CG  CD1  doub Y N 334 
TRP CG  CD2  sing Y N 335 
TRP CD1 NE1  sing Y N 336 
TRP CD1 HD1  sing N N 337 
TRP CD2 CE2  doub Y N 338 
TRP CD2 CE3  sing Y N 339 
TRP NE1 CE2  sing Y N 340 
TRP NE1 HE1  sing N N 341 
TRP CE2 CZ2  sing Y N 342 
TRP CE3 CZ3  doub Y N 343 
TRP CE3 HE3  sing N N 344 
TRP CZ2 CH2  doub Y N 345 
TRP CZ2 HZ2  sing N N 346 
TRP CZ3 CH2  sing Y N 347 
TRP CZ3 HZ3  sing N N 348 
TRP CH2 HH2  sing N N 349 
TRP OXT HXT  sing N N 350 
TYR N   CA   sing N N 351 
TYR N   H    sing N N 352 
TYR N   H2   sing N N 353 
TYR CA  C    sing N N 354 
TYR CA  CB   sing N N 355 
TYR CA  HA   sing N N 356 
TYR C   O    doub N N 357 
TYR C   OXT  sing N N 358 
TYR CB  CG   sing N N 359 
TYR CB  HB2  sing N N 360 
TYR CB  HB3  sing N N 361 
TYR CG  CD1  doub Y N 362 
TYR CG  CD2  sing Y N 363 
TYR CD1 CE1  sing Y N 364 
TYR CD1 HD1  sing N N 365 
TYR CD2 CE2  doub Y N 366 
TYR CD2 HD2  sing N N 367 
TYR CE1 CZ   doub Y N 368 
TYR CE1 HE1  sing N N 369 
TYR CE2 CZ   sing Y N 370 
TYR CE2 HE2  sing N N 371 
TYR CZ  OH   sing N N 372 
TYR OH  HH   sing N N 373 
TYR OXT HXT  sing N N 374 
VAL N   CA   sing N N 375 
VAL N   H    sing N N 376 
VAL N   H2   sing N N 377 
VAL CA  C    sing N N 378 
VAL CA  CB   sing N N 379 
VAL CA  HA   sing N N 380 
VAL C   O    doub N N 381 
VAL C   OXT  sing N N 382 
VAL CB  CG1  sing N N 383 
VAL CB  CG2  sing N N 384 
VAL CB  HB   sing N N 385 
VAL CG1 HG11 sing N N 386 
VAL CG1 HG12 sing N N 387 
VAL CG1 HG13 sing N N 388 
VAL CG2 HG21 sing N N 389 
VAL CG2 HG22 sing N N 390 
VAL CG2 HG23 sing N N 391 
VAL OXT HXT  sing N N 392 
# 
_pdbx_audit_support.funding_organization   'Not funded' 
_pdbx_audit_support.country                ? 
_pdbx_audit_support.grant_number           ? 
_pdbx_audit_support.ordinal                1 
# 
_pdbx_initial_refinement_model.id               1 
_pdbx_initial_refinement_model.entity_id_list   ? 
_pdbx_initial_refinement_model.type             'experimental model' 
_pdbx_initial_refinement_model.source_name      PDB 
_pdbx_initial_refinement_model.accession_code   2OQ7 
_pdbx_initial_refinement_model.details          ? 
# 
_atom_sites.entry_id                    9GII 
_atom_sites.Cartn_transf_matrix[1][1]   ? 
_atom_sites.Cartn_transf_matrix[1][2]   ? 
_atom_sites.Cartn_transf_matrix[1][3]   ? 
_atom_sites.Cartn_transf_matrix[2][1]   ? 
_atom_sites.Cartn_transf_matrix[2][2]   ? 
_atom_sites.Cartn_transf_matrix[2][3]   ? 
_atom_sites.Cartn_transf_matrix[3][1]   ? 
_atom_sites.Cartn_transf_matrix[3][2]   ? 
_atom_sites.Cartn_transf_matrix[3][3]   ? 
_atom_sites.Cartn_transf_vector[1]      ? 
_atom_sites.Cartn_transf_vector[2]      ? 
_atom_sites.Cartn_transf_vector[3]      ? 
_atom_sites.Cartn_transform_axes        ? 
_atom_sites.fract_transf_matrix[1][1]   -0.00612602 
_atom_sites.fract_transf_matrix[1][2]   0.00065749 
_atom_sites.fract_transf_matrix[1][3]   -0.00422380 
_atom_sites.fract_transf_matrix[2][1]   -0.00114099 
_atom_sites.fract_transf_matrix[2][2]   -0.00736482 
_atom_sites.fract_transf_matrix[2][3]   0.00050840 
_atom_sites.fract_transf_matrix[3][1]   -0.00411958 
_atom_sites.fract_transf_matrix[3][2]   0.00106209 
_atom_sites.fract_transf_matrix[3][3]   0.00614019 
_atom_sites.fract_transf_vector[1]      0.199959 
_atom_sites.fract_transf_vector[2]      -0.143030 
_atom_sites.fract_transf_vector[3]      -0.177596 
_atom_sites.solution_primary            ? 
_atom_sites.solution_secondary          ? 
_atom_sites.solution_hydrogens          ? 
_atom_sites.special_details             ? 
# 
loop_
_atom_type.symbol 
_atom_type.pdbx_scat_Z 
_atom_type.pdbx_N_electrons 
_atom_type.scat_Cromer_Mann_a1 
_atom_type.scat_Cromer_Mann_b1 
_atom_type.scat_Cromer_Mann_a2 
_atom_type.scat_Cromer_Mann_b2 
_atom_type.scat_Cromer_Mann_a3 
_atom_type.scat_Cromer_Mann_b3 
_atom_type.scat_Cromer_Mann_a4 
_atom_type.scat_Cromer_Mann_b4 
C 6  6  2.3103  20.8439 1.0201 10.2075 1.5888 0.5687  0.8651 51.6512 
N 7  7  12.2220 0.0057  3.1346 9.8933  2.0141 28.9975 1.1672 0.5826  
O 8  8  3.0487  13.2771 2.2870 5.7011  1.5464 0.3239  0.8671 32.9089 
S 16 16 6.9054  1.4679  5.2035 22.2151 1.4379 0.2536  1.5863 56.1720 
# 
loop_
_atom_site.group_PDB 
_atom_site.id 
_atom_site.type_symbol 
_atom_site.label_atom_id 
_atom_site.label_alt_id 
_atom_site.label_comp_id 
_atom_site.label_asym_id 
_atom_site.label_entity_id 
_atom_site.label_seq_id 
_atom_site.pdbx_PDB_ins_code 
_atom_site.Cartn_x 
_atom_site.Cartn_y 
_atom_site.Cartn_z 
_atom_site.occupancy 
_atom_site.B_iso_or_equiv 
_atom_site.pdbx_formal_charge 
_atom_site.auth_seq_id 
_atom_site.auth_comp_id 
_atom_site.auth_asym_id 
_atom_site.auth_atom_id 
_atom_site.pdbx_PDB_model_num 
ATOM   1    N N   . MET A 1 2   ? -16.022 -8.598  2.178   1 68.217  ? 896  MET A N   1 
ATOM   2    C CA  . MET A 1 2   ? -17.489 -8.701  1.947   1 65.391  ? 896  MET A CA  1 
ATOM   3    C C   . MET A 1 2   ? -17.969 -7.378  1.349   1 70.112  ? 896  MET A C   1 
ATOM   4    O O   . MET A 1 2   ? -17.304 -6.817  0.469   1 62.332  ? 896  MET A O   1 
ATOM   5    C CB  . MET A 1 2   ? -18.236 -8.991  3.256   1 55.055  ? 896  MET A CB  1 
ATOM   6    N N   . GLN A 1 3   ? -19.125 -6.905  1.844   1 47.38   ? 897  GLN A N   1 
ATOM   7    C CA  . GLN A 1 3   ? -19.733 -5.616  1.553   1 36.875  ? 897  GLN A CA  1 
ATOM   8    C C   . GLN A 1 3   ? -18.766 -4.473  1.183   1 27.164  ? 897  GLN A C   1 
ATOM   9    O O   . GLN A 1 3   ? -17.716 -4.277  1.788   1 28.085  ? 897  GLN A O   1 
ATOM   10   C CB  . GLN A 1 3   ? -20.240 -5.221  2.922   1 34.407  ? 897  GLN A CB  1 
ATOM   11   C CG  . GLN A 1 3   ? -21.206 -4.066  2.839   1 41.441  ? 897  GLN A CG  1 
ATOM   12   C CD  . GLN A 1 3   ? -22.204 -4.082  3.977   1 42.592  ? 897  GLN A CD  1 
ATOM   13   O OE1 . GLN A 1 3   ? -22.986 -5.034  4.130   1 49.232  ? 897  GLN A OE1 1 
ATOM   14   N NE2 . GLN A 1 3   ? -22.228 -2.966  4.684   1 21.784  ? 897  GLN A NE2 1 
ATOM   15   N N   . SER A 1 4   ? -19.200 -3.646  0.242   1 24.072  ? 898  SER A N   1 
ATOM   16   C CA  . SER A 1 4   ? -18.357 -2.592  -0.284  1 24.328  ? 898  SER A CA  1 
ATOM   17   C C   . SER A 1 4   ? -18.395 -1.375  0.632   1 24.186  ? 898  SER A C   1 
ATOM   18   O O   . SER A 1 4   ? -19.391 -1.103  1.331   1 26.925  ? 898  SER A O   1 
ATOM   19   C CB  . SER A 1 4   ? -18.664 -2.277  -1.723  1 34.17   ? 898  SER A CB  1 
ATOM   20   O OG  . SER A 1 4   ? -19.912 -1.610  -1.794  1 42.014  ? 898  SER A OG  1 
ATOM   21   N N   . ILE A 1 5   ? -17.245 -0.719  0.708   1 19.88   ? 899  ILE A N   1 
ATOM   22   C CA  . ILE A 1 5   ? -17.122 0.484   1.529   1 19.425  ? 899  ILE A CA  1 
ATOM   23   C C   . ILE A 1 5   ? -17.029 1.637   0.540   1 20.044  ? 899  ILE A C   1 
ATOM   24   O O   . ILE A 1 5   ? -16.255 1.523   -0.410  1 21.022  ? 899  ILE A O   1 
ATOM   25   C CB  . ILE A 1 5   ? -15.819 0.435   2.361   1 20.84   ? 899  ILE A CB  1 
ATOM   26   C CG1 . ILE A 1 5   ? -15.765 -0.772  3.301   1 25.228  ? 899  ILE A CG1 1 
ATOM   27   C CG2 . ILE A 1 5   ? -15.617 1.739   3.122   1 20.963  ? 899  ILE A CG2 1 
ATOM   28   C CD1 . ILE A 1 5   ? -16.830 -0.723  4.373   1 22.996  ? 899  ILE A CD1 1 
ATOM   29   N N   . THR A 1 6   ? -17.796 2.715   0.757   1 18.486  ? 900  THR A N   1 
ATOM   30   C CA  . THR A 1 6   ? -17.730 3.812   -0.206  1 20.542  ? 900  THR A CA  1 
ATOM   31   C C   . THR A 1 6   ? -17.188 5.093   0.423   1 18.333  ? 900  THR A C   1 
ATOM   32   O O   . THR A 1 6   ? -17.171 5.315   1.639   1 18.562  ? 900  THR A O   1 
ATOM   33   C CB  . THR A 1 6   ? -19.045 3.968   -0.969  1 26.439  ? 900  THR A CB  1 
ATOM   34   O OG1 . THR A 1 6   ? -20.124 3.953   -0.045  1 24.235  ? 900  THR A OG1 1 
ATOM   35   C CG2 . THR A 1 6   ? -19.312 2.817   -1.930  1 28.867  ? 900  THR A CG2 1 
ATOM   36   N N   . ALA A 1 7   ? -16.719 6.044   -0.416  1 16.778  ? 901  ALA A N   1 
ATOM   37   C CA  . ALA A 1 7   ? -16.261 7.290   0.165   1 16.554  ? 901  ALA A CA  1 
ATOM   38   C C   . ALA A 1 7   ? -17.397 8.073   0.815   1 17.879  ? 901  ALA A C   1 
ATOM   39   O O   . ALA A 1 7   ? -18.533 7.968   0.393   1 19.818  ? 901  ALA A O   1 
ATOM   40   C CB  . ALA A 1 7   ? -15.619 8.129   -0.979  1 19.11   ? 901  ALA A CB  1 
ATOM   41   N N   . GLY A 1 8   ? -17.062 8.764   1.898   1 18.796  ? 902  GLY A N   1 
ATOM   42   C CA  . GLY A 1 8   ? -17.959 9.482   2.797   1 17.834  ? 902  GLY A CA  1 
ATOM   43   C C   . GLY A 1 8   ? -18.555 8.577   3.886   1 15.648  ? 902  GLY A C   1 
ATOM   44   O O   . GLY A 1 8   ? -19.261 9.097   4.746   1 20.59   ? 902  GLY A O   1 
ATOM   45   N N   . GLN A 1 9   ? -18.256 7.270   3.876   1 16.015  ? 903  GLN A N   1 
ATOM   46   C CA  . GLN A 1 9   ? -18.877 6.433   4.926   1 15.424  ? 903  GLN A CA  1 
ATOM   47   C C   . GLN A 1 9   ? -18.059 6.558   6.208   1 18.141  ? 903  GLN A C   1 
ATOM   48   O O   . GLN A 1 9   ? -16.831 6.451   6.191   1 20.197  ? 903  GLN A O   1 
ATOM   49   C CB  . GLN A 1 9   ? -18.804 5.003   4.393   1 16.994  ? 903  GLN A CB  1 
ATOM   50   C CG  . GLN A 1 9   ? -19.559 3.967   5.224   1 17.786  ? 903  GLN A CG  1 
ATOM   51   C CD  . GLN A 1 9   ? -19.670 2.612   4.531   1 20.471  ? 903  GLN A CD  1 
ATOM   52   O OE1 . GLN A 1 9   ? -19.524 2.517   3.292   1 22.449  ? 903  GLN A OE1 1 
ATOM   53   N NE2 . GLN A 1 9   ? -19.969 1.528   5.274   1 17.055  ? 903  GLN A NE2 1 
ATOM   54   N N   . LYS A 1 10  ? -18.751 6.624   7.347   1 15.043  ? 904  LYS A N   1 
ATOM   55   C CA  . LYS A 1 10  ? -18.107 6.458   8.645   1 17.026  ? 904  LYS A CA  1 
ATOM   56   C C   . LYS A 1 10  ? -17.892 4.956   8.855   1 16.288  ? 904  LYS A C   1 
ATOM   57   O O   . LYS A 1 10  ? -18.805 4.150   8.650   1 18.104  ? 904  LYS A O   1 
ATOM   58   C CB  . LYS A 1 10  ? -18.979 6.888   9.823   1 17.576  ? 904  LYS A CB  1 
ATOM   59   C CG  . LYS A 1 10  ? -19.394 8.332   9.818   1 22.466  ? 904  LYS A CG  1 
ATOM   60   C CD  . LYS A 1 10  ? -18.203 9.290   9.791   1 27.133  ? 904  LYS A CD  1 
ATOM   61   C CE  . LYS A 1 10  ? -18.760 10.701  10.056  1 34.758  ? 904  LYS A CE  1 
ATOM   62   N NZ  . LYS A 1 10  ? -17.596 11.576  10.236  1 38.137  ? 904  LYS A NZ  1 
ATOM   63   N N   . VAL A 1 11  ? -16.665 4.613   9.265   1 15.195  ? 905  VAL A N   1 
ATOM   64   C CA  . VAL A 1 11  ? -16.284 3.228   9.519   1 14.438  ? 905  VAL A CA  1 
ATOM   65   C C   . VAL A 1 11  ? -15.450 3.216   10.805  1 15.875  ? 905  VAL A C   1 
ATOM   66   O O   . VAL A 1 11  ? -15.259 4.255   11.443  1 16.625  ? 905  VAL A O   1 
ATOM   67   C CB  . VAL A 1 11  ? -15.479 2.682   8.325   1 17.106  ? 905  VAL A CB  1 
ATOM   68   C CG1 . VAL A 1 11  ? -16.337 2.558   7.044   1 15.493  ? 905  VAL A CG1 1 
ATOM   69   C CG2 . VAL A 1 11  ? -14.241 3.546   8.123   1 17.771  ? 905  VAL A CG2 1 
ATOM   70   N N   . ILE A 1 12  ? -14.949 2.034   11.171  1 15.551  ? 906  ILE A N   1 
ATOM   71   C CA  . ILE A 1 12  ? -14.136 1.961   12.380  1 15.12   ? 906  ILE A CA  1 
ATOM   72   C C   . ILE A 1 12  ? -12.823 1.325   11.920  1 16.549  ? 906  ILE A C   1 
ATOM   73   O O   . ILE A 1 12  ? -12.841 0.353   11.154  1 17.066  ? 906  ILE A O   1 
ATOM   74   C CB  . ILE A 1 12  ? -14.829 1.048   13.423  1 16.285  ? 906  ILE A CB  1 
ATOM   75   C CG1 . ILE A 1 12  ? -16.154 1.682   13.914  1 16.617  ? 906  ILE A CG1 1 
ATOM   76   C CG2 . ILE A 1 12  ? -13.869 0.839   14.594  1 18.001  ? 906  ILE A CG2 1 
ATOM   77   C CD1 . ILE A 1 12  ? -16.950 0.680   14.756  1 18.038  ? 906  ILE A CD1 1 
ATOM   78   N N   . SER A 1 13  ? -11.721 1.948   12.319  1 16.206  ? 907  SER A N   1 
ATOM   79   C CA  . SER A 1 13  ? -10.422 1.417   11.904  1 15.749  ? 907  SER A CA  1 
ATOM   80   C C   . SER A 1 13  ? -9.406  1.841   12.973  1 16.692  ? 907  SER A C   1 
ATOM   81   O O   . SER A 1 13  ? -9.647  2.782   13.746  1 16.844  ? 907  SER A O   1 
ATOM   82   C CB  . SER A 1 13  ? -10.052 2.019   10.513  1 17.769  ? 907  SER A CB  1 
ATOM   83   O OG  . SER A 1 13  ? -8.973  1.248   9.944   1 19.823  ? 907  SER A OG  1 
ATOM   84   N N   . LYS A 1 14  ? -8.223  1.199   12.962  1 20.049  ? 908  LYS A N   1 
ATOM   85   C CA  . LYS A 1 14  ? -7.167  1.588   13.897  1 20.68   ? 908  LYS A CA  1 
ATOM   86   C C   . LYS A 1 14  ? -6.456  2.886   13.518  1 22.196  ? 908  LYS A C   1 
ATOM   87   O O   . LYS A 1 14  ? -5.981  3.067   12.401  1 22.287  ? 908  LYS A O   1 
ATOM   88   C CB  . LYS A 1 14  ? -6.149  0.428   13.998  1 19.681  ? 908  LYS A CB  1 
ATOM   89   C CG  . LYS A 1 14  ? -6.660  -0.732  14.848  1 21.424  ? 908  LYS A CG  1 
ATOM   90   C CD  . LYS A 1 14  ? -5.530  -1.708  15.203  1 22.408  ? 908  LYS A CD  1 
ATOM   91   C CE  . LYS A 1 14  ? -6.072  -2.802  16.112  1 24.96   ? 908  LYS A CE  1 
ATOM   92   N NZ  . LYS A 1 14  ? -4.902  -3.645  16.420  1 26.136  ? 908  LYS A NZ  1 
ATOM   93   N N   . HIS A 1 15  ? -6.350  3.781   14.485  1 20.707  ? 909  HIS A N   1 
ATOM   94   C CA  . HIS A 1 15  ? -5.590  5.010   14.405  1 22.967  ? 909  HIS A CA  1 
ATOM   95   C C   . HIS A 1 15  ? -4.102  4.653   14.561  1 23.166  ? 909  HIS A C   1 
ATOM   96   O O   . HIS A 1 15  ? -3.767  3.521   14.916  1 22.242  ? 909  HIS A O   1 
ATOM   97   C CB  . HIS A 1 15  ? -6.063  5.886   15.565  1 22.316  ? 909  HIS A CB  1 
ATOM   98   C CG  . HIS A 1 15  ? -5.424  7.222   15.748  1 27.637  ? 909  HIS A CG  1 
ATOM   99   N ND1 . HIS A 1 15  ? -4.240  7.383   16.467  1 28.055  ? 909  HIS A ND1 1 
ATOM   100  C CD2 . HIS A 1 15  ? -5.812  8.451   15.358  1 28.465  ? 909  HIS A CD2 1 
ATOM   101  C CE1 . HIS A 1 15  ? -3.943  8.666   16.499  1 27.1    ? 909  HIS A CE1 1 
ATOM   102  N NE2 . HIS A 1 15  ? -4.886  9.342   15.841  1 27.232  ? 909  HIS A NE2 1 
ATOM   103  N N   . LYS A 1 16  ? -3.220  5.608   14.239  1 24.489  ? 910  LYS A N   1 
ATOM   104  C CA  . LYS A 1 16  ? -1.789  5.301   14.344  1 27.35   ? 910  LYS A CA  1 
ATOM   105  C C   . LYS A 1 16  ? -1.373  4.926   15.777  1 30.189  ? 910  LYS A C   1 
ATOM   106  O O   . LYS A 1 16  ? -0.337  4.299   15.943  1 28.999  ? 910  LYS A O   1 
ATOM   107  C CB  . LYS A 1 16  ? -0.907  6.483   13.900  1 28.679  ? 910  LYS A CB  1 
ATOM   108  C CG  . LYS A 1 16  ? -1.325  7.821   14.472  1 30.913  ? 910  LYS A CG  1 
ATOM   109  C CD  . LYS A 1 16  ? -0.536  9.030   13.969  1 36.888  ? 910  LYS A CD  1 
ATOM   110  C CE  . LYS A 1 16  ? -1.111  10.239  14.643  1 43.589  ? 910  LYS A CE  1 
ATOM   111  N NZ  . LYS A 1 16  ? -0.610  11.507  14.096  1 45.994  ? 910  LYS A NZ  1 
ATOM   112  N N   . ASN A 1 17  ? -2.102  5.390   16.800  1 25.303  ? 911  ASN A N   1 
ATOM   113  C CA  . ASN A 1 17  ? -1.827  5.027   18.194  1 26.381  ? 911  ASN A CA  1 
ATOM   114  C C   . ASN A 1 17  ? -2.131  3.553   18.500  1 28.01   ? 911  ASN A C   1 
ATOM   115  O O   . ASN A 1 17  ? -1.785  3.072   19.592  1 28.4    ? 911  ASN A O   1 
ATOM   116  C CB  . ASN A 1 17  ? -2.527  5.966   19.176  1 29.126  ? 911  ASN A CB  1 
ATOM   117  C CG  . ASN A 1 17  ? -4.010  5.692   19.395  1 30.631  ? 911  ASN A CG  1 
ATOM   118  O OD1 . ASN A 1 17  ? -4.626  4.830   18.746  1 26.642  ? 911  ASN A OD1 1 
ATOM   119  N ND2 . ASN A 1 17  ? -4.601  6.364   20.380  1 31.81   ? 911  ASN A ND2 1 
ATOM   120  N N   . GLY A 1 18  ? -2.850  2.843   17.622  1 23.791  ? 912  GLY A N   1 
ATOM   121  C CA  . GLY A 1 18  ? -3.113  1.421   17.722  1 22.579  ? 912  GLY A CA  1 
ATOM   122  C C   . GLY A 1 18  ? -4.520  1.038   18.206  1 19.349  ? 912  GLY A C   1 
ATOM   123  O O   . GLY A 1 18  ? -4.850  -0.152  18.207  1 23.225  ? 912  GLY A O   1 
ATOM   124  N N   . ALA A 1 19  ? -5.369  2.036   18.544  1 18.038  ? 913  ALA A N   1 
ATOM   125  C CA  . ALA A 1 19  ? -6.709  1.684   18.983  1 17.861  ? 913  ALA A CA  1 
ATOM   126  C C   . ALA A 1 19  ? -7.712  1.984   17.842  1 18.679  ? 913  ALA A C   1 
ATOM   127  O O   . ALA A 1 19  ? -7.443  2.852   16.999  1 19.878  ? 913  ALA A O   1 
ATOM   128  C CB  . ALA A 1 19  ? -7.088  2.503   20.208  1 17.594  ? 913  ALA A CB  1 
ATOM   129  N N   . PHE A 1 20  ? -8.832  1.252   17.893  1 17.467  ? 914  PHE A N   1 
ATOM   130  C CA  . PHE A 1 20  ? -9.895  1.521   16.914  1 15.438  ? 914  PHE A CA  1 
ATOM   131  C C   . PHE A 1 20  ? -10.704 2.730   17.373  1 18.601  ? 914  PHE A C   1 
ATOM   132  O O   . PHE A 1 20  ? -11.088 2.772   18.529  1 17.275  ? 914  PHE A O   1 
ATOM   133  C CB  . PHE A 1 20  ? -10.817 0.318   16.940  1 16.142  ? 914  PHE A CB  1 
ATOM   134  C CG  . PHE A 1 20  ? -10.331 -0.951  16.261  1 19.075  ? 914  PHE A CG  1 
ATOM   135  C CD1 . PHE A 1 20  ? -10.443 -1.112  14.867  1 20.256  ? 914  PHE A CD1 1 
ATOM   136  C CD2 . PHE A 1 20  ? -9.833  -2.018  17.030  1 20.785  ? 914  PHE A CD2 1 
ATOM   137  C CE1 . PHE A 1 20  ? -10.067 -2.309  14.261  1 22.709  ? 914  PHE A CE1 1 
ATOM   138  C CE2 . PHE A 1 20  ? -9.442  -3.203  16.411  1 22.16   ? 914  PHE A CE2 1 
ATOM   139  C CZ  . PHE A 1 20  ? -9.580  -3.347  15.025  1 26.305  ? 914  PHE A CZ  1 
ATOM   140  N N   . TYR A 1 21  ? -11.070 3.588   16.406  1 16.945  ? 915  TYR A N   1 
ATOM   141  C CA  . TYR A 1 21  ? -11.934 4.745   16.571  1 14.92   ? 915  TYR A CA  1 
ATOM   142  C C   . TYR A 1 21  ? -12.820 4.778   15.320  1 17.365  ? 915  TYR A C   1 
ATOM   143  O O   . TYR A 1 21  ? -12.492 4.214   14.266  1 16.574  ? 915  TYR A O   1 
ATOM   144  C CB  . TYR A 1 21  ? -11.132 6.045   16.445  1 16.003  ? 915  TYR A CB  1 
ATOM   145  C CG  . TYR A 1 21  ? -10.246 6.258   17.676  1 17.713  ? 915  TYR A CG  1 
ATOM   146  C CD1 . TYR A 1 21  ? -8.970  5.721   17.675  1 21.11   ? 915  TYR A CD1 1 
ATOM   147  C CD2 . TYR A 1 21  ? -10.726 6.996   18.762  1 22.428  ? 915  TYR A CD2 1 
ATOM   148  C CE1 . TYR A 1 21  ? -8.161  5.916   18.778  1 24.519  ? 915  TYR A CE1 1 
ATOM   149  C CE2 . TYR A 1 21  ? -9.902  7.224   19.858  1 24.066  ? 915  TYR A CE2 1 
ATOM   150  C CZ  . TYR A 1 21  ? -8.645  6.642   19.854  1 24.768  ? 915  TYR A CZ  1 
ATOM   151  O OH  . TYR A 1 21  ? -7.705  6.793   20.853  1 33.267  ? 915  TYR A OH  1 
ATOM   152  N N   . GLN A 1 22  ? -13.920 5.521   15.434  1 15.98   ? 916  GLN A N   1 
ATOM   153  C CA  . GLN A 1 22  ? -14.642 5.827   14.211  1 16.922  ? 916  GLN A CA  1 
ATOM   154  C C   . GLN A 1 22  ? -13.799 6.796   13.389  1 21.236  ? 916  GLN A C   1 
ATOM   155  O O   . GLN A 1 22  ? -13.177 7.721   13.925  1 19.53   ? 916  GLN A O   1 
ATOM   156  C CB  . GLN A 1 22  ? -15.952 6.574   14.518  1 16.366  ? 916  GLN A CB  1 
ATOM   157  C CG  . GLN A 1 22  ? -16.787 6.808   13.256  1 18.909  ? 916  GLN A CG  1 
ATOM   158  C CD  . GLN A 1 22  ? -18.124 7.491   13.508  1 17.532  ? 916  GLN A CD  1 
ATOM   159  O OE1 . GLN A 1 22  ? -19.169 6.835   13.467  1 22.576  ? 916  GLN A OE1 1 
ATOM   160  N NE2 . GLN A 1 22  ? -18.078 8.801   13.679  1 20.267  ? 916  GLN A NE2 1 
ATOM   161  N N   . CYS A 1 23  ? -13.786 6.562   12.077  1 17.654  ? 917  CYS A N   1 
ATOM   162  C CA  . CYS A 1 23  ? -13.123 7.463   11.136  1 17.524  ? 917  CYS A CA  1 
ATOM   163  C C   . CYS A 1 23  ? -14.030 7.590   9.911   1 18.038  ? 917  CYS A C   1 
ATOM   164  O O   . CYS A 1 23  ? -15.088 6.940   9.813   1 18.316  ? 917  CYS A O   1 
ATOM   165  C CB  . CYS A 1 23  ? -11.701 7.002   10.779  1 17.514  ? 917  CYS A CB  1 
ATOM   166  S SG  . CYS A 1 23  ? -11.654 5.270   10.269  1 19.45   ? 917  CYS A SG  1 
ATOM   167  N N   . GLU A 1 24  ? -13.622 8.454   8.978   1 17.941  ? 918  GLU A N   1 
ATOM   168  C CA  . GLU A 1 24  ? -14.402 8.603   7.761   1 17.836  ? 918  GLU A CA  1 
ATOM   169  C C   . GLU A 1 24  ? -13.572 8.265   6.550   1 18.512  ? 918  GLU A C   1 
ATOM   170  O O   . GLU A 1 24  ? -12.406 8.660   6.480   1 18.978  ? 918  GLU A O   1 
ATOM   171  C CB  . GLU A 1 24  ? -14.933 10.031  7.638   1 23.379  ? 918  GLU A CB  1 
ATOM   172  C CG  . GLU A 1 24  ? -15.893 10.174  6.453   1 24.736  ? 918  GLU A CG  1 
ATOM   173  C CD  . GLU A 1 24  ? -16.482 11.589  6.463   1 29.948  ? 918  GLU A CD  1 
ATOM   174  O OE1 . GLU A 1 24  ? -16.983 12.071  7.492   1 35.018  ? 918  GLU A OE1 1 
ATOM   175  O OE2 . GLU A 1 24  ? -16.417 12.186  5.368   1 37.472  ? 918  GLU A OE2 1 
ATOM   176  N N   . VAL A 1 25  ? -14.175 7.523   5.592   1 16.543  ? 919  VAL A N   1 
ATOM   177  C CA  . VAL A 1 25  ? -13.448 7.226   4.355   1 18.089  ? 919  VAL A CA  1 
ATOM   178  C C   . VAL A 1 25  ? -13.444 8.499   3.512   1 20.336  ? 919  VAL A C   1 
ATOM   179  O O   . VAL A 1 25  ? -14.502 8.975   3.131   1 22.455  ? 919  VAL A O   1 
ATOM   180  C CB  . VAL A 1 25  ? -14.061 6.057   3.559   1 16.496  ? 919  VAL A CB  1 
ATOM   181  C CG1 . VAL A 1 25  ? -13.291 5.834   2.231   1 17.73   ? 919  VAL A CG1 1 
ATOM   182  C CG2 . VAL A 1 25  ? -14.047 4.760   4.364   1 17.74   ? 919  VAL A CG2 1 
ATOM   183  N N   . VAL A 1 26  ? -12.261 9.081   3.261   1 16.706  ? 920  VAL A N   1 
ATOM   184  C CA  . VAL A 1 26  ? -12.171 10.341  2.514   1 18.508  ? 920  VAL A CA  1 
ATOM   185  C C   . VAL A 1 26  ? -12.129 10.024  1.030   1 20.58   ? 920  VAL A C   1 
ATOM   186  O O   . VAL A 1 26  ? -12.643 10.779  0.210   1 20.152  ? 920  VAL A O   1 
ATOM   187  C CB  . VAL A 1 26  ? -10.869 11.047  3.006   1 21.18   ? 920  VAL A CB  1 
ATOM   188  C CG1 . VAL A 1 26  ? -10.262 12.073  2.030   1 27.758  ? 920  VAL A CG1 1 
ATOM   189  C CG2 . VAL A 1 26  ? -11.241 11.686  4.326   1 30.397  ? 920  VAL A CG2 1 
ATOM   190  N N   . ARG A 1 27  ? -11.459 8.940   0.663   1 17.955  ? 921  ARG A N   1 
ATOM   191  C CA  . ARG A 1 27  ? -11.414 8.582   -0.736  1 18.683  ? 921  ARG A CA  1 
ATOM   192  C C   . ARG A 1 27  ? -10.979 7.136   -0.865  1 17.59   ? 921  ARG A C   1 
ATOM   193  O O   . ARG A 1 27  ? -10.433 6.575   0.100   1 20.955  ? 921  ARG A O   1 
ATOM   194  C CB  . ARG A 1 27  ? -10.515 9.607   -1.443  1 25.674  ? 921  ARG A CB  1 
ATOM   195  C CG  . ARG A 1 27  ? -9.040  9.334   -1.539  1 29.089  ? 921  ARG A CG  1 
ATOM   196  C CD  . ARG A 1 27  ? -8.361  10.264  -2.633  1 28.622  ? 921  ARG A CD  1 
ATOM   197  N NE  . ARG A 1 27  ? -8.789  11.652  -2.816  1 30.688  ? 921  ARG A NE  1 
ATOM   198  C CZ  . ARG A 1 27  ? -9.299  12.181  -3.982  1 32.034  ? 921  ARG A CZ  1 
ATOM   199  N NH1 . ARG A 1 27  ? -9.618  11.447  -5.047  1 24.739  ? 921  ARG A NH1 1 
ATOM   200  N NH2 . ARG A 1 27  ? -9.455  13.490  -4.072  1 29.611  ? 921  ARG A NH2 1 
ATOM   201  N N   . LEU A 1 28  ? -11.293 6.540   -2.021  1 15.835  ? 922  LEU A N   1 
ATOM   202  C CA  . LEU A 1 28  ? -10.870 5.198   -2.407  1 16.683  ? 922  LEU A CA  1 
ATOM   203  C C   . LEU A 1 28  ? -9.711  5.395   -3.387  1 21.396  ? 922  LEU A C   1 
ATOM   204  O O   . LEU A 1 28  ? -9.781  6.228   -4.286  1 21.611  ? 922  LEU A O   1 
ATOM   205  C CB  . LEU A 1 28  ? -11.932 4.388   -3.149  1 18.459  ? 922  LEU A CB  1 
ATOM   206  C CG  . LEU A 1 28  ? -12.920 3.572   -2.303  1 24.073  ? 922  LEU A CG  1 
ATOM   207  C CD1 . LEU A 1 28  ? -13.483 4.287   -1.148  1 23.594  ? 922  LEU A CD1 1 
ATOM   208  C CD2 . LEU A 1 28  ? -14.067 3.083   -3.171  1 26.849  ? 922  LEU A CD2 1 
ATOM   209  N N   . THR A 1 29  ? -8.624  4.648   -3.167  1 23.43   ? 923  THR A N   1 
ATOM   210  C CA  . THR A 1 29  ? -7.471  4.905   -4.015  1 24.77   ? 923  THR A CA  1 
ATOM   211  C C   . THR A 1 29  ? -6.945  3.562   -4.472  1 24.968  ? 923  THR A C   1 
ATOM   212  O O   . THR A 1 29  ? -7.188  2.561   -3.848  1 23.137  ? 923  THR A O   1 
ATOM   213  C CB  . THR A 1 29  ? -6.441  5.682   -3.194  1 30.842  ? 923  THR A CB  1 
ATOM   214  O OG1 . THR A 1 29  ? -5.561  5.852   -4.300  1 51.853  ? 923  THR A OG1 1 
ATOM   215  C CG2 . THR A 1 29  ? -5.838  4.903   -2.035  1 34.079  ? 923  THR A CG2 1 
ATOM   216  N N   . THR A 1 30  ? -6.240  3.530   -5.603  1 30.345  ? 924  THR A N   1 
ATOM   217  C CA  . THR A 1 30  ? -5.554  2.302   -5.973  1 31.193  ? 924  THR A CA  1 
ATOM   218  C C   . THR A 1 30  ? -4.078  2.548   -5.698  1 30.156  ? 924  THR A C   1 
ATOM   219  O O   . THR A 1 30  ? -3.511  3.554   -6.094  1 30.076  ? 924  THR A O   1 
ATOM   220  C CB  . THR A 1 30  ? -5.817  1.938   -7.431  1 39.912  ? 924  THR A CB  1 
ATOM   221  O OG1 . THR A 1 30  ? -7.195  1.583   -7.433  1 45.077  ? 924  THR A OG1 1 
ATOM   222  C CG2 . THR A 1 30  ? -5.085  0.670   -7.850  1 36.679  ? 924  THR A CG2 1 
ATOM   223  N N   . GLU A 1 31  ? -3.451  1.638   -4.954  1 24.319  ? 925  GLU A N   1 
ATOM   224  C CA  . GLU A 1 31  ? -2.035  1.798   -4.684  1 25.447  ? 925  GLU A CA  1 
ATOM   225  C C   . GLU A 1 31  ? -1.355  0.713   -5.505  1 24.882  ? 925  GLU A C   1 
ATOM   226  O O   . GLU A 1 31  ? -1.828  -0.440  -5.560  1 21.501  ? 925  GLU A O   1 
ATOM   227  C CB  . GLU A 1 31  ? -1.684  1.391   -3.252  1 31.436  ? 925  GLU A CB  1 
ATOM   228  C CG  . GLU A 1 31  ? -2.300  2.311   -2.210  1 45.337  ? 925  GLU A CG  1 
ATOM   229  C CD  . GLU A 1 31  ? -1.262  3.349   -1.844  1 57.175  ? 925  GLU A CD  1 
ATOM   230  O OE1 . GLU A 1 31  ? -0.065  2.968   -1.728  1 60.345  ? 925  GLU A OE1 1 
ATOM   231  O OE2 . GLU A 1 31  ? -1.684  4.513   -1.638  1 66.715  ? 925  GLU A OE2 1 
ATOM   232  N N   . THR A 1 32  ? -0.279  1.095   -6.223  1 22.921  ? 926  THR A N   1 
ATOM   233  C CA  . THR A 1 32  ? 0.373   0.094   -7.062  1 24.013  ? 926  THR A CA  1 
ATOM   234  C C   . THR A 1 32  ? 1.624   -0.370  -6.318  1 25.138  ? 926  THR A C   1 
ATOM   235  O O   . THR A 1 32  ? 2.474   0.438   -5.958  1 23.17   ? 926  THR A O   1 
ATOM   236  C CB  . THR A 1 32  ? 0.755   0.725   -8.411  1 28.257  ? 926  THR A CB  1 
ATOM   237  O OG1 . THR A 1 32  ? -0.459  1.041   -9.087  1 27.589  ? 926  THR A OG1 1 
ATOM   238  C CG2 . THR A 1 32  ? 1.382   -0.300  -9.330  1 25.363  ? 926  THR A CG2 1 
ATOM   239  N N   . PHE A 1 33  ? 1.692   -1.661  -5.981  1 22.174  ? 927  PHE A N   1 
ATOM   240  C CA  . PHE A 1 33  ? 2.904   -2.144  -5.337  1 20.981  ? 927  PHE A CA  1 
ATOM   241  C C   . PHE A 1 33  ? 3.699   -2.950  -6.365  1 16.133  ? 927  PHE A C   1 
ATOM   242  O O   . PHE A 1 33  ? 3.102   -3.611  -7.245  1 20.164  ? 927  PHE A O   1 
ATOM   243  C CB  . PHE A 1 33  ? 2.477   -3.103  -4.215  1 22.131  ? 927  PHE A CB  1 
ATOM   244  C CG  . PHE A 1 33  ? 1.809   -2.337  -3.092  1 22.745  ? 927  PHE A CG  1 
ATOM   245  C CD1 . PHE A 1 33  ? 2.564   -1.605  -2.184  1 24.564  ? 927  PHE A CD1 1 
ATOM   246  C CD2 . PHE A 1 33  ? 0.424   -2.343  -2.981  1 27.494  ? 927  PHE A CD2 1 
ATOM   247  C CE1 . PHE A 1 33  ? 1.984   -0.910  -1.135  1 27.709  ? 927  PHE A CE1 1 
ATOM   248  C CE2 . PHE A 1 33  ? -0.170  -1.645  -1.920  1 26.112  ? 927  PHE A CE2 1 
ATOM   249  C CZ  . PHE A 1 33  ? 0.596   -0.928  -1.021  1 25.774  ? 927  PHE A CZ  1 
ATOM   250  N N   . TYR A 1 34  ? 5.069   -2.921  -6.203  1 15.885  ? 928  TYR A N   1 
ATOM   251  C CA  . TYR A 1 34  ? 5.841   -3.736  -7.136  1 17.493  ? 928  TYR A CA  1 
ATOM   252  C C   . TYR A 1 34  ? 6.516   -4.855  -6.329  1 15.57   ? 928  TYR A C   1 
ATOM   253  O O   . TYR A 1 34  ? 6.743   -4.734  -5.122  1 18.044  ? 928  TYR A O   1 
ATOM   254  C CB  . TYR A 1 34  ? 7.022   -2.855  -7.557  1 16.424  ? 928  TYR A CB  1 
ATOM   255  C CG  . TYR A 1 34  ? 6.689   -1.903  -8.702  1 18.301  ? 928  TYR A CG  1 
ATOM   256  C CD1 . TYR A 1 34  ? 5.385   -1.786  -9.236  1 21.335  ? 928  TYR A CD1 1 
ATOM   257  C CD2 . TYR A 1 34  ? 7.709   -1.136  -9.245  1 19.319  ? 928  TYR A CD2 1 
ATOM   258  C CE1 . TYR A 1 34  ? 5.114   -0.894  -10.283 1 19.313  ? 928  TYR A CE1 1 
ATOM   259  C CE2 . TYR A 1 34  ? 7.436   -0.254  -10.290 1 19.78   ? 928  TYR A CE2 1 
ATOM   260  C CZ  . TYR A 1 34  ? 6.151   -0.103  -10.787 1 22.163  ? 928  TYR A CZ  1 
ATOM   261  O OH  . TYR A 1 34  ? 5.891   0.768   -11.851 1 22.196  ? 928  TYR A OH  1 
ATOM   262  N N   . GLU A 1 35  ? 6.660   -5.982  -7.010  1 15.289  ? 929  GLU A N   1 
ATOM   263  C CA  . GLU A 1 35  ? 7.246   -7.176  -6.396  1 16.67   ? 929  GLU A CA  1 
ATOM   264  C C   . GLU A 1 35  ? 8.549   -7.485  -7.133  1 17.073  ? 929  GLU A C   1 
ATOM   265  O O   . GLU A 1 35  ? 8.605   -7.339  -8.355  1 14.581  ? 929  GLU A O   1 
ATOM   266  C CB  . GLU A 1 35  ? 6.308   -8.354  -6.673  1 17.662  ? 929  GLU A CB  1 
ATOM   267  C CG  . GLU A 1 35  ? 4.893   -8.086  -6.144  1 21.909  ? 929  GLU A CG  1 
ATOM   268  C CD  . GLU A 1 35  ? 3.930   -9.240  -6.424  1 24.638  ? 929  GLU A CD  1 
ATOM   269  O OE1 . GLU A 1 35  ? 4.220   -10.244 -7.130  1 23.993  ? 929  GLU A OE1 1 
ATOM   270  O OE2 . GLU A 1 35  ? 2.811   -9.151  -5.894  1 30.52   ? 929  GLU A OE2 1 
ATOM   271  N N   . VAL A 1 36  ? 9.588   -7.831  -6.358  1 15.669  ? 930  VAL A N   1 
ATOM   272  C CA  . VAL A 1 36  ? 10.916  -8.051  -6.935  1 16.548  ? 930  VAL A CA  1 
ATOM   273  C C   . VAL A 1 36  ? 11.524  -9.235  -6.202  1 16.537  ? 930  VAL A C   1 
ATOM   274  O O   . VAL A 1 36  ? 11.214  -9.441  -5.028  1 16.135  ? 930  VAL A O   1 
ATOM   275  C CB  . VAL A 1 36  ? 11.891  -6.848  -6.844  1 16.25   ? 930  VAL A CB  1 
ATOM   276  C CG1 . VAL A 1 36  ? 11.276  -5.616  -7.559  1 18.425  ? 930  VAL A CG1 1 
ATOM   277  C CG2 . VAL A 1 36  ? 12.264  -6.474  -5.397  1 16.556  ? 930  VAL A CG2 1 
ATOM   278  N N   . ASN A 1 37  ? 12.362  -9.996  -6.940  1 18.011  ? 931  ASN A N   1 
ATOM   279  C CA  . ASN A 1 37  ? 13.290  -10.933 -6.317  1 16.868  ? 931  ASN A CA  1 
ATOM   280  C C   . ASN A 1 37  ? 14.647  -10.251 -6.255  1 17.379  ? 931  ASN A C   1 
ATOM   281  O O   . ASN A 1 37  ? 15.193  -9.896  -7.301  1 19.116  ? 931  ASN A O   1 
ATOM   282  C CB  . ASN A 1 37  ? 13.379  -12.172 -7.206  1 17.711  ? 931  ASN A CB  1 
ATOM   283  C CG  . ASN A 1 37  ? 12.187  -13.066 -7.006  1 18.158  ? 931  ASN A CG  1 
ATOM   284  O OD1 . ASN A 1 37  ? 11.870  -13.338 -5.836  1 21.483  ? 931  ASN A OD1 1 
ATOM   285  N ND2 . ASN A 1 37  ? 11.651  -13.648 -8.062  1 19.803  ? 931  ASN A ND2 1 
ATOM   286  N N   . PHE A 1 38  ? 15.182  -10.056 -5.039  1 15.232  ? 932  PHE A N   1 
ATOM   287  C CA  . PHE A 1 38  ? 16.516  -9.485  -4.842  1 13.903  ? 932  PHE A CA  1 
ATOM   288  C C   . PHE A 1 38  ? 17.550  -10.523 -5.335  1 14.698  ? 932  PHE A C   1 
ATOM   289  O O   . PHE A 1 38  ? 17.301  -11.740 -5.412  1 15.507  ? 932  PHE A O   1 
ATOM   290  C CB  . PHE A 1 38  ? 16.826  -9.187  -3.389  1 16.29   ? 932  PHE A CB  1 
ATOM   291  C CG  . PHE A 1 38  ? 16.056  -7.935  -2.988  1 18.541  ? 932  PHE A CG  1 
ATOM   292  C CD1 . PHE A 1 38  ? 16.489  -6.668  -3.392  1 20.643  ? 932  PHE A CD1 1 
ATOM   293  C CD2 . PHE A 1 38  ? 14.890  -8.046  -2.247  1 18.549  ? 932  PHE A CD2 1 
ATOM   294  C CE1 . PHE A 1 38  ? 15.735  -5.541  -2.993  1 22.781  ? 932  PHE A CE1 1 
ATOM   295  C CE2 . PHE A 1 38  ? 14.156  -6.910  -1.842  1 20.758  ? 932  PHE A CE2 1 
ATOM   296  C CZ  . PHE A 1 38  ? 14.589  -5.656  -2.204  1 21.268  ? 932  PHE A CZ  1 
ATOM   297  N N   . ASP A 1 39  ? 18.762  -10.046 -5.543  1 15.364  ? 933  ASP A N   1 
ATOM   298  C CA  . ASP A 1 39  ? 19.781  -10.956 -6.059  1 16.372  ? 933  ASP A CA  1 
ATOM   299  C C   . ASP A 1 39  ? 20.154  -12.037 -5.043  1 18.011  ? 933  ASP A C   1 
ATOM   300  O O   . ASP A 1 39  ? 20.744  -13.032 -5.462  1 18.708  ? 933  ASP A O   1 
ATOM   301  C CB  . ASP A 1 39  ? 21.004  -10.122 -6.450  1 19.333  ? 933  ASP A CB  1 
ATOM   302  C CG  . ASP A 1 39  ? 20.801  -9.260  -7.693  1 23.487  ? 933  ASP A CG  1 
ATOM   303  O OD1 . ASP A 1 39  ? 19.848  -9.508  -8.490  1 24.344  ? 933  ASP A OD1 1 
ATOM   304  O OD2 . ASP A 1 39  ? 21.683  -8.382  -7.878  1 24.062  ? 933  ASP A OD2 1 
ATOM   305  N N   . ASP A 1 40  ? 19.908  -11.848 -3.736  1 15.089  ? 934  ASP A N   1 
ATOM   306  C CA  . ASP A 1 40  ? 20.162  -12.968 -2.818  1 14.781  ? 934  ASP A CA  1 
ATOM   307  C C   . ASP A 1 40  ? 18.999  -13.955 -2.816  1 17.568  ? 934  ASP A C   1 
ATOM   308  O O   . ASP A 1 40  ? 19.050  -14.924 -2.050  1 16.531  ? 934  ASP A O   1 
ATOM   309  C CB  . ASP A 1 40  ? 20.424  -12.401 -1.429  1 16.481  ? 934  ASP A CB  1 
ATOM   310  C CG  . ASP A 1 40  ? 19.287  -11.672 -0.736  1 21.005  ? 934  ASP A CG  1 
ATOM   311  O OD1 . ASP A 1 40  ? 18.181  -11.602 -1.286  1 20.266  ? 934  ASP A OD1 1 
ATOM   312  O OD2 . ASP A 1 40  ? 19.518  -11.333 0.428   1 22.478  ? 934  ASP A OD2 1 
ATOM   313  N N   . GLY A 1 41  ? 17.971  -13.684 -3.612  1 15.545  ? 935  GLY A N   1 
ATOM   314  C CA  . GLY A 1 41  ? 16.835  -14.594 -3.697  1 16.64   ? 935  GLY A CA  1 
ATOM   315  C C   . GLY A 1 41  ? 15.655  -14.277 -2.760  1 18.305  ? 935  GLY A C   1 
ATOM   316  O O   . GLY A 1 41  ? 14.618  -14.943 -2.818  1 19.948  ? 935  GLY A O   1 
ATOM   317  N N   . SER A 1 42  ? 15.806  -13.323 -1.830  1 16.434  ? 936  SER A N   1 
ATOM   318  C CA  . SER A 1 42  ? 14.671  -12.906 -1.025  1 16.334  ? 936  SER A CA  1 
ATOM   319  C C   . SER A 1 42  ? 13.685  -12.147 -1.921  1 17.273  ? 936  SER A C   1 
ATOM   320  O O   . SER A 1 42  ? 14.014  -11.732 -3.050  1 18.817  ? 936  SER A O   1 
ATOM   321  C CB  . SER A 1 42  ? 15.175  -12.034 0.124   1 18.031  ? 936  SER A CB  1 
ATOM   322  O OG  . SER A 1 42  ? 15.792  -10.826 -0.348  1 17.787  ? 936  SER A OG  1 
ATOM   323  N N   . PHE A 1 43  ? 12.422  -12.015 -1.454  1 15.929  ? 937  PHE A N   1 
ATOM   324  C CA  . PHE A 1 43  ? 11.352  -11.476 -2.290  1 15.232  ? 937  PHE A CA  1 
ATOM   325  C C   . PHE A 1 43  ? 10.662  -10.357 -1.506  1 17.599  ? 937  PHE A C   1 
ATOM   326  O O   . PHE A 1 43  ? 10.402  -10.487 -0.301  1 18.317  ? 937  PHE A O   1 
ATOM   327  C CB  . PHE A 1 43  ? 10.380  -12.645 -2.494  1 16.815  ? 937  PHE A CB  1 
ATOM   328  C CG  . PHE A 1 43  ? 9.121   -12.218 -3.249  1 16.909  ? 937  PHE A CG  1 
ATOM   329  C CD1 . PHE A 1 43  ? 9.184   -11.872 -4.609  1 14.037  ? 937  PHE A CD1 1 
ATOM   330  C CD2 . PHE A 1 43  ? 7.852   -12.176 -2.602  1 18.432  ? 937  PHE A CD2 1 
ATOM   331  C CE1 . PHE A 1 43  ? 8.038   -11.537 -5.348  1 16.183  ? 937  PHE A CE1 1 
ATOM   332  C CE2 . PHE A 1 43  ? 6.710   -11.840 -3.327  1 15.947  ? 937  PHE A CE2 1 
ATOM   333  C CZ  . PHE A 1 43  ? 6.780   -11.505 -4.698  1 16.729  ? 937  PHE A CZ  1 
ATOM   334  N N   . SER A 1 44  ? 10.350  -9.264  -2.214  1 15.208  ? 938  SER A N   1 
ATOM   335  C CA  . SER A 1 44  ? 9.540   -8.189  -1.620  1 15.202  ? 938  SER A CA  1 
ATOM   336  C C   . SER A 1 44  ? 8.271   -8.071  -2.447  1 17.107  ? 938  SER A C   1 
ATOM   337  O O   . SER A 1 44  ? 8.296   -8.105  -3.706  1 17.088  ? 938  SER A O   1 
ATOM   338  C CB  . SER A 1 44  ? 10.354  -6.936  -1.632  1 15.448  ? 938  SER A CB  1 
ATOM   339  O OG  . SER A 1 44  ? 9.503   -5.823  -1.263  1 21.533  ? 938  SER A OG  1 
ATOM   340  N N   . ASP A 1 45  ? 7.107   -7.891  -1.771  1 15.447  ? 939  ASP A N   1 
ATOM   341  C CA  . ASP A 1 45  ? 5.862   -7.778  -2.501  1 16.196  ? 939  ASP A CA  1 
ATOM   342  C C   . ASP A 1 45  ? 5.240   -6.378  -2.397  1 19.025  ? 939  ASP A C   1 
ATOM   343  O O   . ASP A 1 45  ? 4.104   -6.211  -2.825  1 22.078  ? 939  ASP A O   1 
ATOM   344  C CB  . ASP A 1 45  ? 4.845   -8.732  -1.891  1 20.018  ? 939  ASP A CB  1 
ATOM   345  C CG  . ASP A 1 45  ? 4.511   -8.504  -0.427  1 19.866  ? 939  ASP A CG  1 
ATOM   346  O OD1 . ASP A 1 45  ? 5.191   -7.750  0.240   1 20.709  ? 939  ASP A OD1 1 
ATOM   347  O OD2 . ASP A 1 45  ? 3.565   -9.186  0.036   1 25.605  ? 939  ASP A OD2 1 
ATOM   348  N N   . ASN A 1 46  ? 5.938   -5.432  -1.806  1 19.621  ? 940  ASN A N   1 
ATOM   349  C CA  . ASN A 1 46  ? 5.238   -4.177  -1.572  1 21.291  ? 940  ASN A CA  1 
ATOM   350  C C   . ASN A 1 46  ? 6.186   -2.976  -1.660  1 21.141  ? 940  ASN A C   1 
ATOM   351  O O   . ASN A 1 46  ? 6.039   -2.016  -0.889  1 21.478  ? 940  ASN A O   1 
ATOM   352  C CB  . ASN A 1 46  ? 4.621   -4.165  -0.174  1 26.116  ? 940  ASN A CB  1 
ATOM   353  C CG  . ASN A 1 46  ? 5.610   -4.401  0.949   1 23.559  ? 940  ASN A CG  1 
ATOM   354  O OD1 . ASN A 1 46  ? 6.811   -4.605  0.752   1 25.106  ? 940  ASN A OD1 1 
ATOM   355  N ND2 . ASN A 1 46  ? 5.104   -4.428  2.175   1 25.377  ? 940  ASN A ND2 1 
ATOM   356  N N   . LEU A 1 47  ? 7.098   -3.011  -2.643  1 20.352  ? 941  LEU A N   1 
ATOM   357  C CA  . LEU A 1 47  ? 7.877   -1.828  -2.996  1 20.111  ? 941  LEU A CA  1 
ATOM   358  C C   . LEU A 1 47  ? 6.927   -0.824  -3.661  1 18.75   ? 941  LEU A C   1 
ATOM   359  O O   . LEU A 1 47  ? 5.915   -1.173  -4.236  1 19.855  ? 941  LEU A O   1 
ATOM   360  C CB  . LEU A 1 47  ? 8.942   -2.254  -4.006  1 21.804  ? 941  LEU A CB  1 
ATOM   361  C CG  . LEU A 1 47  ? 10.168  -2.889  -3.340  1 32.036  ? 941  LEU A CG  1 
ATOM   362  C CD1 . LEU A 1 47  ? 11.032  -3.479  -4.412  1 33.719  ? 941  LEU A CD1 1 
ATOM   363  C CD2 . LEU A 1 47  ? 10.926  -1.830  -2.522  1 31.506  ? 941  LEU A CD2 1 
ATOM   364  N N   . TYR A 1 48  ? 7.266   0.442   -3.542  1 22.461  ? 942  TYR A N   1 
ATOM   365  C CA  . TYR A 1 48  ? 6.551   1.422   -4.337  1 21.696  ? 942  TYR A CA  1 
ATOM   366  C C   . TYR A 1 48  ? 7.338   1.722   -5.611  1 22.496  ? 942  TYR A C   1 
ATOM   367  O O   . TYR A 1 48  ? 8.573   1.581   -5.616  1 21.296  ? 942  TYR A O   1 
ATOM   368  C CB  . TYR A 1 48  ? 6.587   2.694   -3.479  1 30.03   ? 942  TYR A CB  1 
ATOM   369  C CG  . TYR A 1 48  ? 5.804   2.634   -2.172  1 33.584  ? 942  TYR A CG  1 
ATOM   370  C CD1 . TYR A 1 48  ? 4.468   2.235   -2.144  1 46.973  ? 942  TYR A CD1 1 
ATOM   371  C CD2 . TYR A 1 48  ? 6.395   3.007   -0.970  1 47.233  ? 942  TYR A CD2 1 
ATOM   372  C CE1 . TYR A 1 48  ? 3.749   2.216   -0.957  1 58.107  ? 942  TYR A CE1 1 
ATOM   373  C CE2 . TYR A 1 48  ? 5.685   3.011   0.221   1 52.452  ? 942  TYR A CE2 1 
ATOM   374  C CZ  . TYR A 1 48  ? 4.362   2.609   0.222   1 58.572  ? 942  TYR A CZ  1 
ATOM   375  O OH  . TYR A 1 48  ? 3.669   2.593   1.392   1 62.691  ? 942  TYR A OH  1 
ATOM   376  N N   . PRO A 1 49  ? 6.656   2.124   -6.697  1 23.443  ? 943  PRO A N   1 
ATOM   377  C CA  . PRO A 1 49  ? 7.288   2.408   -7.978  1 22.389  ? 943  PRO A CA  1 
ATOM   378  C C   . PRO A 1 49  ? 8.516   3.315   -7.839  1 24.501  ? 943  PRO A C   1 
ATOM   379  O O   . PRO A 1 49  ? 9.499   3.087   -8.537  1 20.869  ? 943  PRO A O   1 
ATOM   380  C CB  . PRO A 1 49  ? 6.145   2.961   -8.828  1 24.302  ? 943  PRO A CB  1 
ATOM   381  C CG  . PRO A 1 49  ? 4.948   2.119   -8.320  1 25.605  ? 943  PRO A CG  1 
ATOM   382  C CD  . PRO A 1 49  ? 5.177   2.240   -6.811  1 22.646  ? 943  PRO A CD  1 
ATOM   383  N N   . GLU A 1 50  ? 8.453   4.302   -6.936  1 23.094  ? 944  GLU A N   1 
ATOM   384  C CA  . GLU A 1 50  ? 9.566   5.257   -6.794  1 23.59   ? 944  GLU A CA  1 
ATOM   385  C C   . GLU A 1 50  ? 10.817  4.602   -6.226  1 26.721  ? 944  GLU A C   1 
ATOM   386  O O   . GLU A 1 50  ? 11.910  5.139   -6.387  1 25.291  ? 944  GLU A O   1 
ATOM   387  C CB  . GLU A 1 50  ? 9.254   6.502   -5.966  1 29.212  ? 944  GLU A CB  1 
ATOM   388  C CG  . GLU A 1 50  ? 8.687   6.162   -4.599  1 35.791  ? 944  GLU A CG  1 
ATOM   389  C CD  . GLU A 1 50  ? 7.155   6.134   -4.624  1 43.419  ? 944  GLU A CD  1 
ATOM   390  O OE1 . GLU A 1 50  ? 6.452   5.585   -5.550  1 31.005  ? 944  GLU A OE1 1 
ATOM   391  O OE2 . GLU A 1 50  ? 6.681   6.709   -3.594  1 50.233  ? 944  GLU A OE2 1 
ATOM   392  N N   . ASP A 1 51  ? 10.679  3.421   -5.568  1 21.608  ? 945  ASP A N   1 
ATOM   393  C CA  . ASP A 1 51  ? 11.829  2.710   -5.012  1 22.106  ? 945  ASP A CA  1 
ATOM   394  C C   . ASP A 1 51  ? 12.683  2.012   -6.094  1 18.756  ? 945  ASP A C   1 
ATOM   395  O O   . ASP A 1 51  ? 13.800  1.542   -5.774  1 18.87   ? 945  ASP A O   1 
ATOM   396  C CB  . ASP A 1 51  ? 11.385  1.676   -3.974  1 27.031  ? 945  ASP A CB  1 
ATOM   397  C CG  . ASP A 1 51  ? 10.574  2.173   -2.778  1 35.057  ? 945  ASP A CG  1 
ATOM   398  O OD1 . ASP A 1 51  ? 10.883  3.285   -2.314  1 28.128  ? 945  ASP A OD1 1 
ATOM   399  O OD2 . ASP A 1 51  ? 9.644   1.412   -2.257  1 34.013  ? 945  ASP A OD2 1 
ATOM   400  N N   . ILE A 1 52  ? 12.193  1.914   -7.315  1 18.156  ? 946  ILE A N   1 
ATOM   401  C CA  . ILE A 1 52  ? 13.022  1.418   -8.411  1 19.155  ? 946  ILE A CA  1 
ATOM   402  C C   . ILE A 1 52  ? 13.919  2.614   -8.798  1 20.081  ? 946  ILE A C   1 
ATOM   403  O O   . ILE A 1 52  ? 13.408  3.623   -9.279  1 20.347  ? 946  ILE A O   1 
ATOM   404  C CB  . ILE A 1 52  ? 12.201  0.960   -9.617  1 18.78   ? 946  ILE A CB  1 
ATOM   405  C CG1 . ILE A 1 52  ? 11.243  -0.187  -9.250  1 18.405  ? 946  ILE A CG1 1 
ATOM   406  C CG2 . ILE A 1 52  ? 13.068  0.530   -10.819 1 15.419  ? 946  ILE A CG2 1 
ATOM   407  C CD1 . ILE A 1 52  ? 11.939  -1.412  -8.707  1 19.3    ? 946  ILE A CD1 1 
ATOM   408  N N   . VAL A 1 53  ? 15.225  2.455   -8.611  1 18.948  ? 947  VAL A N   1 
ATOM   409  C CA  . VAL A 1 53  ? 16.138  3.591   -8.861  1 17.464  ? 947  VAL A CA  1 
ATOM   410  C C   . VAL A 1 53  ? 16.971  3.368   -10.116 1 17.814  ? 947  VAL A C   1 
ATOM   411  O O   . VAL A 1 53  ? 17.840  4.198   -10.444 1 22.957  ? 947  VAL A O   1 
ATOM   412  C CB  . VAL A 1 53  ? 17.025  3.875   -7.647  1 19.992  ? 947  VAL A CB  1 
ATOM   413  C CG1 . VAL A 1 53  ? 16.189  4.442   -6.491  1 20.44   ? 947  VAL A CG1 1 
ATOM   414  C CG2 . VAL A 1 53  ? 17.768  2.614   -7.128  1 17.137  ? 947  VAL A CG2 1 
ATOM   415  N N   . SER A 1 54  ? 16.684  2.351   -10.892 1 17.266  ? 948  SER A N   1 
ATOM   416  C CA  . SER A 1 54  ? 17.355  2.122   -12.176 1 19.976  ? 948  SER A CA  1 
ATOM   417  C C   . SER A 1 54  ? 16.579  2.675   -13.366 1 20.038  ? 948  SER A C   1 
ATOM   418  O O   . SER A 1 54  ? 17.009  2.553   -14.521 1 22.428  ? 948  SER A O   1 
ATOM   419  C CB  . SER A 1 54  ? 17.701  0.655   -12.398 1 20.65   ? 948  SER A CB  1 
ATOM   420  O OG  . SER A 1 54  ? 16.515  -0.133  -12.291 1 20.078  ? 948  SER A OG  1 
ATOM   421  N N   . GLN A 1 55  ? 15.337  3.118   -13.119 1 21.69   ? 949  GLN A N   1 
ATOM   422  C CA  . GLN A 1 55  ? 14.441  3.566   -14.176 1 25.07   ? 949  GLN A CA  1 
ATOM   423  C C   . GLN A 1 55  ? 13.366  4.432   -13.529 1 24.604  ? 949  GLN A C   1 
ATOM   424  O O   . GLN A 1 55  ? 13.204  4.452   -12.311 1 24.251  ? 949  GLN A O   1 
ATOM   425  C CB  . GLN A 1 55  ? 13.941  2.514   -15.178 1 27.985  ? 949  GLN A CB  1 
ATOM   426  C CG  . GLN A 1 55  ? 13.267  1.296   -14.536 1 26.974  ? 949  GLN A CG  1 
ATOM   427  C CD  . GLN A 1 55  ? 12.863  0.184   -15.479 1 25.549  ? 949  GLN A CD  1 
ATOM   428  O OE1 . GLN A 1 55  ? 13.578  -0.807  -15.742 1 31.619  ? 949  GLN A OE1 1 
ATOM   429  N NE2 . GLN A 1 55  ? 11.661  0.305   -15.986 1 25.694  ? 949  GLN A NE2 1 
ATOM   430  N N   . ASP A 1 56  ? 12.653  5.205   -14.356 1 26.839  ? 950  ASP A N   1 
ATOM   431  C CA  . ASP A 1 56  ? 11.745  6.161   -13.730 1 33.191  ? 950  ASP A CA  1 
ATOM   432  C C   . ASP A 1 56  ? 10.345  5.597   -13.901 1 32.398  ? 950  ASP A C   1 
ATOM   433  O O   . ASP A 1 56  ? 9.702   5.817   -14.936 1 26.665  ? 950  ASP A O   1 
ATOM   434  C CB  . ASP A 1 56  ? 11.834  7.545   -14.348 1 39.494  ? 950  ASP A CB  1 
ATOM   435  C CG  . ASP A 1 56  ? 10.894  8.560   -13.704 1 50.97   ? 950  ASP A CG  1 
ATOM   436  O OD1 . ASP A 1 56  ? 10.124  8.184   -12.771 1 48.598  ? 950  ASP A OD1 1 
ATOM   437  O OD2 . ASP A 1 56  ? 10.926  9.719   -14.132 1 53.411  ? 950  ASP A OD2 1 
ATOM   438  N N   . CYS A 1 57  ? 9.933   4.755   -12.942 1 22.316  ? 951  CYS A N   1 
ATOM   439  C CA  . CYS A 1 57  ? 8.709   4.038   -13.205 1 20.348  ? 951  CYS A CA  1 
ATOM   440  C C   . CYS A 1 57  ? 7.465   4.922   -12.966 1 20.936  ? 951  CYS A C   1 
ATOM   441  O O   . CYS A 1 57  ? 6.445   4.572   -13.539 1 23.316  ? 951  CYS A O   1 
ATOM   442  C CB  . CYS A 1 57  ? 8.614   2.850   -12.250 1 20.006  ? 951  CYS A CB  1 
ATOM   443  S SG  . CYS A 1 57  ? 9.939   1.648   -12.586 1 22.45   ? 951  CYS A SG  1 
ATOM   444  N N   . LEU A 1 58  ? 7.554   5.986   -12.162 1 24.655  ? 952  LEU A N   1 
ATOM   445  C CA  . LEU A 1 58  ? 6.402   6.901   -12.018 1 29.753  ? 952  LEU A CA  1 
ATOM   446  C C   . LEU A 1 58  ? 6.095   7.526   -13.370 1 33.646  ? 952  LEU A C   1 
ATOM   447  O O   . LEU A 1 58  ? 4.936   7.642   -13.768 1 30.904  ? 952  LEU A O   1 
ATOM   448  C CB  . LEU A 1 58  ? 6.566   7.951   -10.925 1 32.541  ? 952  LEU A CB  1 
ATOM   449  C CG  . LEU A 1 58  ? 6.567   7.439   -9.474  1 36.975  ? 952  LEU A CG  1 
ATOM   450  C CD1 . LEU A 1 58  ? 7.087   8.458   -8.484  1 35.148  ? 952  LEU A CD1 1 
ATOM   451  C CD2 . LEU A 1 58  ? 5.243   6.825   -9.009  1 34.788  ? 952  LEU A CD2 1 
ATOM   452  N N   . GLN A 1 59  ? 7.157   7.840   -14.128 1 29.491  ? 953  GLN A N   1 
ATOM   453  C CA  . GLN A 1 59  ? 6.945   8.410   -15.452 1 35.091  ? 953  GLN A CA  1 
ATOM   454  C C   . GLN A 1 59  ? 6.636   7.369   -16.519 1 37.438  ? 953  GLN A C   1 
ATOM   455  O O   . GLN A 1 59  ? 5.771   7.620   -17.351 1 36.888  ? 953  GLN A O   1 
ATOM   456  C CB  . GLN A 1 59  ? 8.092   9.379   -15.732 1 38.256  ? 953  GLN A CB  1 
ATOM   457  C CG  . GLN A 1 59  ? 8.094   9.995   -17.122 1 44.949  ? 953  GLN A CG  1 
ATOM   458  C CD  . GLN A 1 59  ? 9.267   10.940  -17.267 1 49.688  ? 953  GLN A CD  1 
ATOM   459  O OE1 . GLN A 1 59  ? 9.843   11.417  -16.281 1 52.158  ? 953  GLN A OE1 1 
ATOM   460  N NE2 . GLN A 1 59  ? 9.666   11.195  -18.496 1 48.218  ? 953  GLN A NE2 1 
ATOM   461  N N   . PHE A 1 60  ? 7.320   6.208   -16.536 1 28.867  ? 954  PHE A N   1 
ATOM   462  C CA  . PHE A 1 60  ? 7.255   5.320   -17.675 1 28.734  ? 954  PHE A CA  1 
ATOM   463  C C   . PHE A 1 60  ? 6.564   3.995   -17.383 1 32.332  ? 954  PHE A C   1 
ATOM   464  O O   . PHE A 1 60  ? 6.485   3.158   -18.268 1 36.948  ? 954  PHE A O   1 
ATOM   465  C CB  . PHE A 1 60  ? 8.679   5.042   -18.172 1 34.071  ? 954  PHE A CB  1 
ATOM   466  C CG  . PHE A 1 60  ? 9.298   6.284   -18.787 1 41.88   ? 954  PHE A CG  1 
ATOM   467  C CD1 . PHE A 1 60  ? 8.936   6.692   -20.069 1 45.011  ? 954  PHE A CD1 1 
ATOM   468  C CD2 . PHE A 1 60  ? 10.181  7.072   -18.054 1 40.867  ? 954  PHE A CD2 1 
ATOM   469  C CE1 . PHE A 1 60  ? 9.484   7.848   -20.609 1 41.657  ? 954  PHE A CE1 1 
ATOM   470  C CE2 . PHE A 1 60  ? 10.733  8.220   -18.603 1 50.835  ? 954  PHE A CE2 1 
ATOM   471  C CZ  . PHE A 1 60  ? 10.366  8.613   -19.867 1 37.816  ? 954  PHE A CZ  1 
ATOM   472  N N   . GLY A 1 61  ? 6.062   3.818   -16.168 1 31.248  ? 955  GLY A N   1 
ATOM   473  C CA  . GLY A 1 61  ? 5.396   2.579   -15.794 1 33.523  ? 955  GLY A CA  1 
ATOM   474  C C   . GLY A 1 61  ? 6.395   1.491   -15.395 1 31.478  ? 955  GLY A C   1 
ATOM   475  O O   . GLY A 1 61  ? 7.614   1.734   -15.306 1 25.72   ? 955  GLY A O   1 
ATOM   476  N N   . PRO A 1 62  ? 5.893   0.260   -15.195 1 28.971  ? 956  PRO A N   1 
ATOM   477  C CA  . PRO A 1 62  ? 6.710   -0.768  -14.566 1 26.848  ? 956  PRO A CA  1 
ATOM   478  C C   . PRO A 1 62  ? 7.833   -1.260  -15.467 1 26.493  ? 956  PRO A C   1 
ATOM   479  O O   . PRO A 1 62  ? 7.741   -1.148  -16.702 1 23.216  ? 956  PRO A O   1 
ATOM   480  C CB  . PRO A 1 62  ? 5.743   -1.894  -14.205 1 27.632  ? 956  PRO A CB  1 
ATOM   481  C CG  . PRO A 1 62  ? 4.468   -1.607  -14.968 1 30.41   ? 956  PRO A CG  1 
ATOM   482  C CD  . PRO A 1 62  ? 4.511   -0.184  -15.497 1 26.697  ? 956  PRO A CD  1 
ATOM   483  N N   . PRO A 1 63  ? 8.853   -1.930  -14.869 1 22.906  ? 957  PRO A N   1 
ATOM   484  C CA  . PRO A 1 63  ? 9.818   -2.680  -15.654 1 21.857  ? 957  PRO A CA  1 
ATOM   485  C C   . PRO A 1 63  ? 9.126   -3.820  -16.357 1 25.859  ? 957  PRO A C   1 
ATOM   486  O O   . PRO A 1 63  ? 8.012   -4.205  -15.974 1 26.811  ? 957  PRO A O   1 
ATOM   487  C CB  . PRO A 1 63  ? 10.819  -3.234  -14.616 1 21.287  ? 957  PRO A CB  1 
ATOM   488  C CG  . PRO A 1 63  ? 10.612  -2.343  -13.403 1 21.896  ? 957  PRO A CG  1 
ATOM   489  C CD  . PRO A 1 63  ? 9.139   -1.957  -13.426 1 24.348  ? 957  PRO A CD  1 
ATOM   490  N N   . ALA A 1 64  ? 9.833   -4.415  -17.320 1 25.388  ? 958  ALA A N   1 
ATOM   491  C CA  . ALA A 1 64  ? 9.335   -5.621  -17.949 1 26.009  ? 958  ALA A CA  1 
ATOM   492  C C   . ALA A 1 64  ? 9.526   -6.749  -16.951 1 24.992  ? 958  ALA A C   1 
ATOM   493  O O   . ALA A 1 64  ? 10.397  -6.675  -16.081 1 24.607  ? 958  ALA A O   1 
ATOM   494  C CB  . ALA A 1 64  ? 10.034  -5.883  -19.281 1 27.299  ? 958  ALA A CB  1 
ATOM   495  N N   . GLU A 1 65  ? 8.674   -7.771  -17.056 1 29.286  ? 959  GLU A N   1 
ATOM   496  C CA  . GLU A 1 65  ? 8.759   -8.927  -16.195 1 29.938  ? 959  GLU A CA  1 
ATOM   497  C C   . GLU A 1 65  ? 10.139  -9.542  -16.367 1 27.667  ? 959  GLU A C   1 
ATOM   498  O O   . GLU A 1 65  ? 10.599  -9.700  -17.498 1 30.06   ? 959  GLU A O   1 
ATOM   499  C CB  . GLU A 1 65  ? 7.666   -9.851  -16.717 1 37.665  ? 959  GLU A CB  1 
ATOM   500  C CG  . GLU A 1 65  ? 7.512   -11.096 -15.852 1 56.986  ? 959  GLU A CG  1 
ATOM   501  C CD  . GLU A 1 65  ? 6.370   -11.981 -16.315 1 68.262  ? 959  GLU A CD  1 
ATOM   502  O OE1 . GLU A 1 65  ? 5.205   -11.510 -16.371 1 72.61   ? 959  GLU A OE1 1 
ATOM   503  O OE2 . GLU A 1 65  ? 6.669   -13.150 -16.622 1 73.812  ? 959  GLU A OE2 1 
ATOM   504  N N   . GLY A 1 66  ? 10.814  -9.847  -15.262 1 23.732  ? 960  GLY A N   1 
ATOM   505  C CA  . GLY A 1 66  ? 12.165  -10.406 -15.220 1 22.863  ? 960  GLY A CA  1 
ATOM   506  C C   . GLY A 1 66  ? 13.287  -9.376  -15.388 1 23.152  ? 960  GLY A C   1 
ATOM   507  O O   . GLY A 1 66  ? 14.462  -9.673  -15.191 1 26.299  ? 960  GLY A O   1 
ATOM   508  N N   . GLU A 1 67  ? 12.963  -8.115  -15.688 1 19.319  ? 961  GLU A N   1 
ATOM   509  C CA  . GLU A 1 67  ? 14.015  -7.135  -15.978 1 20.736  ? 961  GLU A CA  1 
ATOM   510  C C   . GLU A 1 67  ? 14.910  -6.899  -14.757 1 21.599  ? 961  GLU A C   1 
ATOM   511  O O   . GLU A 1 67  ? 14.425  -6.693  -13.646 1 22.542  ? 961  GLU A O   1 
ATOM   512  C CB  . GLU A 1 67  ? 13.363  -5.808  -16.376 1 23.208  ? 961  GLU A CB  1 
ATOM   513  C CG  . GLU A 1 67  ? 14.348  -4.736  -16.792 1 26.971  ? 961  GLU A CG  1 
ATOM   514  C CD  . GLU A 1 67  ? 13.755  -3.662  -17.674 1 35.356  ? 961  GLU A CD  1 
ATOM   515  O OE1 . GLU A 1 67  ? 14.637  -2.961  -18.259 1 33.721  ? 961  GLU A OE1 1 
ATOM   516  O OE2 . GLU A 1 67  ? 12.521  -3.484  -17.777 1 26.939  ? 961  GLU A OE2 1 
ATOM   517  N N   . VAL A 1 68  ? 16.241  -6.822  -14.958 1 19.393  ? 962  VAL A N   1 
ATOM   518  C CA  . VAL A 1 68  ? 17.130  -6.391  -13.893 1 19.037  ? 962  VAL A CA  1 
ATOM   519  C C   . VAL A 1 68  ? 16.845  -4.927  -13.539 1 22.011  ? 962  VAL A C   1 
ATOM   520  O O   . VAL A 1 68  ? 16.771  -4.025  -14.407 1 21.617  ? 962  VAL A O   1 
ATOM   521  C CB  . VAL A 1 68  ? 18.603  -6.524  -14.376 1 22.127  ? 962  VAL A CB  1 
ATOM   522  C CG1 . VAL A 1 68  ? 19.642  -5.869  -13.455 1 22.933  ? 962  VAL A CG1 1 
ATOM   523  C CG2 . VAL A 1 68  ? 18.980  -7.982  -14.584 1 23.451  ? 962  VAL A CG2 1 
ATOM   524  N N   . VAL A 1 69  ? 16.802  -4.668  -12.239 1 18.684  ? 963  VAL A N   1 
ATOM   525  C CA  . VAL A 1 69  ? 16.563  -3.367  -11.633 1 18.73   ? 963  VAL A CA  1 
ATOM   526  C C   . VAL A 1 69  ? 17.473  -3.154  -10.433 1 20.706  ? 963  VAL A C   1 
ATOM   527  O O   . VAL A 1 69  ? 18.033  -4.101  -9.887  1 18.393  ? 963  VAL A O   1 
ATOM   528  C CB  . VAL A 1 69  ? 15.069  -3.239  -11.233 1 19.431  ? 963  VAL A CB  1 
ATOM   529  C CG1 . VAL A 1 69  ? 14.185  -3.337  -12.478 1 19.794  ? 963  VAL A CG1 1 
ATOM   530  C CG2 . VAL A 1 69  ? 14.657  -4.250  -10.137 1 17.735  ? 963  VAL A CG2 1 
ATOM   531  N N   . GLN A 1 70  ? 17.564  -1.895  -9.977  1 19.341  ? 964  GLN A N   1 
ATOM   532  C CA  . GLN A 1 70  ? 18.110  -1.585  -8.674  1 18.624  ? 964  GLN A CA  1 
ATOM   533  C C   . GLN A 1 70  ? 17.042  -0.906  -7.834  1 19.497  ? 964  GLN A C   1 
ATOM   534  O O   . GLN A 1 70  ? 16.179  -0.199  -8.367  1 20.22   ? 964  GLN A O   1 
ATOM   535  C CB  . GLN A 1 70  ? 19.314  -0.645  -8.674  1 22.082  ? 964  GLN A CB  1 
ATOM   536  C CG  . GLN A 1 70  ? 20.561  -1.310  -9.241  1 24.882  ? 964  GLN A CG  1 
ATOM   537  C CD  . GLN A 1 70  ? 20.734  -1.040  -10.707 1 29.21   ? 964  GLN A CD  1 
ATOM   538  O OE1 . GLN A 1 70  ? 20.878  0.135   -11.135 1 29.773  ? 964  GLN A OE1 1 
ATOM   539  N NE2 . GLN A 1 70  ? 20.797  -2.129  -11.463 1 30.688  ? 964  GLN A NE2 1 
ATOM   540  N N   . VAL A 1 71  ? 17.039  -1.282  -6.556  1 18.514  ? 965  VAL A N   1 
ATOM   541  C CA  . VAL A 1 71  ? 15.995  -0.901  -5.622  1 19.343  ? 965  VAL A CA  1 
ATOM   542  C C   . VAL A 1 71  ? 16.622  -0.178  -4.430  1 19.583  ? 965  VAL A C   1 
ATOM   543  O O   . VAL A 1 71  ? 17.597  -0.646  -3.836  1 21.01   ? 965  VAL A O   1 
ATOM   544  C CB  . VAL A 1 71  ? 15.315  -2.215  -5.132  1 18.409  ? 965  VAL A CB  1 
ATOM   545  C CG1 . VAL A 1 71  ? 14.341  -1.868  -4.013  1 23.351  ? 965  VAL A CG1 1 
ATOM   546  C CG2 . VAL A 1 71  ? 14.641  -2.926  -6.290  1 20.111  ? 965  VAL A CG2 1 
ATOM   547  N N   . ARG A 1 72  ? 15.973  0.912   -3.972  1 18.347  ? 966  ARG A N   1 
ATOM   548  C CA  . ARG A 1 72  ? 16.355  1.549   -2.729  1 21.905  ? 966  ARG A CA  1 
ATOM   549  C C   . ARG A 1 72  ? 15.506  0.944   -1.601  1 21.594  ? 966  ARG A C   1 
ATOM   550  O O   . ARG A 1 72  ? 14.294  0.934   -1.695  1 24.504  ? 966  ARG A O   1 
ATOM   551  C CB  . ARG A 1 72  ? 16.105  3.057   -2.950  1 27.16   ? 966  ARG A CB  1 
ATOM   552  C CG  . ARG A 1 72  ? 16.091  3.737   -1.591  1 31.768  ? 966  ARG A CG  1 
ATOM   553  C CD  . ARG A 1 72  ? 17.429  4.309   -1.186  1 38.415  ? 966  ARG A CD  1 
ATOM   554  N NE  . ARG A 1 72  ? 17.866  5.247   -2.237  1 46.123  ? 966  ARG A NE  1 
ATOM   555  C CZ  . ARG A 1 72  ? 19.142  5.315   -2.647  1 46.483  ? 966  ARG A CZ  1 
ATOM   556  N NH1 . ARG A 1 72  ? 20.095  4.939   -1.806  1 42.81   ? 966  ARG A NH1 1 
ATOM   557  N NH2 . ARG A 1 72  ? 19.453  5.795   -3.857  1 35.073  ? 966  ARG A NH2 1 
ATOM   558  N N   . TRP A 1 73  ? 16.161  0.303   -0.639  1 21.969  ? 967  TRP A N   1 
ATOM   559  C CA  . TRP A 1 73  ? 15.497  -0.606  0.283   1 24.732  ? 967  TRP A CA  1 
ATOM   560  C C   . TRP A 1 73  ? 15.268  0.070   1.637   1 28.729  ? 967  TRP A C   1 
ATOM   561  O O   . TRP A 1 73  ? 15.600  1.249   1.803   1 29.218  ? 967  TRP A O   1 
ATOM   562  C CB  . TRP A 1 73  ? 16.383  -1.866  0.379   1 22.9    ? 967  TRP A CB  1 
ATOM   563  C CG  . TRP A 1 73  ? 15.781  -3.016  1.164   1 26.358  ? 967  TRP A CG  1 
ATOM   564  C CD1 . TRP A 1 73  ? 16.433  -3.749  2.111   1 30.465  ? 967  TRP A CD1 1 
ATOM   565  C CD2 . TRP A 1 73  ? 14.454  -3.577  1.075   1 27.044  ? 967  TRP A CD2 1 
ATOM   566  N NE1 . TRP A 1 73  ? 15.619  -4.734  2.623   1 31.247  ? 967  TRP A NE1 1 
ATOM   567  C CE2 . TRP A 1 73  ? 14.394  -4.645  2.013   1 30.196  ? 967  TRP A CE2 1 
ATOM   568  C CE3 . TRP A 1 73  ? 13.328  -3.287  0.304   1 23.841  ? 967  TRP A CE3 1 
ATOM   569  C CZ2 . TRP A 1 73  ? 13.251  -5.419  2.188   1 28.337  ? 967  TRP A CZ2 1 
ATOM   570  C CZ3 . TRP A 1 73  ? 12.197  -4.059  0.476   1 26.706  ? 967  TRP A CZ3 1 
ATOM   571  C CH2 . TRP A 1 73  ? 12.158  -5.087  1.420   1 27.924  ? 967  TRP A CH2 1 
ATOM   572  N N   . THR A 1 74  ? 14.731  -0.709  2.607   1 30.662  ? 968  THR A N   1 
ATOM   573  C CA  . THR A 1 74  ? 14.196  -0.204  3.869   1 33.74   ? 968  THR A CA  1 
ATOM   574  C C   . THR A 1 74  ? 15.352  0.287   4.730   1 39.626  ? 968  THR A C   1 
ATOM   575  O O   . THR A 1 74  ? 15.121  1.017   5.680   1 45.599  ? 968  THR A O   1 
ATOM   576  C CB  . THR A 1 74  ? 13.357  -1.248  4.627   1 34.244  ? 968  THR A CB  1 
ATOM   577  O OG1 . THR A 1 74  ? 14.154  -2.434  4.772   1 34.604  ? 968  THR A OG1 1 
ATOM   578  C CG2 . THR A 1 74  ? 12.092  -1.640  3.885   1 38.162  ? 968  THR A CG2 1 
ATOM   579  N N   . ASP A 1 75  ? 16.579  -0.118  4.400   1 36.219  ? 969  ASP A N   1 
ATOM   580  C CA  . ASP A 1 75  ? 17.757  0.257   5.183   1 37.479  ? 969  ASP A CA  1 
ATOM   581  C C   . ASP A 1 75  ? 18.426  1.470   4.541   1 37.255  ? 969  ASP A C   1 
ATOM   582  O O   . ASP A 1 75  ? 19.534  1.820   4.940   1 38.456  ? 969  ASP A O   1 
ATOM   583  C CB  . ASP A 1 75  ? 18.762  -0.880  5.281   1 31.774  ? 969  ASP A CB  1 
ATOM   584  C CG  . ASP A 1 75  ? 19.384  -1.284  3.952   1 36.146  ? 969  ASP A CG  1 
ATOM   585  O OD1 . ASP A 1 75  ? 18.825  -0.892  2.896   1 35.7    ? 969  ASP A OD1 1 
ATOM   586  O OD2 . ASP A 1 75  ? 20.439  -1.948  3.967   1 41.404  ? 969  ASP A OD2 1 
ATOM   587  N N   . GLY A 1 76  ? 17.782  2.047   3.512   1 36.892  ? 970  GLY A N   1 
ATOM   588  C CA  . GLY A 1 76  ? 18.271  3.205   2.763   1 33.204  ? 970  GLY A CA  1 
ATOM   589  C C   . GLY A 1 76  ? 19.336  2.852   1.715   1 33.974  ? 970  GLY A C   1 
ATOM   590  O O   . GLY A 1 76  ? 19.820  3.718   0.993   1 34.897  ? 970  GLY A O   1 
ATOM   591  N N   . GLN A 1 77  ? 19.752  1.592   1.617   1 29.742  ? 971  GLN A N   1 
ATOM   592  C CA  . GLN A 1 77  ? 20.804  1.193   0.679   1 27.21   ? 971  GLN A CA  1 
ATOM   593  C C   . GLN A 1 77  ? 20.180  0.705   -0.641  1 27.061  ? 971  GLN A C   1 
ATOM   594  O O   . GLN A 1 77  ? 18.984  0.372   -0.701  1 25.665  ? 971  GLN A O   1 
ATOM   595  C CB  . GLN A 1 77  ? 21.613  0.028   1.243   1 34.336  ? 971  GLN A CB  1 
ATOM   596  C CG  . GLN A 1 77  ? 22.254  0.287   2.603   1 44.89   ? 971  GLN A CG  1 
ATOM   597  C CD  . GLN A 1 77  ? 23.186  1.472   2.566   1 47.523  ? 971  GLN A CD  1 
ATOM   598  O OE1 . GLN A 1 77  ? 24.283  1.405   2.000   1 50.707  ? 971  GLN A OE1 1 
ATOM   599  N NE2 . GLN A 1 77  ? 22.723  2.581   3.116   1 50.196  ? 971  GLN A NE2 1 
ATOM   600  N N   . VAL A 1 78  ? 21.000  0.588   -1.690  1 23.239  ? 972  VAL A N   1 
ATOM   601  C CA  . VAL A 1 78  ? 20.550  0.113   -2.995  1 20.557  ? 972  VAL A CA  1 
ATOM   602  C C   . VAL A 1 78  ? 21.010  -1.319  -3.213  1 24.279  ? 972  VAL A C   1 
ATOM   603  O O   . VAL A 1 78  ? 22.170  -1.661  -2.961  1 24.112  ? 972  VAL A O   1 
ATOM   604  C CB  . VAL A 1 78  ? 21.132  0.969   -4.156  1 21.334  ? 972  VAL A CB  1 
ATOM   605  C CG1 . VAL A 1 78  ? 20.784  0.415   -5.543  1 19.971  ? 972  VAL A CG1 1 
ATOM   606  C CG2 . VAL A 1 78  ? 20.690  2.401   -4.000  1 22.744  ? 972  VAL A CG2 1 
ATOM   607  N N   . TYR A 1 79  ? 20.089  -2.143  -3.725  1 19.996  ? 973  TYR A N   1 
ATOM   608  C CA  . TYR A 1 79  ? 20.408  -3.535  -4.010  1 23.314  ? 973  TYR A CA  1 
ATOM   609  C C   . TYR A 1 79  ? 19.903  -3.901  -5.394  1 21.123  ? 973  TYR A C   1 
ATOM   610  O O   . TYR A 1 79  ? 18.890  -3.376  -5.863  1 21.595  ? 973  TYR A O   1 
ATOM   611  C CB  . TYR A 1 79  ? 19.674  -4.502  -3.047  1 24.134  ? 973  TYR A CB  1 
ATOM   612  C CG  . TYR A 1 79  ? 20.150  -4.294  -1.617  1 24.534  ? 973  TYR A CG  1 
ATOM   613  C CD1 . TYR A 1 79  ? 21.322  -4.912  -1.161  1 27.76   ? 973  TYR A CD1 1 
ATOM   614  C CD2 . TYR A 1 79  ? 19.521  -3.368  -0.789  1 25.153  ? 973  TYR A CD2 1 
ATOM   615  C CE1 . TYR A 1 79  ? 21.778  -4.679  0.137   1 32.313  ? 973  TYR A CE1 1 
ATOM   616  C CE2 . TYR A 1 79  ? 19.974  -3.133  0.499   1 31.08   ? 973  TYR A CE2 1 
ATOM   617  C CZ  . TYR A 1 79  ? 21.110  -3.781  0.953   1 34.615  ? 973  TYR A CZ  1 
ATOM   618  O OH  . TYR A 1 79  ? 21.551  -3.468  2.214   1 36.924  ? 973  TYR A OH  1 
ATOM   619  N N   . GLY A 1 80  ? 20.530  -4.933  -5.990  1 17.278  ? 974  GLY A N   1 
ATOM   620  C CA  . GLY A 1 80  ? 20.136  -5.475  -7.270  1 17.557  ? 974  GLY A CA  1 
ATOM   621  C C   . GLY A 1 80  ? 18.932  -6.404  -7.092  1 19.012  ? 974  GLY A C   1 
ATOM   622  O O   . GLY A 1 80  ? 18.861  -7.094  -6.059  1 19.067  ? 974  GLY A O   1 
ATOM   623  N N   . ALA A 1 81  ? 18.068  -6.417  -8.091  1 17.785  ? 975  ALA A N   1 
ATOM   624  C CA  . ALA A 1 81  ? 16.861  -7.252  -8.087  1 17.64   ? 975  ALA A CA  1 
ATOM   625  C C   . ALA A 1 81  ? 16.412  -7.567  -9.491  1 16.728  ? 975  ALA A C   1 
ATOM   626  O O   . ALA A 1 81  ? 16.992  -7.067  -10.466 1 20.474  ? 975  ALA A O   1 
ATOM   627  C CB  . ALA A 1 81  ? 15.804  -6.601  -7.196  1 17.749  ? 975  ALA A CB  1 
ATOM   628  N N   . LYS A 1 82  ? 15.379  -8.391  -9.612  1 17.341  ? 976  LYS A N   1 
ATOM   629  C CA  . LYS A 1 82  ? 14.726  -8.711  -10.862 1 17.524  ? 976  LYS A CA  1 
ATOM   630  C C   . LYS A 1 82  ? 13.250  -8.388  -10.647 1 19.892  ? 976  LYS A C   1 
ATOM   631  O O   . LYS A 1 82  ? 12.665  -8.852  -9.671  1 16.603  ? 976  LYS A O   1 
ATOM   632  C CB  . LYS A 1 82  ? 14.831  -10.162 -11.354 1 20.921  ? 976  LYS A CB  1 
ATOM   633  C CG  . LYS A 1 82  ? 16.258  -10.530 -11.692 1 26.831  ? 976  LYS A CG  1 
ATOM   634  C CD  . LYS A 1 82  ? 16.974  -11.047 -10.463 1 29.636  ? 976  LYS A CD  1 
ATOM   635  C CE  . LYS A 1 82  ? 18.287  -11.612 -10.950 1 38.054  ? 976  LYS A CE  1 
ATOM   636  N NZ  . LYS A 1 82  ? 18.911  -12.208 -9.780  1 27.141  ? 976  LYS A NZ  1 
ATOM   637  N N   . PHE A 1 83  ? 12.654  -7.660  -11.577 1 17.39   ? 977  PHE A N   1 
ATOM   638  C CA  . PHE A 1 83  ? 11.249  -7.286  -11.411 1 19.159  ? 977  PHE A CA  1 
ATOM   639  C C   . PHE A 1 83  ? 10.355  -8.499  -11.630 1 17.935  ? 977  PHE A C   1 
ATOM   640  O O   . PHE A 1 83  ? 10.549  -9.284  -12.566 1 20.189  ? 977  PHE A O   1 
ATOM   641  C CB  . PHE A 1 83  ? 10.883  -6.250  -12.491 1 16.49   ? 977  PHE A CB  1 
ATOM   642  C CG  . PHE A 1 83  ? 9.459   -5.719  -12.320 1 17.841  ? 977  PHE A CG  1 
ATOM   643  C CD1 . PHE A 1 83  ? 9.159   -4.922  -11.204 1 18.676  ? 977  PHE A CD1 1 
ATOM   644  C CD2 . PHE A 1 83  ? 8.484   -6.092  -13.215 1 19.811  ? 977  PHE A CD2 1 
ATOM   645  C CE1 . PHE A 1 83  ? 7.833   -4.480  -11.026 1 20.947  ? 977  PHE A CE1 1 
ATOM   646  C CE2 . PHE A 1 83  ? 7.185   -5.641  -13.034 1 24.985  ? 977  PHE A CE2 1 
ATOM   647  C CZ  . PHE A 1 83  ? 6.898   -4.835  -11.971 1 20.551  ? 977  PHE A CZ  1 
ATOM   648  N N   . VAL A 1 84  ? 9.383   -8.683  -10.722 1 17.758  ? 978  VAL A N   1 
ATOM   649  C CA  . VAL A 1 84  ? 8.435   -9.785  -10.872 1 17.267  ? 978  VAL A CA  1 
ATOM   650  C C   . VAL A 1 84  ? 7.082   -9.338  -11.399 1 19.345  ? 978  VAL A C   1 
ATOM   651  O O   . VAL A 1 84  ? 6.620   -9.855  -12.410 1 20.324  ? 978  VAL A O   1 
ATOM   652  C CB  . VAL A 1 84  ? 8.277   -10.492 -9.509  1 17.651  ? 978  VAL A CB  1 
ATOM   653  C CG1 . VAL A 1 84  ? 7.140   -11.524 -9.551  1 18.066  ? 978  VAL A CG1 1 
ATOM   654  C CG2 . VAL A 1 84  ? 9.589   -11.160 -9.101  1 18.425  ? 978  VAL A CG2 1 
ATOM   655  N N   . ALA A 1 85  ? 6.474   -8.354  -10.751 1 18.955  ? 979  ALA A N   1 
ATOM   656  C CA  . ALA A 1 85  ? 5.087   -8.052  -11.111 1 19.289  ? 979  ALA A CA  1 
ATOM   657  C C   . ALA A 1 85  ? 4.677   -6.727  -10.489 1 18.902  ? 979  ALA A C   1 
ATOM   658  O O   . ALA A 1 85  ? 5.209   -6.309  -9.466  1 20.234  ? 979  ALA A O   1 
ATOM   659  C CB  . ALA A 1 85  ? 4.175   -9.147  -10.590 1 19.023  ? 979  ALA A CB  1 
ATOM   660  N N   . SER A 1 86  ? 3.638   -6.113  -11.089 1 20.534  ? 980  SER A N   1 
ATOM   661  C CA  . SER A 1 86  ? 2.981   -4.939  -10.527 1 19.393  ? 980  SER A CA  1 
ATOM   662  C C   . SER A 1 86  ? 1.650   -5.442  -9.938  1 23.224  ? 980  SER A C   1 
ATOM   663  O O   . SER A 1 86  ? 1.023   -6.301  -10.557 1 28.885  ? 980  SER A O   1 
ATOM   664  C CB  . SER A 1 86  ? 2.751   -3.960  -11.717 1 23.829  ? 980  SER A CB  1 
ATOM   665  O OG  . SER A 1 86  ? 2.316   -2.725  -11.203 1 41.918  ? 980  SER A OG  1 
ATOM   666  N N   . HIS A 1 87  ? 1.265   -4.995  -8.739  1 21.943  ? 981  HIS A N   1 
ATOM   667  C CA  . HIS A 1 87  ? 0.125   -5.542  -7.986  1 30.319  ? 981  HIS A CA  1 
ATOM   668  C C   . HIS A 1 87  ? -0.688  -4.352  -7.452  1 26.188  ? 981  HIS A C   1 
ATOM   669  O O   . HIS A 1 87  ? -0.435  -3.827  -6.377  1 25.842  ? 981  HIS A O   1 
ATOM   670  C CB  . HIS A 1 87  ? 0.631   -6.397  -6.806  1 30.357  ? 981  HIS A CB  1 
ATOM   671  C CG  . HIS A 1 87  ? -0.417  -7.143  -6.039  1 37.176  ? 981  HIS A CG  1 
ATOM   672  N ND1 . HIS A 1 87  ? -0.353  -7.311  -4.665  1 42.246  ? 981  HIS A ND1 1 
ATOM   673  C CD2 . HIS A 1 87  ? -1.547  -7.769  -6.426  1 47.377  ? 981  HIS A CD2 1 
ATOM   674  C CE1 . HIS A 1 87  ? -1.395  -8.027  -4.244  1 38.406  ? 981  HIS A CE1 1 
ATOM   675  N NE2 . HIS A 1 87  ? -2.141  -8.311  -5.289  1 45.636  ? 981  HIS A NE2 1 
ATOM   676  N N   . PRO A 1 88  ? -1.637  -3.847  -8.244  1 30.154  ? 982  PRO A N   1 
ATOM   677  C CA  . PRO A 1 88  ? -2.536  -2.782  -7.773  1 29.568  ? 982  PRO A CA  1 
ATOM   678  C C   . PRO A 1 88  ? -3.570  -3.288  -6.758  1 24.169  ? 982  PRO A C   1 
ATOM   679  O O   . PRO A 1 88  ? -4.137  -4.371  -6.919  1 26.498  ? 982  PRO A O   1 
ATOM   680  C CB  . PRO A 1 88  ? -3.125  -2.242  -9.065  1 36.128  ? 982  PRO A CB  1 
ATOM   681  C CG  . PRO A 1 88  ? -3.141  -3.475  -9.963  1 36.161  ? 982  PRO A CG  1 
ATOM   682  C CD  . PRO A 1 88  ? -1.908  -4.285  -9.620  1 36.421  ? 982  PRO A CD  1 
ATOM   683  N N   . ILE A 1 89  ? -3.741  -2.539  -5.666  1 23.443  ? 983  ILE A N   1 
ATOM   684  C CA  . ILE A 1 89  ? -4.673  -2.962  -4.633  1 24.235  ? 983  ILE A CA  1 
ATOM   685  C C   . ILE A 1 89  ? -5.592  -1.761  -4.371  1 22.457  ? 983  ILE A C   1 
ATOM   686  O O   . ILE A 1 89  ? -5.143  -0.638  -4.195  1 22.037  ? 983  ILE A O   1 
ATOM   687  C CB  . ILE A 1 89  ? -3.879  -3.328  -3.356  1 27.064  ? 983  ILE A CB  1 
ATOM   688  C CG1 . ILE A 1 89  ? -2.997  -4.539  -3.629  1 34.277  ? 983  ILE A CG1 1 
ATOM   689  C CG2 . ILE A 1 89  ? -4.800  -3.665  -2.165  1 32.705  ? 983  ILE A CG2 1 
ATOM   690  C CD1 . ILE A 1 89  ? -2.150  -4.897  -2.408  1 38.831  ? 983  ILE A CD1 1 
ATOM   691  N N   . GLN A 1 90  ? -6.886  -2.062  -4.198  1 24.305  ? 984  GLN A N   1 
ATOM   692  C CA  . GLN A 1 90  ? -7.814  -1.008  -3.816  1 28.303  ? 984  GLN A CA  1 
ATOM   693  C C   . GLN A 1 90  ? -7.572  -0.667  -2.345  1 23.408  ? 984  GLN A C   1 
ATOM   694  O O   . GLN A 1 90  ? -7.539  -1.557  -1.511  1 25.484  ? 984  GLN A O   1 
ATOM   695  C CB  . GLN A 1 90  ? -9.107  -1.829  -3.883  1 29.987  ? 984  GLN A CB  1 
ATOM   696  C CG  . GLN A 1 90  ? -10.343 -1.104  -3.372  1 45.248  ? 984  GLN A CG  1 
ATOM   697  C CD  . GLN A 1 90  ? -10.594 0.133   -4.188  1 40.42   ? 984  GLN A CD  1 
ATOM   698  O OE1 . GLN A 1 90  ? -11.232 0.086   -5.249  1 44.43   ? 984  GLN A OE1 1 
ATOM   699  N NE2 . GLN A 1 90  ? -10.056 1.236   -3.695  1 35.937  ? 984  GLN A NE2 1 
ATOM   700  N N   . MET A 1 91  ? -7.420  0.602   -2.019  1 20.857  ? 985  MET A N   1 
ATOM   701  C CA  . MET A 1 91  ? -7.256  0.947   -0.622  1 22.333  ? 985  MET A CA  1 
ATOM   702  C C   . MET A 1 91  ? -8.190  2.072   -0.199  1 21.184  ? 985  MET A C   1 
ATOM   703  O O   . MET A 1 91  ? -8.839  2.692   -1.042  1 21.286  ? 985  MET A O   1 
ATOM   704  C CB  . MET A 1 91  ? -5.799  1.204   -0.259  1 25.958  ? 985  MET A CB  1 
ATOM   705  C CG  . MET A 1 91  ? -5.087  -0.157  -0.428  1 32.466  ? 985  MET A CG  1 
ATOM   706  S SD  . MET A 1 91  ? -3.395  -0.183  0.133   1 39.18   ? 985  MET A SD  1 
ATOM   707  C CE  . MET A 1 91  ? -3.287  0.028   1.910   1 31.765  ? 985  MET A CE  1 
ATOM   708  N N   . TYR A 1 92  ? -8.143  2.390   1.101   1 19.253  ? 986  TYR A N   1 
ATOM   709  C CA  . TYR A 1 92  ? -9.143  3.287   1.685   1 20.173  ? 986  TYR A CA  1 
ATOM   710  C C   . TYR A 1 92  ? -8.401  4.339   2.492   1 18.469  ? 986  TYR A C   1 
ATOM   711  O O   . TYR A 1 92  ? -7.689  4.032   3.457   1 20.908  ? 986  TYR A O   1 
ATOM   712  C CB  . TYR A 1 92  ? -10.112 2.504   2.620   1 18.757  ? 986  TYR A CB  1 
ATOM   713  C CG  . TYR A 1 92  ? -10.854 1.434   1.841   1 17.437  ? 986  TYR A CG  1 
ATOM   714  C CD1 . TYR A 1 92  ? -10.233 0.210   1.530   1 16.354  ? 986  TYR A CD1 1 
ATOM   715  C CD2 . TYR A 1 92  ? -12.094 1.697   1.259   1 17.59   ? 986  TYR A CD2 1 
ATOM   716  C CE1 . TYR A 1 92  ? -10.787 -0.753  0.708   1 18.966  ? 986  TYR A CE1 1 
ATOM   717  C CE2 . TYR A 1 92  ? -12.663 0.728   0.434   1 19.008  ? 986  TYR A CE2 1 
ATOM   718  C CZ  . TYR A 1 92  ? -12.024 -0.479  0.163   1 20.424  ? 986  TYR A CZ  1 
ATOM   719  O OH  . TYR A 1 92  ? -12.466 -1.491  -0.617  1 23.281  ? 986  TYR A OH  1 
ATOM   720  N N   . GLN A 1 93  ? -8.510  5.613   2.109   1 16.599  ? 987  GLN A N   1 
ATOM   721  C CA  . GLN A 1 93  ? -7.910  6.698   2.852   1 17.888  ? 987  GLN A CA  1 
ATOM   722  C C   . GLN A 1 93  ? -8.921  7.154   3.896   1 22.205  ? 987  GLN A C   1 
ATOM   723  O O   . GLN A 1 93  ? -10.027 7.568   3.559   1 19.186  ? 987  GLN A O   1 
ATOM   724  C CB  . GLN A 1 93  ? -7.514  7.841   1.905   1 21.951  ? 987  GLN A CB  1 
ATOM   725  C CG  . GLN A 1 93  ? -6.880  9.051   2.595   1 22.336  ? 987  GLN A CG  1 
ATOM   726  C CD  . GLN A 1 93  ? -6.651  10.182  1.604   1 28.257  ? 987  GLN A CD  1 
ATOM   727  O OE1 . GLN A 1 93  ? -6.625  9.990   0.384   1 35.656  ? 987  GLN A OE1 1 
ATOM   728  N NE2 . GLN A 1 93  ? -6.490  11.382  2.112   1 35.769  ? 987  GLN A NE2 1 
ATOM   729  N N   . VAL A 1 94  ? -8.574  6.954   5.166   1 19.774  ? 988  VAL A N   1 
ATOM   730  C CA  . VAL A 1 94  ? -9.505  7.327   6.229   1 20.571  ? 988  VAL A CA  1 
ATOM   731  C C   . VAL A 1 94  ? -8.922  8.467   7.033   1 22.3    ? 988  VAL A C   1 
ATOM   732  O O   . VAL A 1 94  ? -7.693  8.677   7.143   1 21.419  ? 988  VAL A O   1 
ATOM   733  C CB  . VAL A 1 94  ? -9.738  6.089   7.127   1 20.292  ? 988  VAL A CB  1 
ATOM   734  C CG1 . VAL A 1 94  ? -10.434 4.966   6.363   1 20.179  ? 988  VAL A CG1 1 
ATOM   735  C CG2 . VAL A 1 94  ? -8.420  5.567   7.711   1 20.492  ? 988  VAL A CG2 1 
ATOM   736  N N   . GLU A 1 95  ? -9.845  9.238   7.577   1 18.836  ? 989  GLU A N   1 
ATOM   737  C CA  . GLU A 1 95  ? -9.487  10.366  8.426   1 20.829  ? 989  GLU A CA  1 
ATOM   738  C C   . GLU A 1 95  ? -10.200 10.275  9.779   1 21.484  ? 989  GLU A C   1 
ATOM   739  O O   . GLU A 1 95  ? -11.435 10.096  9.861   1 19.415  ? 989  GLU A O   1 
ATOM   740  C CB  . GLU A 1 95  ? -9.866  11.626  7.653   1 23.418  ? 989  GLU A CB  1 
ATOM   741  C CG  . GLU A 1 95  ? -9.661  12.859  8.525   1 27.222  ? 989  GLU A CG  1 
ATOM   742  C CD  . GLU A 1 95  ? -9.842  14.126  7.707   1 33.662  ? 989  GLU A CD  1 
ATOM   743  O OE1 . GLU A 1 95  ? -10.446 15.025  8.243   1 36.835  ? 989  GLU A OE1 1 
ATOM   744  O OE2 . GLU A 1 95  ? -9.377  14.207  6.562   1 40.03   ? 989  GLU A OE2 1 
ATOM   745  N N   . PHE A 1 96  ? -9.427  10.510  10.860  1 20.231  ? 990  PHE A N   1 
ATOM   746  C CA  . PHE A 1 96  ? -9.922  10.471  12.235  1 22.103  ? 990  PHE A CA  1 
ATOM   747  C C   . PHE A 1 96  ? -10.255 11.890  12.721  1 24.049  ? 990  PHE A C   1 
ATOM   748  O O   . PHE A 1 96  ? -9.956  12.874  12.033  1 25.322  ? 990  PHE A O   1 
ATOM   749  C CB  . PHE A 1 96  ? -8.821  9.851   13.119  1 20.306  ? 990  PHE A CB  1 
ATOM   750  C CG  . PHE A 1 96  ? -8.498  8.430   12.702  1 20.081  ? 990  PHE A CG  1 
ATOM   751  C CD1 . PHE A 1 96  ? -7.529  8.120   11.744  1 19.166  ? 990  PHE A CD1 1 
ATOM   752  C CD2 . PHE A 1 96  ? -9.243  7.382   13.276  1 20.27   ? 990  PHE A CD2 1 
ATOM   753  C CE1 . PHE A 1 96  ? -7.312  6.798   11.365  1 21.758  ? 990  PHE A CE1 1 
ATOM   754  C CE2 . PHE A 1 96  ? -9.016  6.067   12.905  1 17.241  ? 990  PHE A CE2 1 
ATOM   755  C CZ  . PHE A 1 96  ? -8.057  5.759   11.948  1 20.079  ? 990  PHE A CZ  1 
ATOM   756  N N   . GLU A 1 97  ? -10.891 11.966  13.887  1 23.852  ? 991  GLU A N   1 
ATOM   757  C CA  . GLU A 1 97  ? -11.422 13.211  14.407  1 27.253  ? 991  GLU A CA  1 
ATOM   758  C C   . GLU A 1 97  ? -10.265 14.184  14.642  1 31.663  ? 991  GLU A C   1 
ATOM   759  O O   . GLU A 1 97  ? -10.447 15.394  14.588  1 35.192  ? 991  GLU A O   1 
ATOM   760  C CB  . GLU A 1 97  ? -12.211 12.852  15.656  1 30.02   ? 991  GLU A CB  1 
ATOM   761  C CG  . GLU A 1 97  ? -13.004 14.013  16.246  1 50.712  ? 991  GLU A CG  1 
ATOM   762  C CD  . GLU A 1 97  ? -13.174 13.768  17.741  1 66.569  ? 991  GLU A CD  1 
ATOM   763  O OE1 . GLU A 1 97  ? -14.310 13.775  18.275  1 69.732  ? 991  GLU A OE1 1 
ATOM   764  O OE2 . GLU A 1 97  ? -12.122 13.548  18.385  1 68.688  ? 991  GLU A OE2 1 
ATOM   765  N N   . ASP A 1 98  ? -9.069  13.656  14.893  1 29.422  ? 992  ASP A N   1 
ATOM   766  C CA  . ASP A 1 98  ? -7.957  14.545  15.191  1 35.785  ? 992  ASP A CA  1 
ATOM   767  C C   . ASP A 1 98  ? -7.359  15.110  13.907  1 32.943  ? 992  ASP A C   1 
ATOM   768  O O   . ASP A 1 98  ? -6.327  15.765  13.950  1 38.15   ? 992  ASP A O   1 
ATOM   769  C CB  . ASP A 1 98  ? -6.891  13.855  16.028  1 34.468  ? 992  ASP A CB  1 
ATOM   770  C CG  . ASP A 1 98  ? -6.208  12.661  15.400  1 32.331  ? 992  ASP A CG  1 
ATOM   771  O OD1 . ASP A 1 98  ? -6.547  12.253  14.265  1 26.391  ? 992  ASP A OD1 1 
ATOM   772  O OD2 . ASP A 1 98  ? -5.315  12.128  16.038  1 32.517  ? 992  ASP A OD2 1 
ATOM   773  N N   . GLY A 1 99  ? -7.887  14.711  12.741  1 29.344  ? 993  GLY A N   1 
ATOM   774  C CA  . GLY A 1 99  ? -7.275  15.171  11.509  1 29.968  ? 993  GLY A CA  1 
ATOM   775  C C   . GLY A 1 99  ? -6.240  14.220  10.917  1 30.205  ? 993  GLY A C   1 
ATOM   776  O O   . GLY A 1 99  ? -5.870  14.400  9.752   1 32.856  ? 993  GLY A O   1 
ATOM   777  N N   . SER A 1 100 ? -5.753  13.200  11.659  1 29.026  ? 994  SER A N   1 
ATOM   778  C CA  . SER A 1 100 ? -4.797  12.263  11.081  1 25.378  ? 994  SER A CA  1 
ATOM   779  C C   . SER A 1 100 ? -5.454  11.380  10.020  1 27.319  ? 994  SER A C   1 
ATOM   780  O O   . SER A 1 100 ? -6.661  11.132  10.093  1 26.725  ? 994  SER A O   1 
ATOM   781  C CB  . SER A 1 100 ? -4.147  11.388  12.138  1 27.823  ? 994  SER A CB  1 
ATOM   782  O OG  . SER A 1 100 ? -5.102  10.579  12.838  1 29.475  ? 994  SER A OG  1 
ATOM   783  N N   . GLN A 1 101 ? -4.644  10.862  9.087   1 25.345  ? 995  GLN A N   1 
ATOM   784  C CA  . GLN A 1 101 ? -5.080  10.031  7.964   1 23.244  ? 995  GLN A CA  1 
ATOM   785  C C   . GLN A 1 101 ? -4.193  8.806   7.846   1 24.885  ? 995  GLN A C   1 
ATOM   786  O O   . GLN A 1 101 ? -2.986  8.849   8.164   1 24.032  ? 995  GLN A O   1 
ATOM   787  C CB  . GLN A 1 101 ? -5.159  10.802  6.636   1 22.07   ? 995  GLN A CB  1 
ATOM   788  C CG  . GLN A 1 101 ? -6.040  12.034  6.757   1 26.563  ? 995  GLN A CG  1 
ATOM   789  C CD  . GLN A 1 101 ? -6.182  12.649  5.383   1 35.87   ? 995  GLN A CD  1 
ATOM   790  O OE1 . GLN A 1 101 ? -5.432  12.298  4.475   1 43.606  ? 995  GLN A OE1 1 
ATOM   791  N NE2 . GLN A 1 101 ? -7.123  13.558  5.221   1 34.798  ? 995  GLN A NE2 1 
ATOM   792  N N   . LEU A 1 102 ? -4.801  7.723   7.355   1 22.037  ? 996  LEU A N   1 
ATOM   793  C CA  . LEU A 1 102 ? -4.083  6.533   6.991   1 21.607  ? 996  LEU A CA  1 
ATOM   794  C C   . LEU A 1 102 ? -4.667  6.066   5.680   1 24.867  ? 996  LEU A C   1 
ATOM   795  O O   . LEU A 1 102 ? -5.804  6.387   5.418   1 24.335  ? 996  LEU A O   1 
ATOM   796  C CB  . LEU A 1 102 ? -4.238  5.438   8.044   1 21.888  ? 996  LEU A CB  1 
ATOM   797  C CG  . LEU A 1 102 ? -3.580  5.691   9.415   1 26.282  ? 996  LEU A CG  1 
ATOM   798  C CD1 . LEU A 1 102 ? -4.064  4.557   10.387  1 23.664  ? 996  LEU A CD1 1 
ATOM   799  C CD2 . LEU A 1 102 ? -2.046  5.641   9.301   1 26.055  ? 996  LEU A CD2 1 
ATOM   800  N N   . VAL A 1 103 ? -3.885  5.289   4.920   1 21.662  ? 997  VAL A N   1 
ATOM   801  C CA  . VAL A 1 103 ? -4.342  4.533   3.769   1 21.091  ? 997  VAL A CA  1 
ATOM   802  C C   . VAL A 1 103 ? -4.281  3.053   4.108   1 27.766  ? 997  VAL A C   1 
ATOM   803  O O   . VAL A 1 103 ? -3.210  2.477   4.349   1 26.022  ? 997  VAL A O   1 
ATOM   804  C CB  . VAL A 1 103 ? -3.508  4.900   2.511   1 21.39   ? 997  VAL A CB  1 
ATOM   805  C CG1 . VAL A 1 103 ? -3.943  4.077   1.318   1 22.685  ? 997  VAL A CG1 1 
ATOM   806  C CG2 . VAL A 1 103 ? -3.664  6.410   2.260   1 20.533  ? 997  VAL A CG2 1 
ATOM   807  N N   . VAL A 1 104 ? -5.448  2.391   4.090   1 24.329  ? 998  VAL A N   1 
ATOM   808  C CA  . VAL A 1 104 ? -5.511  1.056   4.663   1 26.357  ? 998  VAL A CA  1 
ATOM   809  C C   . VAL A 1 104 ? -6.207  0.082   3.728   1 24.062  ? 998  VAL A C   1 
ATOM   810  O O   . VAL A 1 104 ? -6.878  0.466   2.784   1 22.509  ? 998  VAL A O   1 
ATOM   811  C CB  . VAL A 1 104 ? -6.176  1.099   6.054   1 26.939  ? 998  VAL A CB  1 
ATOM   812  C CG1 . VAL A 1 104 ? -5.454  2.099   6.974   1 25.088  ? 998  VAL A CG1 1 
ATOM   813  C CG2 . VAL A 1 104 ? -7.666  1.453   5.944   1 20.47   ? 998  VAL A CG2 1 
ATOM   814  N N   . LYS A 1 105 ? -6.077  -1.206  4.013   1 21.496  ? 999  LYS A N   1 
ATOM   815  C CA  . LYS A 1 105 ? -6.675  -2.230  3.196   1 20.446  ? 999  LYS A CA  1 
ATOM   816  C C   . LYS A 1 105 ? -8.105  -2.524  3.645   1 19.659  ? 999  LYS A C   1 
ATOM   817  O O   . LYS A 1 105 ? -8.505  -2.177  4.763   1 20.86   ? 999  LYS A O   1 
ATOM   818  C CB  . LYS A 1 105 ? -5.876  -3.529  3.389   1 27.994  ? 999  LYS A CB  1 
ATOM   819  C CG  . LYS A 1 105 ? -4.509  -3.397  2.701   1 32.256  ? 999  LYS A CG  1 
ATOM   820  C CD  . LYS A 1 105 ? -3.906  -4.782  2.531   1 41.218  ? 999  LYS A CD  1 
ATOM   821  C CE  . LYS A 1 105 ? -2.602  -4.688  1.806   1 49.348  ? 999  LYS A CE  1 
ATOM   822  N NZ  . LYS A 1 105 ? -1.948  -5.993  1.886   1 58.765  ? 999  LYS A NZ  1 
ATOM   823  N N   . ARG A 1 106 ? -8.871  -3.168  2.779   1 20.668  ? 1000 ARG A N   1 
ATOM   824  C CA  . ARG A 1 106 ? -10.279 -3.425  3.100   1 21.188  ? 1000 ARG A CA  1 
ATOM   825  C C   . ARG A 1 106 ? -10.431 -4.176  4.429   1 22.759  ? 1000 ARG A C   1 
ATOM   826  O O   . ARG A 1 106 ? -11.327 -3.850  5.240   1 21.693  ? 1000 ARG A O   1 
ATOM   827  C CB  . ARG A 1 106 ? -10.928 -4.280  2.008   1 20.432  ? 1000 ARG A CB  1 
ATOM   828  C CG  . ARG A 1 106 ? -12.381 -4.705  2.191   1 20.772  ? 1000 ARG A CG  1 
ATOM   829  C CD  . ARG A 1 106 ? -13.274 -3.517  2.482   1 20.488  ? 1000 ARG A CD  1 
ATOM   830  N NE  . ARG A 1 106 ? -14.651 -3.966  2.749   1 22.664  ? 1000 ARG A NE  1 
ATOM   831  C CZ  . ARG A 1 106 ? -15.066 -4.177  4.007   1 22.163  ? 1000 ARG A CZ  1 
ATOM   832  N NH1 . ARG A 1 106 ? -14.217 -4.030  5.029   1 21.459  ? 1000 ARG A NH1 1 
ATOM   833  N NH2 . ARG A 1 106 ? -16.327 -4.512  4.213   1 24.518  ? 1000 ARG A NH2 1 
ATOM   834  N N   . ASP A 1 107 ? -9.553  -5.175  4.671   1 20.913  ? 1001 ASP A N   1 
ATOM   835  C CA  . ASP A 1 107 ? -9.718  -5.970  5.891   1 28.174  ? 1001 ASP A CA  1 
ATOM   836  C C   . ASP A 1 107 ? -9.441  -5.182  7.176   1 22.158  ? 1001 ASP A C   1 
ATOM   837  O O   . ASP A 1 107 ? -9.690  -5.690  8.277   1 28.526  ? 1001 ASP A O   1 
ATOM   838  C CB  . ASP A 1 107 ? -8.836  -7.216  5.885   1 30.615  ? 1001 ASP A CB  1 
ATOM   839  C CG  . ASP A 1 107 ? -9.353  -8.363  5.032   1 48.603  ? 1001 ASP A CG  1 
ATOM   840  O OD1 . ASP A 1 107 ? -10.566 -8.360  4.711   1 51.418  ? 1001 ASP A OD1 1 
ATOM   841  O OD2 . ASP A 1 107 ? -8.520  -9.220  4.644   1 57.169  ? 1001 ASP A OD2 1 
ATOM   842  N N   . ASP A 1 108 ? -8.913  -3.986  7.090   1 19.806  ? 1002 ASP A N   1 
ATOM   843  C CA  . ASP A 1 108 ? -8.605  -3.185  8.258   1 20.16   ? 1002 ASP A CA  1 
ATOM   844  C C   . ASP A 1 108 ? -9.764  -2.218  8.554   1 20.4    ? 1002 ASP A C   1 
ATOM   845  O O   . ASP A 1 108 ? -9.641  -1.379  9.455   1 18.823  ? 1002 ASP A O   1 
ATOM   846  C CB  . ASP A 1 108 ? -7.449  -2.233  7.972   1 25.613  ? 1002 ASP A CB  1 
ATOM   847  C CG  . ASP A 1 108 ? -6.090  -2.851  7.671   1 38.488  ? 1002 ASP A CG  1 
ATOM   848  O OD1 . ASP A 1 108 ? -5.770  -3.850  8.316   1 35.31   ? 1002 ASP A OD1 1 
ATOM   849  O OD2 . ASP A 1 108 ? -5.373  -2.305  6.791   1 47.829  ? 1002 ASP A OD2 1 
ATOM   850  N N   . VAL A 1 109 ? -10.830 -2.265  7.744   1 17.937  ? 1003 VAL A N   1 
ATOM   851  C CA  . VAL A 1 109 ? -11.940 -1.328  7.939   1 17.321  ? 1003 VAL A CA  1 
ATOM   852  C C   . VAL A 1 109 ? -13.139 -2.160  8.388   1 15.892  ? 1003 VAL A C   1 
ATOM   853  O O   . VAL A 1 109 ? -13.371 -3.247  7.830   1 19.023  ? 1003 VAL A O   1 
ATOM   854  C CB  . VAL A 1 109 ? -12.251 -0.670  6.568   1 21.14   ? 1003 VAL A CB  1 
ATOM   855  C CG1 . VAL A 1 109 ? -13.547 0.134   6.656   1 25.346  ? 1003 VAL A CG1 1 
ATOM   856  C CG2 . VAL A 1 109 ? -11.120 0.259   6.121   1 22.227  ? 1003 VAL A CG2 1 
ATOM   857  N N   . TYR A 1 110 ? -13.905 -1.634  9.377   1 14.727  ? 1004 TYR A N   1 
ATOM   858  C CA  . TYR A 1 110 ? -15.088 -2.336  9.847   1 14.91   ? 1004 TYR A CA  1 
ATOM   859  C C   . TYR A 1 110 ? -16.290 -1.396  9.769   1 14.544  ? 1004 TYR A C   1 
ATOM   860  O O   . TYR A 1 110 ? -16.138 -0.196  9.951   1 15.91   ? 1004 TYR A O   1 
ATOM   861  C CB  . TYR A 1 110 ? -14.895 -2.676  11.337  1 16.061  ? 1004 TYR A CB  1 
ATOM   862  C CG  . TYR A 1 110 ? -13.815 -3.717  11.581  1 19.834  ? 1004 TYR A CG  1 
ATOM   863  C CD1 . TYR A 1 110 ? -12.476 -3.375  11.530  1 20.731  ? 1004 TYR A CD1 1 
ATOM   864  C CD2 . TYR A 1 110 ? -14.168 -5.019  11.905  1 21.804  ? 1004 TYR A CD2 1 
ATOM   865  C CE1 . TYR A 1 110 ? -11.493 -4.346  11.731  1 24.899  ? 1004 TYR A CE1 1 
ATOM   866  C CE2 . TYR A 1 110 ? -13.202 -5.979  12.176  1 27.444  ? 1004 TYR A CE2 1 
ATOM   867  C CZ  . TYR A 1 110 ? -11.867 -5.633  12.053  1 28.42   ? 1004 TYR A CZ  1 
ATOM   868  O OH  . TYR A 1 110 ? -10.904 -6.561  12.337  1 35.207  ? 1004 TYR A OH  1 
ATOM   869  N N   . THR A 1 111 ? -17.473 -1.963  9.512   1 14.661  ? 1005 THR A N   1 
ATOM   870  C CA  . THR A 1 111 ? -18.654 -1.127  9.503   1 17.034  ? 1005 THR A CA  1 
ATOM   871  C C   . THR A 1 111 ? -19.160 -0.932  10.934  1 18.198  ? 1005 THR A C   1 
ATOM   872  O O   . THR A 1 111 ? -18.739 -1.697  11.810  1 17.677  ? 1005 THR A O   1 
ATOM   873  C CB  . THR A 1 111 ? -19.727 -1.744  8.604   1 17.961  ? 1005 THR A CB  1 
ATOM   874  O OG1 . THR A 1 111 ? -20.006 -3.081  9.003   1 18.826  ? 1005 THR A OG1 1 
ATOM   875  C CG2 . THR A 1 111 ? -19.297 -1.725  7.128   1 18.175  ? 1005 THR A CG2 1 
ATOM   876  N N   . LEU A 1 112 ? -20.042 0.088   11.156  1 18.382  ? 1006 LEU A N   1 
ATOM   877  C CA  . LEU A 1 112 ? -20.499 0.380   12.527  1 19.755  ? 1006 LEU A CA  1 
ATOM   878  C C   . LEU A 1 112 ? -21.220 -0.791  13.180  1 18.401  ? 1006 LEU A C   1 
ATOM   879  O O   . LEU A 1 112 ? -21.245 -0.903  14.409  1 21.237  ? 1006 LEU A O   1 
ATOM   880  C CB  . LEU A 1 112 ? -21.401 1.603   12.653  1 23.632  ? 1006 LEU A CB  1 
ATOM   881  C CG  . LEU A 1 112 ? -20.632 2.831   13.112  1 33.925  ? 1006 LEU A CG  1 
ATOM   882  C CD1 . LEU A 1 112 ? -19.669 3.082   11.916  1 34.986  ? 1006 LEU A CD1 1 
ATOM   883  C CD2 . LEU A 1 112 ? -21.555 4.037   13.334  1 36.436  ? 1006 LEU A CD2 1 
ATOM   884  N N   . ASP A 1 113 ? -21.882 -1.650  12.387  1 16.815  ? 1007 ASP A N   1 
ATOM   885  C CA  . ASP A 1 113 ? -22.666 -2.728  12.938  1 17.847  ? 1007 ASP A CA  1 
ATOM   886  C C   . ASP A 1 113 ? -21.872 -3.980  13.277  1 19.876  ? 1007 ASP A C   1 
ATOM   887  O O   . ASP A 1 113 ? -22.427 -4.932  13.823  1 21.574  ? 1007 ASP A O   1 
ATOM   888  C CB  . ASP A 1 113 ? -23.772 -3.119  11.952  1 19.377  ? 1007 ASP A CB  1 
ATOM   889  C CG  . ASP A 1 113 ? -23.240 -3.682  10.638  1 20.387  ? 1007 ASP A CG  1 
ATOM   890  O OD1 . ASP A 1 113 ? -22.377 -3.020  10.011  1 22.071  ? 1007 ASP A OD1 1 
ATOM   891  O OD2 . ASP A 1 113 ? -23.703 -4.756  10.234  1 23.309  ? 1007 ASP A OD2 1 
ATOM   892  N N   . GLU A 1 114 ? -20.571 -4.025  12.939  1 15.404  ? 1008 GLU A N   1 
ATOM   893  C CA  . GLU A 1 114 ? -19.926 -5.311  13.053  1 18.678  ? 1008 GLU A CA  1 
ATOM   894  C C   . GLU A 1 114 ? -19.109 -5.394  14.337  1 19.624  ? 1008 GLU A C   1 
ATOM   895  O O   . GLU A 1 114 ? -18.606 -4.380  14.850  1 19.956  ? 1008 GLU A O   1 
ATOM   896  C CB  . GLU A 1 114 ? -19.239 -5.559  11.708  1 26.021  ? 1008 GLU A CB  1 
ATOM   897  C CG  . GLU A 1 114 ? -17.754 -5.318  11.722  1 28.909  ? 1008 GLU A CG  1 
ATOM   898  C CD  . GLU A 1 114 ? -17.222 -5.751  10.337  1 29.13   ? 1008 GLU A CD  1 
ATOM   899  O OE1 . GLU A 1 114 ? -17.055 -4.871  9.474   1 19.069  ? 1008 GLU A OE1 1 
ATOM   900  O OE2 . GLU A 1 114 ? -16.821 -6.915  10.155  1 26.189  ? 1008 GLU A OE2 1 
ATOM   901  N N   . GLU A 1 115 ? -19.026 -6.615  14.854  1 20.095  ? 1009 GLU A N   1 
ATOM   902  C CA  . GLU A 1 115 ? -18.191 -6.877  16.032  1 20.186  ? 1009 GLU A CA  1 
ATOM   903  C C   . GLU A 1 115 ? -16.718 -6.623  15.704  1 20.512  ? 1009 GLU A C   1 
ATOM   904  O O   . GLU A 1 115 ? -16.262 -6.944  14.582  1 21.2    ? 1009 GLU A O   1 
ATOM   905  C CB  . GLU A 1 115 ? -18.397 -8.345  16.406  1 21.128  ? 1009 GLU A CB  1 
ATOM   906  C CG  . GLU A 1 115 ? -17.758 -8.676  17.756  1 27.602  ? 1009 GLU A CG  1 
ATOM   907  C CD  . GLU A 1 115 ? -18.116 -10.126 18.066  1 43.206  ? 1009 GLU A CD  1 
ATOM   908  O OE1 . GLU A 1 115 ? -17.201 -10.891 18.423  1 55.389  ? 1009 GLU A OE1 1 
ATOM   909  O OE2 . GLU A 1 115 ? -19.297 -10.510 17.892  1 53.991  ? 1009 GLU A OE2 1 
ATOM   910  N N   . LEU A 1 116 ? -15.948 -6.079  16.669  1 19.196  ? 1010 LEU A N   1 
ATOM   911  C CA  . LEU A 1 116 ? -14.512 -5.928  16.447  1 21.169  ? 1010 LEU A CA  1 
ATOM   912  C C   . LEU A 1 116 ? -13.820 -7.000  17.287  1 25.372  ? 1010 LEU A C   1 
ATOM   913  O O   . LEU A 1 116 ? -14.303 -7.251  18.382  1 23.568  ? 1010 LEU A O   1 
ATOM   914  C CB  . LEU A 1 116 ? -13.997 -4.587  16.947  1 21.136  ? 1010 LEU A CB  1 
ATOM   915  C CG  . LEU A 1 116 ? -14.688 -3.345  16.377  1 23.221  ? 1010 LEU A CG  1 
ATOM   916  C CD1 . LEU A 1 116 ? -14.149 -2.088  17.054  1 26.505  ? 1010 LEU A CD1 1 
ATOM   917  C CD2 . LEU A 1 116 ? -14.538 -3.311  14.932  1 24.434  ? 1010 LEU A CD2 1 
ATOM   918  N N   . PRO A 1 117 ? -12.632 -7.544  16.908  1 25.827  ? 1011 PRO A N   1 
ATOM   919  C CA  . PRO A 1 117 ? -11.991 -8.567  17.741  1 36.724  ? 1011 PRO A CA  1 
ATOM   920  C C   . PRO A 1 117 ? -11.911 -8.161  19.196  1 55.346  ? 1011 PRO A C   1 
ATOM   921  O O   . PRO A 1 117 ? -12.943 -8.457  19.846  1 91.476  ? 1011 PRO A O   1 
ATOM   922  C CB  . PRO A 1 117 ? -10.615 -8.832  17.159  1 30.528  ? 1011 PRO A CB  1 
ATOM   923  C CG  . PRO A 1 117 ? -10.551 -7.990  15.906  1 29.551  ? 1011 PRO A CG  1 
ATOM   924  C CD  . PRO A 1 117 ? -11.897 -7.286  15.670  1 35.702  ? 1011 PRO A CD  1 
HETATM 925  S S   . SO4 B 2 .   ? -6.911  6.321   24.079  1 90.04   ? 1101 SO4 A S   1 
HETATM 926  O O1  . SO4 B 2 .   ? -7.841  7.070   23.282  1 73.319  ? 1101 SO4 A O1  1 
HETATM 927  O O2  . SO4 B 2 .   ? -6.926  4.941   23.644  1 84.485  ? 1101 SO4 A O2  1 
HETATM 928  O O3  . SO4 B 2 .   ? -5.581  6.853   23.896  1 87.594  ? 1101 SO4 A O3  1 
HETATM 929  O O4  . SO4 B 2 .   ? -7.305  6.439   25.461  1 74.871  ? 1101 SO4 A O4  1 
HETATM 930  S S   . SO4 C 2 .   ? -2.153  1.500   12.613  1 115.653 ? 1102 SO4 A S   1 
HETATM 931  O O1  . SO4 C 2 .   ? -3.234  2.401   12.348  1 131.253 ? 1102 SO4 A O1  1 
HETATM 932  O O2  . SO4 C 2 .   ? -0.958  2.003   11.975  1 100.043 ? 1102 SO4 A O2  1 
HETATM 933  O O3  . SO4 C 2 .   ? -1.962  1.399   14.044  1 96.67   ? 1102 SO4 A O3  1 
HETATM 934  O O4  . SO4 C 2 .   ? -2.482  0.205   12.073  1 112.404 ? 1102 SO4 A O4  1 
HETATM 935  S S   . SO4 D 2 .   ? -7.440  14.394  -0.292  1 101.899 ? 1103 SO4 A S   1 
HETATM 936  O O1  . SO4 D 2 .   ? -6.056  14.181  0.047   1 106.871 ? 1103 SO4 A O1  1 
HETATM 937  O O2  . SO4 D 2 .   ? -8.146  14.898  0.864   1 100.683 ? 1103 SO4 A O2  1 
HETATM 938  O O3  . SO4 D 2 .   ? -7.519  15.355  -1.356  1 95.51   ? 1103 SO4 A O3  1 
HETATM 939  O O4  . SO4 D 2 .   ? -8.031  13.148  -0.726  1 91.606  ? 1103 SO4 A O4  1 
HETATM 940  C C1  . GOL E 3 .   ? 9.769   -0.200  0.892   1 66.448  ? 1104 GOL A C1  1 
HETATM 941  O O1  . GOL E 3 .   ? 9.211   0.812   0.042   1 54.041  ? 1104 GOL A O1  1 
HETATM 942  C C2  . GOL E 3 .   ? 8.729   -0.961  1.698   1 64.676  ? 1104 GOL A C2  1 
HETATM 943  O O2  . GOL E 3 .   ? 7.430   -0.661  1.202   1 60.604  ? 1104 GOL A O2  1 
HETATM 944  C C3  . GOL E 3 .   ? 8.936   -2.462  1.705   1 52.376  ? 1104 GOL A C3  1 
HETATM 945  O O3  . GOL E 3 .   ? 8.838   -3.044  3.007   1 52.112  ? 1104 GOL A O3  1 
HETATM 946  O O   . HOH F 4 .   ? -9.951  13.797  18.447  1 61.178  ? 1201 HOH A O   1 
HETATM 947  O O   . HOH F 4 .   ? -0.840  0.700   -11.468 1 48.238  ? 1202 HOH A O   1 
HETATM 948  O O   . HOH F 4 .   ? -15.233 11.942  3.220   1 37.016  ? 1203 HOH A O   1 
HETATM 949  O O   . HOH F 4 .   ? 11.589  12.738  -18.818 1 33.549  ? 1204 HOH A O   1 
HETATM 950  O O   . HOH F 4 .   ? 11.611  -1.860  -19.455 1 39.771  ? 1205 HOH A O   1 
HETATM 951  O O   . HOH F 4 .   ? -16.758 1.275   -2.858  1 45.782  ? 1206 HOH A O   1 
HETATM 952  O O   . HOH F 4 .   ? 3.512   1.415   -12.331 1 28.384  ? 1207 HOH A O   1 
HETATM 953  O O   . HOH F 4 .   ? 9.976   2.083   -16.540 1 34.222  ? 1208 HOH A O   1 
HETATM 954  O O   . HOH F 4 .   ? 14.783  6.048   -11.178 1 40.356  ? 1209 HOH A O   1 
HETATM 955  O O   . HOH F 4 .   ? 13.127  -15.476 -4.772  1 23.583  ? 1210 HOH A O   1 
HETATM 956  O O   . HOH F 4 .   ? 15.602  -11.716 -16.222 1 43.4    ? 1211 HOH A O   1 
HETATM 957  O O   . HOH F 4 .   ? 21.439  -2.720  6.237   1 51.799  ? 1212 HOH A O   1 
HETATM 958  O O   . HOH F 4 .   ? -20.923 -0.894  3.812   1 22.733  ? 1213 HOH A O   1 
HETATM 959  O O   . HOH F 4 .   ? 23.356  -7.479  -6.105  1 48.225  ? 1214 HOH A O   1 
HETATM 960  O O   . HOH F 4 .   ? 9.933   7.075   -10.418 1 31.549  ? 1215 HOH A O   1 
HETATM 961  O O   . HOH F 4 .   ? 19.677  -7.819  -10.481 1 32.584  ? 1216 HOH A O   1 
HETATM 962  O O   . HOH F 4 .   ? -22.443 -5.772  8.178   1 34.586  ? 1217 HOH A O   1 
HETATM 963  O O   . HOH F 4 .   ? -20.744 6.323   0.896   1 27.547  ? 1218 HOH A O   1 
HETATM 964  O O   . HOH F 4 .   ? -5.301  -2.296  19.655  1 26.896  ? 1219 HOH A O   1 
HETATM 965  O O   . HOH F 4 .   ? -14.721 -7.662  8.762   1 47.139  ? 1220 HOH A O   1 
HETATM 966  O O   . HOH F 4 .   ? 6.271   0.161   -18.464 1 39.824  ? 1221 HOH A O   1 
HETATM 967  O O   . HOH F 4 .   ? -24.563 -6.777  11.750  1 30.489  ? 1222 HOH A O   1 
HETATM 968  O O   . HOH F 4 .   ? -21.648 7.783   13.159  1 22.141  ? 1223 HOH A O   1 
HETATM 969  O O   . HOH F 4 .   ? 16.225  -1.417  -14.685 1 23.511  ? 1224 HOH A O   1 
HETATM 970  O O   . HOH F 4 .   ? -6.846  15.822  7.695   1 49.972  ? 1225 HOH A O   1 
HETATM 971  O O   . HOH F 4 .   ? 4.423   -9.629  -14.616 1 46.887  ? 1226 HOH A O   1 
HETATM 972  O O   . HOH F 4 .   ? -11.641 9.479   15.265  1 22.918  ? 1227 HOH A O   1 
HETATM 973  O O   . HOH F 4 .   ? 0.293   2.494   0.898   1 54.581  ? 1228 HOH A O   1 
HETATM 974  O O   . HOH F 4 .   ? 1.702   -0.759  -12.942 1 39.653  ? 1229 HOH A O   1 
HETATM 975  O O   . HOH F 4 .   ? 0.701   -10.622 -6.703  1 42.287  ? 1230 HOH A O   1 
HETATM 976  O O   . HOH F 4 .   ? 12.340  0.771   0.163   1 37.659  ? 1231 HOH A O   1 
HETATM 977  O O   . HOH F 4 .   ? -6.198  1.403   10.284  1 25.014  ? 1232 HOH A O   1 
HETATM 978  O O   . HOH F 4 .   ? -7.977  -3.642  0.158   1 26.574  ? 1233 HOH A O   1 
HETATM 979  O O   . HOH F 4 .   ? 10.989  4.556   -10.266 1 20.456  ? 1234 HOH A O   1 
HETATM 980  O O   . HOH F 4 .   ? 5.471   -5.102  -16.337 1 38.222  ? 1235 HOH A O   1 
HETATM 981  O O   . HOH F 4 .   ? -19.949 1.727   8.189   1 20.708  ? 1236 HOH A O   1 
HETATM 982  O O   . HOH F 4 .   ? -1.858  8.896   10.641  1 26.591  ? 1237 HOH A O   1 
HETATM 983  O O   . HOH F 4 .   ? -15.926 -5.461  7.034   1 29.473  ? 1238 HOH A O   1 
HETATM 984  O O   . HOH F 4 .   ? -15.177 -1.947  -0.881  1 34.515  ? 1239 HOH A O   1 
HETATM 985  O O   . HOH F 4 .   ? -2.283  7.196   -1.353  1 49.467  ? 1240 HOH A O   1 
HETATM 986  O O   . HOH F 4 .   ? -20.183 -8.757  13.520  1 32.65   ? 1241 HOH A O   1 
HETATM 987  O O   . HOH F 4 .   ? -11.156 -3.706  -1.664  1 41.121  ? 1242 HOH A O   1 
HETATM 988  O O   . HOH F 4 .   ? -19.796 -5.516  7.674   1 32.291  ? 1243 HOH A O   1 
HETATM 989  O O   . HOH F 4 .   ? -2.637  -2.251  17.262  1 35.455  ? 1244 HOH A O   1 
HETATM 990  O O   . HOH F 4 .   ? -7.820  -1.451  11.574  1 21.665  ? 1245 HOH A O   1 
HETATM 991  O O   . HOH F 4 .   ? 20.697  0.001   -13.927 1 39.935  ? 1246 HOH A O   1 
HETATM 992  O O   . HOH F 4 .   ? -13.168 -7.422  5.262   1 44.205  ? 1247 HOH A O   1 
HETATM 993  O O   . HOH F 4 .   ? -13.097 -6.038  8.200   1 39.558  ? 1248 HOH A O   1 
HETATM 994  O O   . HOH F 4 .   ? 21.146  -2.641  -14.231 1 38.259  ? 1249 HOH A O   1 
HETATM 995  O O   . HOH F 4 .   ? 13.815  5.748   -16.922 1 38.394  ? 1250 HOH A O   1 
HETATM 996  O O   . HOH F 4 .   ? 17.509  -15.196 0.373   1 28.864  ? 1251 HOH A O   1 
HETATM 997  O O   . HOH F 4 .   ? 2.894   -7.263  -13.646 1 30.454  ? 1252 HOH A O   1 
HETATM 998  O O   . HOH F 4 .   ? 23.701  1.644   -1.515  1 34.708  ? 1253 HOH A O   1 
HETATM 999  O O   . HOH F 4 .   ? -3.937  7.935   12.527  1 25.906  ? 1254 HOH A O   1 
HETATM 1000 O O   . HOH F 4 .   ? 16.558  7.233   -3.923  1 43.953  ? 1255 HOH A O   1 
HETATM 1001 O O   . HOH F 4 .   ? 1.781   3.274   -6.062  1 46.302  ? 1256 HOH A O   1 
HETATM 1002 O O   . HOH F 4 .   ? -15.425 10.024  13.904  1 41.568  ? 1257 HOH A O   1 
HETATM 1003 O O   . HOH F 4 .   ? -13.380 11.956  11.039  1 44.139  ? 1258 HOH A O   1 
HETATM 1004 O O   . HOH F 4 .   ? -2.573  13.278  15.383  1 47.603  ? 1259 HOH A O   1 
HETATM 1005 O O   . HOH F 4 .   ? -7.959  -4.774  -4.621  1 38.43   ? 1260 HOH A O   1 
HETATM 1006 O O   . HOH F 4 .   ? 21.249  -4.815  -10.325 1 35.765  ? 1261 HOH A O   1 
HETATM 1007 O O   . HOH F 4 .   ? -7.961  -6.574  2.612   1 29.75   ? 1262 HOH A O   1 
HETATM 1008 O O   . HOH F 4 .   ? 3.500   5.618   -5.788  1 51.054  ? 1263 HOH A O   1 
HETATM 1009 O O   . HOH F 4 .   ? 17.185  -7.215  -17.749 1 32.29   ? 1264 HOH A O   1 
HETATM 1010 O O   . HOH F 4 .   ? -15.186 10.654  11.738  1 39.791  ? 1265 HOH A O   1 
HETATM 1011 O O   . HOH F 4 .   ? 16.945  4.710   -16.590 1 36.193  ? 1266 HOH A O   1 
HETATM 1012 O O   . HOH F 4 .   ? -4.339  -0.119  9.754   1 53.62   ? 1267 HOH A O   1 
HETATM 1013 O O   . HOH F 4 .   ? -1.006  5.201   5.728   1 33.547  ? 1268 HOH A O   1 
HETATM 1014 O O   . HOH F 4 .   ? -15.107 -4.630  -0.224  1 31.554  ? 1269 HOH A O   1 
HETATM 1015 O O   . HOH F 4 .   ? 18.918  -3.148  -16.627 1 50.163  ? 1270 HOH A O   1 
HETATM 1016 O O   . HOH F 4 .   ? -15.831 -0.540  -2.933  1 57.504  ? 1271 HOH A O   1 
HETATM 1017 O O   . HOH F 4 .   ? -18.528 -6.629  5.457   1 41.753  ? 1272 HOH A O   1 
HETATM 1018 O O   . HOH F 4 .   ? -3.081  9.882   3.684   1 54.504  ? 1273 HOH A O   1 
HETATM 1019 O O   . HOH F 4 .   ? -1.972  11.990  4.469   1 51.136  ? 1274 HOH A O   1 
HETATM 1020 O O   . HOH F 4 .   ? -5.274  -1.719  11.015  1 57.352  ? 1275 HOH A O   1 
HETATM 1021 O O   . HOH F 4 .   ? 12.177  1.767   2.193   1 53.161  ? 1276 HOH A O   1 
HETATM 1022 O O   . HOH F 4 .   ? 0.567   -9.420  -8.863  1 49.296  ? 1277 HOH A O   1 
HETATM 1023 O O   . HOH F 4 .   ? 13.427  4.053   1.324   1 58.828  ? 1278 HOH A O   1 
HETATM 1024 O O   . HOH F 4 .   ? -22.514 -8.148  12.244  1 50.913  ? 1279 HOH A O   1 
HETATM 1025 O O   . HOH F 4 .   ? 3.622   -5.280  -14.603 1 34.282  ? 1280 HOH A O   1 
HETATM 1026 O O   . HOH F 4 .   ? -6.330  13.181  -6.063  1 49.676  ? 1281 HOH A O   1 
HETATM 1027 O O   . HOH F 4 .   ? -13.443 9.608   17.425  1 31.056  ? 1282 HOH A O   1 
HETATM 1028 O O   . HOH F 4 .   ? -5.443  11.256  -4.951  1 53.2    ? 1283 HOH A O   1 
HETATM 1029 O O   . HOH F 4 .   ? -1.081  9.175   18.512  1 48.255  ? 1284 HOH A O   1 
HETATM 1030 O O   . HOH F 4 .   ? -12.528 -5.778  -1.401  1 51.584  ? 1285 HOH A O   1 
HETATM 1031 O O   . HOH F 4 .   ? -6.717  -5.885  0.128   1 43.649  ? 1286 HOH A O   1 
HETATM 1032 O O   . HOH F 4 .   ? 0.600   7.516   10.491  1 41.063  ? 1287 HOH A O   1 
# 
